data_2QAS
# 
_entry.id   2QAS 
# 
_audit_conform.dict_name       mmcif_pdbx.dic 
_audit_conform.dict_version    5.387 
_audit_conform.dict_location   http://mmcif.pdb.org/dictionaries/ascii/mmcif_pdbx.dic 
# 
loop_
_database_2.database_id 
_database_2.database_code 
_database_2.pdbx_database_accession 
_database_2.pdbx_DOI 
PDB   2QAS         pdb_00002qas 10.2210/pdb2qas/pdb 
RCSB  RCSB043364   ?            ?                   
WWPDB D_1000043364 ?            ?                   
# 
loop_
_pdbx_audit_revision_history.ordinal 
_pdbx_audit_revision_history.data_content_type 
_pdbx_audit_revision_history.major_revision 
_pdbx_audit_revision_history.minor_revision 
_pdbx_audit_revision_history.revision_date 
1 'Structure model' 1 0 2007-09-04 
2 'Structure model' 1 1 2011-07-13 
3 'Structure model' 1 2 2017-10-18 
4 'Structure model' 1 3 2024-02-21 
# 
_pdbx_audit_revision_details.ordinal             1 
_pdbx_audit_revision_details.revision_ordinal    1 
_pdbx_audit_revision_details.data_content_type   'Structure model' 
_pdbx_audit_revision_details.provider            repository 
_pdbx_audit_revision_details.type                'Initial release' 
_pdbx_audit_revision_details.description         ? 
_pdbx_audit_revision_details.details             ? 
# 
loop_
_pdbx_audit_revision_group.ordinal 
_pdbx_audit_revision_group.revision_ordinal 
_pdbx_audit_revision_group.data_content_type 
_pdbx_audit_revision_group.group 
1 2 'Structure model' 'Version format compliance' 
2 3 'Structure model' 'Refinement description'    
3 4 'Structure model' 'Data collection'           
4 4 'Structure model' 'Database references'       
# 
loop_
_pdbx_audit_revision_category.ordinal 
_pdbx_audit_revision_category.revision_ordinal 
_pdbx_audit_revision_category.data_content_type 
_pdbx_audit_revision_category.category 
1 3 'Structure model' software       
2 4 'Structure model' chem_comp_atom 
3 4 'Structure model' chem_comp_bond 
4 4 'Structure model' database_2     
# 
loop_
_pdbx_audit_revision_item.ordinal 
_pdbx_audit_revision_item.revision_ordinal 
_pdbx_audit_revision_item.data_content_type 
_pdbx_audit_revision_item.item 
1 4 'Structure model' '_database_2.pdbx_DOI'                
2 4 'Structure model' '_database_2.pdbx_database_accession' 
# 
_pdbx_database_status.entry_id                        2QAS 
_pdbx_database_status.deposit_site                    RCSB 
_pdbx_database_status.process_site                    RCSB 
_pdbx_database_status.recvd_initial_deposition_date   2007-06-15 
_pdbx_database_status.status_code                     REL 
_pdbx_database_status.status_code_sf                  REL 
_pdbx_database_status.status_code_mr                  ? 
_pdbx_database_status.SG_entry                        ? 
_pdbx_database_status.pdb_format_compatible           Y 
_pdbx_database_status.status_code_cs                  ? 
_pdbx_database_status.methods_development_category    ? 
_pdbx_database_status.status_code_nmr_data            ? 
# 
loop_
_pdbx_database_related.db_name 
_pdbx_database_related.db_id 
_pdbx_database_related.details 
_pdbx_database_related.content_type 
PDB 2NYS 'orthologous protein from Agrobacteria' unspecified 
PDB 2QAZ .                                       unspecified 
# 
loop_
_audit_author.name 
_audit_author.pdbx_ordinal 
'Chien, P.'   1 
'Grant, R.A.' 2 
'Sauer, R.T.' 3 
'Baker, T.A.' 4 
# 
_citation.id                        primary 
_citation.title                     'Crystal structure of Caulobacter crescentus SspB ortholog' 
_citation.journal_abbrev            'To be Published' 
_citation.journal_volume            ? 
_citation.page_first                ? 
_citation.page_last                 ? 
_citation.year                      ? 
_citation.journal_id_ASTM           ? 
_citation.country                   ? 
_citation.journal_id_ISSN           ? 
_citation.journal_id_CSD            0353 
_citation.book_publisher            ? 
_citation.pdbx_database_id_PubMed   ? 
_citation.pdbx_database_id_DOI      ? 
# 
loop_
_citation_author.citation_id 
_citation_author.name 
_citation_author.ordinal 
_citation_author.identifier_ORCID 
primary 'Chien, P.'   1 ? 
primary 'Grant, R.A.' 2 ? 
primary 'Sauer, R.T.' 3 ? 
primary 'Baker, T.A.' 4 ? 
# 
loop_
_entity.id 
_entity.type 
_entity.src_method 
_entity.pdbx_description 
_entity.formula_weight 
_entity.pdbx_number_of_molecules 
_entity.pdbx_ec 
_entity.pdbx_mutation 
_entity.pdbx_fragment 
_entity.details 
1 polymer man 'Hypothetical protein'       17144.199 1  ? ? ? ? 
2 polymer syn 'C. crescentus ssrA peptide' 2107.285  1  ? ? ? ? 
3 water   nat water                        18.015    19 ? ? ? ? 
# 
_entity_name_com.entity_id   1 
_entity_name_com.name        SspB 
# 
loop_
_entity_poly.entity_id 
_entity_poly.type 
_entity_poly.nstd_linkage 
_entity_poly.nstd_monomer 
_entity_poly.pdbx_seq_one_letter_code 
_entity_poly.pdbx_seq_one_letter_code_can 
_entity_poly.pdbx_strand_id 
_entity_poly.pdbx_target_identifier 
1 'polypeptide(L)' no no 
;GSHMSQTEPPEDLMQYEAMAQDALRGVVKAALKKAAAPGGLPEPHHLYITFKTKAAGVSGPQDLLSKYPDEMTIVLQHQY
WDLAPGETFFSVTLKFGGQPKRLSVPYAALTRFYDPSVQFALQFSAPEIIEDEPEPDPEPEDKANQGASGDEGPKIV
;
;GSHMSQTEPPEDLMQYEAMAQDALRGVVKAALKKAAAPGGLPEPHHLYITFKTKAAGVSGPQDLLSKYPDEMTIVLQHQY
WDLAPGETFFSVTLKFGGQPKRLSVPYAALTRFYDPSVQFALQFSAPEIIEDEPEPDPEPEDKANQGASGDEGPKIV
;
A ? 
2 'polypeptide(L)' no no KKGRHGAANDNFAEEFAVAA KKGRHGAANDNFAEEFAVAA B ? 
# 
_pdbx_entity_nonpoly.entity_id   3 
_pdbx_entity_nonpoly.name        water 
_pdbx_entity_nonpoly.comp_id     HOH 
# 
loop_
_entity_poly_seq.entity_id 
_entity_poly_seq.num 
_entity_poly_seq.mon_id 
_entity_poly_seq.hetero 
1 1   GLY n 
1 2   SER n 
1 3   HIS n 
1 4   MET n 
1 5   SER n 
1 6   GLN n 
1 7   THR n 
1 8   GLU n 
1 9   PRO n 
1 10  PRO n 
1 11  GLU n 
1 12  ASP n 
1 13  LEU n 
1 14  MET n 
1 15  GLN n 
1 16  TYR n 
1 17  GLU n 
1 18  ALA n 
1 19  MET n 
1 20  ALA n 
1 21  GLN n 
1 22  ASP n 
1 23  ALA n 
1 24  LEU n 
1 25  ARG n 
1 26  GLY n 
1 27  VAL n 
1 28  VAL n 
1 29  LYS n 
1 30  ALA n 
1 31  ALA n 
1 32  LEU n 
1 33  LYS n 
1 34  LYS n 
1 35  ALA n 
1 36  ALA n 
1 37  ALA n 
1 38  PRO n 
1 39  GLY n 
1 40  GLY n 
1 41  LEU n 
1 42  PRO n 
1 43  GLU n 
1 44  PRO n 
1 45  HIS n 
1 46  HIS n 
1 47  LEU n 
1 48  TYR n 
1 49  ILE n 
1 50  THR n 
1 51  PHE n 
1 52  LYS n 
1 53  THR n 
1 54  LYS n 
1 55  ALA n 
1 56  ALA n 
1 57  GLY n 
1 58  VAL n 
1 59  SER n 
1 60  GLY n 
1 61  PRO n 
1 62  GLN n 
1 63  ASP n 
1 64  LEU n 
1 65  LEU n 
1 66  SER n 
1 67  LYS n 
1 68  TYR n 
1 69  PRO n 
1 70  ASP n 
1 71  GLU n 
1 72  MET n 
1 73  THR n 
1 74  ILE n 
1 75  VAL n 
1 76  LEU n 
1 77  GLN n 
1 78  HIS n 
1 79  GLN n 
1 80  TYR n 
1 81  TRP n 
1 82  ASP n 
1 83  LEU n 
1 84  ALA n 
1 85  PRO n 
1 86  GLY n 
1 87  GLU n 
1 88  THR n 
1 89  PHE n 
1 90  PHE n 
1 91  SER n 
1 92  VAL n 
1 93  THR n 
1 94  LEU n 
1 95  LYS n 
1 96  PHE n 
1 97  GLY n 
1 98  GLY n 
1 99  GLN n 
1 100 PRO n 
1 101 LYS n 
1 102 ARG n 
1 103 LEU n 
1 104 SER n 
1 105 VAL n 
1 106 PRO n 
1 107 TYR n 
1 108 ALA n 
1 109 ALA n 
1 110 LEU n 
1 111 THR n 
1 112 ARG n 
1 113 PHE n 
1 114 TYR n 
1 115 ASP n 
1 116 PRO n 
1 117 SER n 
1 118 VAL n 
1 119 GLN n 
1 120 PHE n 
1 121 ALA n 
1 122 LEU n 
1 123 GLN n 
1 124 PHE n 
1 125 SER n 
1 126 ALA n 
1 127 PRO n 
1 128 GLU n 
1 129 ILE n 
1 130 ILE n 
1 131 GLU n 
1 132 ASP n 
1 133 GLU n 
1 134 PRO n 
1 135 GLU n 
1 136 PRO n 
1 137 ASP n 
1 138 PRO n 
1 139 GLU n 
1 140 PRO n 
1 141 GLU n 
1 142 ASP n 
1 143 LYS n 
1 144 ALA n 
1 145 ASN n 
1 146 GLN n 
1 147 GLY n 
1 148 ALA n 
1 149 SER n 
1 150 GLY n 
1 151 ASP n 
1 152 GLU n 
1 153 GLY n 
1 154 PRO n 
1 155 LYS n 
1 156 ILE n 
1 157 VAL n 
2 1   LYS n 
2 2   LYS n 
2 3   GLY n 
2 4   ARG n 
2 5   HIS n 
2 6   GLY n 
2 7   ALA n 
2 8   ALA n 
2 9   ASN n 
2 10  ASP n 
2 11  ASN n 
2 12  PHE n 
2 13  ALA n 
2 14  GLU n 
2 15  GLU n 
2 16  PHE n 
2 17  ALA n 
2 18  VAL n 
2 19  ALA n 
2 20  ALA n 
# 
_entity_src_gen.entity_id                          1 
_entity_src_gen.pdbx_src_id                        1 
_entity_src_gen.pdbx_alt_source_flag               sample 
_entity_src_gen.pdbx_seq_type                      ? 
_entity_src_gen.pdbx_beg_seq_num                   ? 
_entity_src_gen.pdbx_end_seq_num                   ? 
_entity_src_gen.gene_src_common_name               ? 
_entity_src_gen.gene_src_genus                     Caulobacter 
_entity_src_gen.pdbx_gene_src_gene                 CC_2102 
_entity_src_gen.gene_src_species                   ? 
_entity_src_gen.gene_src_strain                    CB15N 
_entity_src_gen.gene_src_tissue                    ? 
_entity_src_gen.gene_src_tissue_fraction           ? 
_entity_src_gen.gene_src_details                   ? 
_entity_src_gen.pdbx_gene_src_fragment             ? 
_entity_src_gen.pdbx_gene_src_scientific_name      'Caulobacter vibrioides' 
_entity_src_gen.pdbx_gene_src_ncbi_taxonomy_id     155892 
_entity_src_gen.pdbx_gene_src_variant              ? 
_entity_src_gen.pdbx_gene_src_cell_line            ? 
_entity_src_gen.pdbx_gene_src_atcc                 ? 
_entity_src_gen.pdbx_gene_src_organ                ? 
_entity_src_gen.pdbx_gene_src_organelle            ? 
_entity_src_gen.pdbx_gene_src_cell                 ? 
_entity_src_gen.pdbx_gene_src_cellular_location    ? 
_entity_src_gen.host_org_common_name               ? 
_entity_src_gen.pdbx_host_org_scientific_name      'Escherichia coli BL21(DE3)' 
_entity_src_gen.pdbx_host_org_ncbi_taxonomy_id     469008 
_entity_src_gen.host_org_genus                     Escherichia 
_entity_src_gen.pdbx_host_org_gene                 ? 
_entity_src_gen.pdbx_host_org_organ                ? 
_entity_src_gen.host_org_species                   'Escherichia coli' 
_entity_src_gen.pdbx_host_org_tissue               ? 
_entity_src_gen.pdbx_host_org_tissue_fraction      ? 
_entity_src_gen.pdbx_host_org_strain               'BL21(DE3)' 
_entity_src_gen.pdbx_host_org_variant              ? 
_entity_src_gen.pdbx_host_org_cell_line            ? 
_entity_src_gen.pdbx_host_org_atcc                 ? 
_entity_src_gen.pdbx_host_org_culture_collection   ? 
_entity_src_gen.pdbx_host_org_cell                 ? 
_entity_src_gen.pdbx_host_org_organelle            ? 
_entity_src_gen.pdbx_host_org_cellular_location    ? 
_entity_src_gen.pdbx_host_org_vector_type          plasmid 
_entity_src_gen.pdbx_host_org_vector               ? 
_entity_src_gen.host_org_details                   ? 
_entity_src_gen.expression_system_id               ? 
_entity_src_gen.plasmid_name                       pET28 
_entity_src_gen.plasmid_details                    ? 
_entity_src_gen.pdbx_description                   ? 
# 
_pdbx_entity_src_syn.entity_id              2 
_pdbx_entity_src_syn.pdbx_src_id            1 
_pdbx_entity_src_syn.pdbx_alt_source_flag   sample 
_pdbx_entity_src_syn.pdbx_beg_seq_num       ? 
_pdbx_entity_src_syn.pdbx_end_seq_num       ? 
_pdbx_entity_src_syn.organism_scientific    ? 
_pdbx_entity_src_syn.organism_common_name   ? 
_pdbx_entity_src_syn.ncbi_taxonomy_id       ? 
_pdbx_entity_src_syn.details                'synthetic ssrA pepitde with N-terminal solubilization tag' 
# 
loop_
_chem_comp.id 
_chem_comp.type 
_chem_comp.mon_nstd_flag 
_chem_comp.name 
_chem_comp.pdbx_synonyms 
_chem_comp.formula 
_chem_comp.formula_weight 
ALA 'L-peptide linking' y ALANINE         ? 'C3 H7 N O2'     89.093  
ARG 'L-peptide linking' y ARGININE        ? 'C6 H15 N4 O2 1' 175.209 
ASN 'L-peptide linking' y ASPARAGINE      ? 'C4 H8 N2 O3'    132.118 
ASP 'L-peptide linking' y 'ASPARTIC ACID' ? 'C4 H7 N O4'     133.103 
GLN 'L-peptide linking' y GLUTAMINE       ? 'C5 H10 N2 O3'   146.144 
GLU 'L-peptide linking' y 'GLUTAMIC ACID' ? 'C5 H9 N O4'     147.129 
GLY 'peptide linking'   y GLYCINE         ? 'C2 H5 N O2'     75.067  
HIS 'L-peptide linking' y HISTIDINE       ? 'C6 H10 N3 O2 1' 156.162 
HOH non-polymer         . WATER           ? 'H2 O'           18.015  
ILE 'L-peptide linking' y ISOLEUCINE      ? 'C6 H13 N O2'    131.173 
LEU 'L-peptide linking' y LEUCINE         ? 'C6 H13 N O2'    131.173 
LYS 'L-peptide linking' y LYSINE          ? 'C6 H15 N2 O2 1' 147.195 
MET 'L-peptide linking' y METHIONINE      ? 'C5 H11 N O2 S'  149.211 
PHE 'L-peptide linking' y PHENYLALANINE   ? 'C9 H11 N O2'    165.189 
PRO 'L-peptide linking' y PROLINE         ? 'C5 H9 N O2'     115.130 
SER 'L-peptide linking' y SERINE          ? 'C3 H7 N O3'     105.093 
THR 'L-peptide linking' y THREONINE       ? 'C4 H9 N O3'     119.119 
TRP 'L-peptide linking' y TRYPTOPHAN      ? 'C11 H12 N2 O2'  204.225 
TYR 'L-peptide linking' y TYROSINE        ? 'C9 H11 N O3'    181.189 
VAL 'L-peptide linking' y VALINE          ? 'C5 H11 N O2'    117.146 
# 
loop_
_pdbx_poly_seq_scheme.asym_id 
_pdbx_poly_seq_scheme.entity_id 
_pdbx_poly_seq_scheme.seq_id 
_pdbx_poly_seq_scheme.mon_id 
_pdbx_poly_seq_scheme.ndb_seq_num 
_pdbx_poly_seq_scheme.pdb_seq_num 
_pdbx_poly_seq_scheme.auth_seq_num 
_pdbx_poly_seq_scheme.pdb_mon_id 
_pdbx_poly_seq_scheme.auth_mon_id 
_pdbx_poly_seq_scheme.pdb_strand_id 
_pdbx_poly_seq_scheme.pdb_ins_code 
_pdbx_poly_seq_scheme.hetero 
A 1 1   GLY 1   -2  ?   ?   ?   A . n 
A 1 2   SER 2   -1  ?   ?   ?   A . n 
A 1 3   HIS 3   0   ?   ?   ?   A . n 
A 1 4   MET 4   1   ?   ?   ?   A . n 
A 1 5   SER 5   2   ?   ?   ?   A . n 
A 1 6   GLN 6   3   ?   ?   ?   A . n 
A 1 7   THR 7   4   ?   ?   ?   A . n 
A 1 8   GLU 8   5   ?   ?   ?   A . n 
A 1 9   PRO 9   6   6   PRO PRO A . n 
A 1 10  PRO 10  7   7   PRO PRO A . n 
A 1 11  GLU 11  8   8   GLU GLU A . n 
A 1 12  ASP 12  9   9   ASP ASP A . n 
A 1 13  LEU 13  10  10  LEU LEU A . n 
A 1 14  MET 14  11  11  MET MET A . n 
A 1 15  GLN 15  12  12  GLN GLN A . n 
A 1 16  TYR 16  13  13  TYR TYR A . n 
A 1 17  GLU 17  14  14  GLU GLU A . n 
A 1 18  ALA 18  15  15  ALA ALA A . n 
A 1 19  MET 19  16  16  MET MET A . n 
A 1 20  ALA 20  17  17  ALA ALA A . n 
A 1 21  GLN 21  18  18  GLN GLN A . n 
A 1 22  ASP 22  19  19  ASP ASP A . n 
A 1 23  ALA 23  20  20  ALA ALA A . n 
A 1 24  LEU 24  21  21  LEU LEU A . n 
A 1 25  ARG 25  22  22  ARG ARG A . n 
A 1 26  GLY 26  23  23  GLY GLY A . n 
A 1 27  VAL 27  24  24  VAL VAL A . n 
A 1 28  VAL 28  25  25  VAL VAL A . n 
A 1 29  LYS 29  26  26  LYS LYS A . n 
A 1 30  ALA 30  27  27  ALA ALA A . n 
A 1 31  ALA 31  28  28  ALA ALA A . n 
A 1 32  LEU 32  29  29  LEU LEU A . n 
A 1 33  LYS 33  30  30  LYS LYS A . n 
A 1 34  LYS 34  31  31  LYS LYS A . n 
A 1 35  ALA 35  32  32  ALA ALA A . n 
A 1 36  ALA 36  33  33  ALA ALA A . n 
A 1 37  ALA 37  34  34  ALA ALA A . n 
A 1 38  PRO 38  35  35  PRO PRO A . n 
A 1 39  GLY 39  36  36  GLY GLY A . n 
A 1 40  GLY 40  37  37  GLY GLY A . n 
A 1 41  LEU 41  38  38  LEU LEU A . n 
A 1 42  PRO 42  39  39  PRO PRO A . n 
A 1 43  GLU 43  40  40  GLU GLU A . n 
A 1 44  PRO 44  41  41  PRO PRO A . n 
A 1 45  HIS 45  42  42  HIS HIS A . n 
A 1 46  HIS 46  43  43  HIS HIS A . n 
A 1 47  LEU 47  44  44  LEU LEU A . n 
A 1 48  TYR 48  45  45  TYR TYR A . n 
A 1 49  ILE 49  46  46  ILE ILE A . n 
A 1 50  THR 50  47  47  THR THR A . n 
A 1 51  PHE 51  48  48  PHE PHE A . n 
A 1 52  LYS 52  49  49  LYS LYS A . n 
A 1 53  THR 53  50  50  THR THR A . n 
A 1 54  LYS 54  51  51  LYS LYS A . n 
A 1 55  ALA 55  52  52  ALA ALA A . n 
A 1 56  ALA 56  53  53  ALA ALA A . n 
A 1 57  GLY 57  54  54  GLY GLY A . n 
A 1 58  VAL 58  55  55  VAL VAL A . n 
A 1 59  SER 59  56  56  SER SER A . n 
A 1 60  GLY 60  57  57  GLY GLY A . n 
A 1 61  PRO 61  58  58  PRO PRO A . n 
A 1 62  GLN 62  59  59  GLN GLN A . n 
A 1 63  ASP 63  60  60  ASP ASP A . n 
A 1 64  LEU 64  61  61  LEU LEU A . n 
A 1 65  LEU 65  62  62  LEU LEU A . n 
A 1 66  SER 66  63  63  SER SER A . n 
A 1 67  LYS 67  64  64  LYS LYS A . n 
A 1 68  TYR 68  65  65  TYR TYR A . n 
A 1 69  PRO 69  66  66  PRO PRO A . n 
A 1 70  ASP 70  67  67  ASP ASP A . n 
A 1 71  GLU 71  68  68  GLU GLU A . n 
A 1 72  MET 72  69  69  MET MET A . n 
A 1 73  THR 73  70  70  THR THR A . n 
A 1 74  ILE 74  71  71  ILE ILE A . n 
A 1 75  VAL 75  72  72  VAL VAL A . n 
A 1 76  LEU 76  73  73  LEU LEU A . n 
A 1 77  GLN 77  74  74  GLN GLN A . n 
A 1 78  HIS 78  75  75  HIS HIS A . n 
A 1 79  GLN 79  76  76  GLN GLN A . n 
A 1 80  TYR 80  77  77  TYR TYR A . n 
A 1 81  TRP 81  78  78  TRP TRP A . n 
A 1 82  ASP 82  79  79  ASP ASP A . n 
A 1 83  LEU 83  80  80  LEU LEU A . n 
A 1 84  ALA 84  81  81  ALA ALA A . n 
A 1 85  PRO 85  82  82  PRO PRO A . n 
A 1 86  GLY 86  83  83  GLY GLY A . n 
A 1 87  GLU 87  84  84  GLU GLU A . n 
A 1 88  THR 88  85  85  THR THR A . n 
A 1 89  PHE 89  86  86  PHE PHE A . n 
A 1 90  PHE 90  87  87  PHE PHE A . n 
A 1 91  SER 91  88  88  SER SER A . n 
A 1 92  VAL 92  89  89  VAL VAL A . n 
A 1 93  THR 93  90  90  THR THR A . n 
A 1 94  LEU 94  91  91  LEU LEU A . n 
A 1 95  LYS 95  92  92  LYS LYS A . n 
A 1 96  PHE 96  93  93  PHE PHE A . n 
A 1 97  GLY 97  94  94  GLY GLY A . n 
A 1 98  GLY 98  95  95  GLY GLY A . n 
A 1 99  GLN 99  96  96  GLN GLN A . n 
A 1 100 PRO 100 97  97  PRO PRO A . n 
A 1 101 LYS 101 98  98  LYS LYS A . n 
A 1 102 ARG 102 99  99  ARG ARG A . n 
A 1 103 LEU 103 100 100 LEU LEU A . n 
A 1 104 SER 104 101 101 SER SER A . n 
A 1 105 VAL 105 102 102 VAL VAL A . n 
A 1 106 PRO 106 103 103 PRO PRO A . n 
A 1 107 TYR 107 104 104 TYR TYR A . n 
A 1 108 ALA 108 105 105 ALA ALA A . n 
A 1 109 ALA 109 106 106 ALA ALA A . n 
A 1 110 LEU 110 107 107 LEU LEU A . n 
A 1 111 THR 111 108 108 THR THR A . n 
A 1 112 ARG 112 109 109 ARG ARG A . n 
A 1 113 PHE 113 110 110 PHE PHE A . n 
A 1 114 TYR 114 111 111 TYR TYR A . n 
A 1 115 ASP 115 112 112 ASP ASP A . n 
A 1 116 PRO 116 113 113 PRO PRO A . n 
A 1 117 SER 117 114 114 SER SER A . n 
A 1 118 VAL 118 115 115 VAL VAL A . n 
A 1 119 GLN 119 116 116 GLN GLN A . n 
A 1 120 PHE 120 117 117 PHE PHE A . n 
A 1 121 ALA 121 118 118 ALA ALA A . n 
A 1 122 LEU 122 119 119 LEU LEU A . n 
A 1 123 GLN 123 120 120 GLN GLN A . n 
A 1 124 PHE 124 121 121 PHE PHE A . n 
A 1 125 SER 125 122 122 SER SER A . n 
A 1 126 ALA 126 123 123 ALA ALA A . n 
A 1 127 PRO 127 124 124 PRO PRO A . n 
A 1 128 GLU 128 125 125 GLU GLU A . n 
A 1 129 ILE 129 126 ?   ?   ?   A . n 
A 1 130 ILE 130 127 ?   ?   ?   A . n 
A 1 131 GLU 131 128 ?   ?   ?   A . n 
A 1 132 ASP 132 129 ?   ?   ?   A . n 
A 1 133 GLU 133 130 ?   ?   ?   A . n 
A 1 134 PRO 134 131 ?   ?   ?   A . n 
A 1 135 GLU 135 132 ?   ?   ?   A . n 
A 1 136 PRO 136 133 ?   ?   ?   A . n 
A 1 137 ASP 137 134 ?   ?   ?   A . n 
A 1 138 PRO 138 135 ?   ?   ?   A . n 
A 1 139 GLU 139 136 ?   ?   ?   A . n 
A 1 140 PRO 140 137 ?   ?   ?   A . n 
A 1 141 GLU 141 138 ?   ?   ?   A . n 
A 1 142 ASP 142 139 ?   ?   ?   A . n 
A 1 143 LYS 143 140 ?   ?   ?   A . n 
A 1 144 ALA 144 141 ?   ?   ?   A . n 
A 1 145 ASN 145 142 ?   ?   ?   A . n 
A 1 146 GLN 146 143 ?   ?   ?   A . n 
A 1 147 GLY 147 144 ?   ?   ?   A . n 
A 1 148 ALA 148 145 ?   ?   ?   A . n 
A 1 149 SER 149 146 ?   ?   ?   A . n 
A 1 150 GLY 150 147 ?   ?   ?   A . n 
A 1 151 ASP 151 148 ?   ?   ?   A . n 
A 1 152 GLU 152 149 ?   ?   ?   A . n 
A 1 153 GLY 153 150 ?   ?   ?   A . n 
A 1 154 PRO 154 151 ?   ?   ?   A . n 
A 1 155 LYS 155 152 ?   ?   ?   A . n 
A 1 156 ILE 156 153 ?   ?   ?   A . n 
A 1 157 VAL 157 154 ?   ?   ?   A . n 
B 2 1   LYS 1   2   ?   ?   ?   B . n 
B 2 2   LYS 2   3   ?   ?   ?   B . n 
B 2 3   GLY 3   4   ?   ?   ?   B . n 
B 2 4   ARG 4   5   ?   ?   ?   B . n 
B 2 5   HIS 5   6   6   HIS HIS B . n 
B 2 6   GLY 6   7   7   GLY GLY B . n 
B 2 7   ALA 7   8   8   ALA ALA B . n 
B 2 8   ALA 8   9   9   ALA ALA B . n 
B 2 9   ASN 9   10  10  ASN ASN B . n 
B 2 10  ASP 10  11  11  ASP ASP B . n 
B 2 11  ASN 11  12  12  ASN ASN B . n 
B 2 12  PHE 12  13  13  PHE PHE B . n 
B 2 13  ALA 13  14  14  ALA ALA B . n 
B 2 14  GLU 14  15  15  GLU GLU B . n 
B 2 15  GLU 15  16  ?   ?   ?   B . n 
B 2 16  PHE 16  17  ?   ?   ?   B . n 
B 2 17  ALA 17  18  ?   ?   ?   B . n 
B 2 18  VAL 18  19  ?   ?   ?   B . n 
B 2 19  ALA 19  20  ?   ?   ?   B . n 
B 2 20  ALA 20  21  ?   ?   ?   B . n 
# 
loop_
_pdbx_nonpoly_scheme.asym_id 
_pdbx_nonpoly_scheme.entity_id 
_pdbx_nonpoly_scheme.mon_id 
_pdbx_nonpoly_scheme.ndb_seq_num 
_pdbx_nonpoly_scheme.pdb_seq_num 
_pdbx_nonpoly_scheme.auth_seq_num 
_pdbx_nonpoly_scheme.pdb_mon_id 
_pdbx_nonpoly_scheme.auth_mon_id 
_pdbx_nonpoly_scheme.pdb_strand_id 
_pdbx_nonpoly_scheme.pdb_ins_code 
C 3 HOH 1  126 1  HOH HOH A . 
C 3 HOH 2  127 2  HOH HOH A . 
C 3 HOH 3  128 3  HOH HOH A . 
C 3 HOH 4  129 4  HOH HOH A . 
C 3 HOH 5  130 5  HOH HOH A . 
C 3 HOH 6  131 6  HOH HOH A . 
C 3 HOH 7  132 7  HOH HOH A . 
C 3 HOH 8  133 8  HOH HOH A . 
C 3 HOH 9  134 9  HOH HOH A . 
C 3 HOH 10 135 11 HOH HOH A . 
C 3 HOH 11 136 12 HOH HOH A . 
C 3 HOH 12 137 13 HOH HOH A . 
C 3 HOH 13 138 14 HOH HOH A . 
C 3 HOH 14 139 15 HOH HOH A . 
C 3 HOH 15 140 16 HOH HOH A . 
C 3 HOH 16 141 19 HOH HOH A . 
C 3 HOH 17 142 20 HOH HOH A . 
D 3 HOH 1  22  17 HOH HOH B . 
D 3 HOH 2  23  18 HOH HOH B . 
# 
loop_
_software.name 
_software.version 
_software.date 
_software.type 
_software.contact_author 
_software.contact_author_email 
_software.classification 
_software.location 
_software.language 
_software.citation_id 
_software.pdbx_ordinal 
DENZO       .       ?                package 'Zbyszek Otwinowski' zbyszek@mix.swmed.edu    'data reduction'  
http://www.lnls.br/infra/linhasluz/denzo-hkl.htm ?          ? 1 
SCALEPACK   .       ?                package 'Zbyszek Otwinowski' zbyszek@mix.swmed.edu    'data scaling'    
http://www.lnls.br/infra/linhasluz/denzo-hkl.htm ?          ? 2 
CNS         1.1     ?                package 'Axel T. Brunger'    axel.brunger@yale.edu    refinement        
http://cns.csb.yale.edu/v1.1/                    Fortran_77 ? 3 
PDB_EXTRACT 2.000   'April. 3, 2006' package PDB                  sw-help@rcsb.rutgers.edu 'data extraction' 
http://pdb.rutgers.edu/software/                 C++        ? 4 
ADSC        Quantum ?                ?       ?                    ?                        'data collection' ? ?          ? 5 
HKL-2000    .       ?                ?       ?                    ?                        'data reduction'  ? ?          ? 6 
HKL-2000    .       ?                ?       ?                    ?                        'data scaling'    ? ?          ? 7 
PHASER      .       ?                ?       ?                    ?                        phasing           ? ?          ? 8 
# 
_cell.length_a           121.760 
_cell.length_b           121.760 
_cell.length_c           27.660 
_cell.angle_alpha        90.000 
_cell.angle_beta         90.000 
_cell.angle_gamma        120.000 
_cell.entry_id           2QAS 
_cell.pdbx_unique_axis   ? 
_cell.Z_PDB              6 
_cell.length_a_esd       ? 
_cell.length_b_esd       ? 
_cell.length_c_esd       ? 
_cell.angle_alpha_esd    ? 
_cell.angle_beta_esd     ? 
_cell.angle_gamma_esd    ? 
# 
_symmetry.space_group_name_H-M             'P 64' 
_symmetry.entry_id                         2QAS 
_symmetry.Int_Tables_number                172 
_symmetry.pdbx_full_space_group_name_H-M   ? 
_symmetry.cell_setting                     ? 
_symmetry.space_group_name_Hall            ? 
# 
_exptl.crystals_number   1 
_exptl.entry_id          2QAS 
_exptl.method            'X-RAY DIFFRACTION' 
# 
_exptl_crystal.id                    1 
_exptl_crystal.density_meas          ? 
_exptl_crystal.density_Matthews      3.07 
_exptl_crystal.density_percent_sol   59.99 
_exptl_crystal.description           ? 
_exptl_crystal.F_000                 ? 
_exptl_crystal.preparation           ? 
# 
_exptl_crystal_grow.crystal_id      1 
_exptl_crystal_grow.method          'VAPOR DIFFUSION, HANGING DROP' 
_exptl_crystal_grow.pH              8.0 
_exptl_crystal_grow.temp            300 
_exptl_crystal_grow.pdbx_details    
'1.4 M (NH4)2SO4, 0.1 M Tris, pH 8.0, hanging drop, temperature 300K, VAPOR DIFFUSION, HANGING DROP' 
_exptl_crystal_grow.temp_details    ? 
_exptl_crystal_grow.pdbx_pH_range   . 
# 
_diffrn.id                     1 
_diffrn.ambient_temp           110 
_diffrn.ambient_temp_details   ? 
_diffrn.crystal_id             1 
# 
_diffrn_detector.diffrn_id              1 
_diffrn_detector.detector               CCD 
_diffrn_detector.type                   'ADSC QUANTUM 315' 
_diffrn_detector.pdbx_collection_date   2006-11-02 
_diffrn_detector.details                ? 
# 
_diffrn_radiation.diffrn_id                        1 
_diffrn_radiation.pdbx_diffrn_protocol             'SINGLE WAVELENGTH' 
_diffrn_radiation.monochromator                    'crystal monochromator' 
_diffrn_radiation.wavelength_id                    1 
_diffrn_radiation.pdbx_monochromatic_or_laue_m_l   M 
_diffrn_radiation.pdbx_scattering_type             x-ray 
# 
_diffrn_radiation_wavelength.id           1 
_diffrn_radiation_wavelength.wavelength   0.97908 
_diffrn_radiation_wavelength.wt           1.0 
# 
_diffrn_source.diffrn_id                   1 
_diffrn_source.source                      SYNCHROTRON 
_diffrn_source.type                        'APS BEAMLINE 24-ID-C' 
_diffrn_source.pdbx_wavelength_list        0.97908 
_diffrn_source.pdbx_wavelength             ? 
_diffrn_source.pdbx_synchrotron_site       APS 
_diffrn_source.pdbx_synchrotron_beamline   24-ID-C 
# 
_reflns.entry_id                     2QAS 
_reflns.d_resolution_high            2.550 
_reflns.d_resolution_low             50.000 
_reflns.number_obs                   7817 
_reflns.pdbx_Rmerge_I_obs            0.074 
_reflns.pdbx_netI_over_sigmaI        12.800 
_reflns.pdbx_chi_squared             1.161 
_reflns.pdbx_redundancy              10.300 
_reflns.percent_possible_obs         98.000 
_reflns.observed_criterion_sigma_F   0 
_reflns.observed_criterion_sigma_I   0 
_reflns.number_all                   8146 
_reflns.pdbx_Rsym_value              ? 
_reflns.B_iso_Wilson_estimate        ? 
_reflns.R_free_details               ? 
_reflns.limit_h_max                  ? 
_reflns.limit_h_min                  ? 
_reflns.limit_k_max                  ? 
_reflns.limit_k_min                  ? 
_reflns.limit_l_max                  ? 
_reflns.limit_l_min                  ? 
_reflns.observed_criterion_F_max     ? 
_reflns.observed_criterion_F_min     ? 
_reflns.pdbx_scaling_rejects         ? 
_reflns.pdbx_diffrn_id               1 
_reflns.pdbx_ordinal                 1 
# 
_reflns_shell.d_res_high             2.55 
_reflns_shell.d_res_low              2.64 
_reflns_shell.number_measured_obs    ? 
_reflns_shell.number_measured_all    ? 
_reflns_shell.number_unique_obs      ? 
_reflns_shell.Rmerge_I_obs           0.377 
_reflns_shell.meanI_over_sigI_obs    ? 
_reflns_shell.pdbx_Rsym_value        ? 
_reflns_shell.pdbx_chi_squared       0.384 
_reflns_shell.pdbx_redundancy        5.80 
_reflns_shell.percent_possible_obs   ? 
_reflns_shell.number_unique_all      653 
_reflns_shell.percent_possible_all   85.20 
_reflns_shell.pdbx_diffrn_id         ? 
_reflns_shell.pdbx_ordinal           1 
# 
_refine.entry_id                                 2QAS 
_refine.ls_d_res_high                            2.550 
_refine.ls_d_res_low                             26.760 
_refine.pdbx_ls_sigma_F                          0.00 
_refine.pdbx_data_cutoff_high_absF               85886.297 
_refine.pdbx_data_cutoff_low_absF                0.000 
_refine.ls_percent_reflns_obs                    94.300 
_refine.ls_number_reflns_obs                     7531 
_refine.pdbx_ls_cross_valid_method               THROUGHOUT 
_refine.pdbx_R_Free_selection_details            RANDOM 
_refine.ls_R_factor_R_work                       0.213 
_refine.ls_R_factor_R_free                       0.262 
_refine.ls_percent_reflns_R_free                 9.800 
_refine.ls_number_reflns_R_free                  736 
_refine.ls_R_factor_R_free_error                 0.010 
_refine.B_iso_mean                               69.400 
_refine.solvent_model_param_bsol                 44.361 
_refine.solvent_model_param_ksol                 0.332 
_refine.pdbx_isotropic_thermal_model             RESTRAINED 
_refine.aniso_B[1][1]                            -8.010 
_refine.aniso_B[2][2]                            -8.010 
_refine.aniso_B[3][3]                            16.010 
_refine.aniso_B[1][2]                            -0.290 
_refine.aniso_B[1][3]                            0.000 
_refine.aniso_B[2][3]                            0.000 
_refine.solvent_model_details                    'FLAT MODEL' 
_refine.pdbx_ls_sigma_I                          ? 
_refine.ls_number_reflns_all                     8146 
_refine.ls_R_factor_all                          0.218 
_refine.ls_R_factor_obs                          0.218 
_refine.ls_redundancy_reflns_obs                 ? 
_refine.ls_number_parameters                     ? 
_refine.ls_number_restraints                     ? 
_refine.ls_R_factor_R_free_error_details         ? 
_refine.pdbx_method_to_determine_struct          'MOLECULAR REPLACEMENT' 
_refine.pdbx_starting_model                      ? 
_refine.pdbx_stereochem_target_val_spec_case     ? 
_refine.pdbx_stereochemistry_target_values       'Engh & Huber' 
_refine.occupancy_max                            ? 
_refine.occupancy_min                            ? 
_refine.details                                  ? 
_refine.B_iso_min                                ? 
_refine.B_iso_max                                ? 
_refine.correlation_coeff_Fo_to_Fc               ? 
_refine.correlation_coeff_Fo_to_Fc_free          ? 
_refine.pdbx_solvent_vdw_probe_radii             ? 
_refine.pdbx_solvent_ion_probe_radii             ? 
_refine.pdbx_solvent_shrinkage_radii             ? 
_refine.overall_SU_R_Cruickshank_DPI             ? 
_refine.overall_SU_R_free                        ? 
_refine.overall_SU_ML                            ? 
_refine.overall_SU_B                             ? 
_refine.pdbx_overall_ESU_R_Free                  ? 
_refine.pdbx_data_cutoff_high_rms_absF           ? 
_refine.pdbx_overall_ESU_R                       ? 
_refine.ls_wR_factor_R_free                      ? 
_refine.ls_wR_factor_R_work                      ? 
_refine.overall_FOM_free_R_set                   ? 
_refine.overall_FOM_work_R_set                   ? 
_refine.pdbx_refine_id                           'X-RAY DIFFRACTION' 
_refine.pdbx_diffrn_id                           1 
_refine.pdbx_TLS_residual_ADP_flag               ? 
_refine.pdbx_overall_phase_error                 ? 
_refine.pdbx_overall_SU_R_free_Cruickshank_DPI   ? 
_refine.pdbx_overall_SU_R_Blow_DPI               ? 
_refine.pdbx_overall_SU_R_free_Blow_DPI          ? 
# 
_refine_analyze.entry_id                        2QAS 
_refine_analyze.Luzzati_coordinate_error_obs    0.320 
_refine_analyze.Luzzati_sigma_a_obs             0.360 
_refine_analyze.Luzzati_d_res_low_obs           5.000 
_refine_analyze.Luzzati_coordinate_error_free   0.400 
_refine_analyze.Luzzati_sigma_a_free            0.370 
_refine_analyze.Luzzati_d_res_low_free          ? 
_refine_analyze.number_disordered_residues      ? 
_refine_analyze.occupancy_sum_non_hydrogen      ? 
_refine_analyze.occupancy_sum_hydrogen          ? 
_refine_analyze.pdbx_Luzzati_d_res_high_obs     ? 
_refine_analyze.pdbx_refine_id                  'X-RAY DIFFRACTION' 
# 
_refine_hist.pdbx_refine_id                   'X-RAY DIFFRACTION' 
_refine_hist.cycle_id                         LAST 
_refine_hist.pdbx_number_atoms_protein        1008 
_refine_hist.pdbx_number_atoms_nucleic_acid   0 
_refine_hist.pdbx_number_atoms_ligand         0 
_refine_hist.number_atoms_solvent             19 
_refine_hist.number_atoms_total               1027 
_refine_hist.d_res_high                       2.550 
_refine_hist.d_res_low                        26.760 
# 
loop_
_refine_ls_restr.type 
_refine_ls_restr.number 
_refine_ls_restr.dev_ideal 
_refine_ls_restr.dev_ideal_target 
_refine_ls_restr.weight 
_refine_ls_restr.pdbx_refine_id 
_refine_ls_restr.pdbx_restraint_function 
c_bond_d           ? 0.008  ?     ? 'X-RAY DIFFRACTION' ? 
c_angle_deg        ? 1.400  ?     ? 'X-RAY DIFFRACTION' ? 
c_dihedral_angle_d ? 24.500 ?     ? 'X-RAY DIFFRACTION' ? 
c_improper_angle_d ? 1.150  ?     ? 'X-RAY DIFFRACTION' ? 
c_mcbond_it        ? 2.090  1.500 ? 'X-RAY DIFFRACTION' ? 
c_mcangle_it       ? 3.810  2.000 ? 'X-RAY DIFFRACTION' ? 
c_scbond_it        ? 2.210  2.000 ? 'X-RAY DIFFRACTION' ? 
c_scangle_it       ? 3.530  2.500 ? 'X-RAY DIFFRACTION' ? 
# 
_refine_ls_shell.d_res_high                       2.550 
_refine_ls_shell.d_res_low                        2.710 
_refine_ls_shell.pdbx_total_number_of_bins_used   6 
_refine_ls_shell.percent_reflns_obs               80.500 
_refine_ls_shell.number_reflns_R_work             964 
_refine_ls_shell.R_factor_all                     ? 
_refine_ls_shell.R_factor_R_work                  0.290 
_refine_ls_shell.R_factor_R_free                  0.357 
_refine_ls_shell.percent_reflns_R_free            8.900 
_refine_ls_shell.number_reflns_R_free             94 
_refine_ls_shell.R_factor_R_free_error            0.037 
_refine_ls_shell.number_reflns_all                ? 
_refine_ls_shell.number_reflns_obs                1058 
_refine_ls_shell.redundancy_reflns_obs            ? 
_refine_ls_shell.pdbx_refine_id                   'X-RAY DIFFRACTION' 
# 
loop_
_pdbx_xplor_file.serial_no 
_pdbx_xplor_file.param_file 
_pdbx_xplor_file.topol_file 
_pdbx_xplor_file.pdbx_refine_id 
1 protein_rep.param protein.top 'X-RAY DIFFRACTION' 
2 ion.param         ?           'X-RAY DIFFRACTION' 
3 water.param       ?           'X-RAY DIFFRACTION' 
# 
_struct.entry_id                  2QAS 
_struct.title                     'Crystal structure of Caulobacter crescentus SspB ortholog' 
_struct.pdbx_model_details        ? 
_struct.pdbx_CASP_flag            ? 
_struct.pdbx_model_type_details   ? 
# 
_struct_keywords.entry_id        2QAS 
_struct_keywords.text            'sspB, adaptor, ClpX, ssrA, UNKNOWN FUNCTION, Hydrolase activator' 
_struct_keywords.pdbx_keywords   'Hydrolase activator' 
# 
loop_
_struct_asym.id 
_struct_asym.pdbx_blank_PDB_chainid_flag 
_struct_asym.pdbx_modified 
_struct_asym.entity_id 
_struct_asym.details 
A N N 1 ? 
B N N 2 ? 
C N N 3 ? 
D N N 3 ? 
# 
loop_
_struct_ref.id 
_struct_ref.db_name 
_struct_ref.db_code 
_struct_ref.pdbx_db_accession 
_struct_ref.entity_id 
_struct_ref.pdbx_seq_one_letter_code 
_struct_ref.pdbx_align_begin 
_struct_ref.pdbx_db_isoform 
1 UNP Q9A6J2_CAUCR Q9A6J2 1 
;MSQTEPPEDLMQYEAMAQDALRGVVKAALKKAAAPGGLPEPHHLYITFKTKAAGVSGPQDLLSKYPDEMTIVLQHQYWDL
APGETFFSVTLKFGGQPKRLSVPYAALTRFYDPSVQFALQFSAPEIIEDEPEPDPEPEDKANQGASGDEGPKIV
;
1 ? 
2 PDB 2QAS         2QAS   2 ? ? ? 
# 
loop_
_struct_ref_seq.align_id 
_struct_ref_seq.ref_id 
_struct_ref_seq.pdbx_PDB_id_code 
_struct_ref_seq.pdbx_strand_id 
_struct_ref_seq.seq_align_beg 
_struct_ref_seq.pdbx_seq_align_beg_ins_code 
_struct_ref_seq.seq_align_end 
_struct_ref_seq.pdbx_seq_align_end_ins_code 
_struct_ref_seq.pdbx_db_accession 
_struct_ref_seq.db_align_beg 
_struct_ref_seq.pdbx_db_align_beg_ins_code 
_struct_ref_seq.db_align_end 
_struct_ref_seq.pdbx_db_align_end_ins_code 
_struct_ref_seq.pdbx_auth_seq_align_beg 
_struct_ref_seq.pdbx_auth_seq_align_end 
1 1 2QAS A 4 ? 157 ? Q9A6J2 1 ? 154 ? 1 154 
2 2 2QAS B 1 ? 20  ? 2QAS   2 ? 21  ? 2 21  
# 
loop_
_struct_ref_seq_dif.align_id 
_struct_ref_seq_dif.pdbx_pdb_id_code 
_struct_ref_seq_dif.mon_id 
_struct_ref_seq_dif.pdbx_pdb_strand_id 
_struct_ref_seq_dif.seq_num 
_struct_ref_seq_dif.pdbx_pdb_ins_code 
_struct_ref_seq_dif.pdbx_seq_db_name 
_struct_ref_seq_dif.pdbx_seq_db_accession_code 
_struct_ref_seq_dif.db_mon_id 
_struct_ref_seq_dif.pdbx_seq_db_seq_num 
_struct_ref_seq_dif.details 
_struct_ref_seq_dif.pdbx_auth_seq_num 
_struct_ref_seq_dif.pdbx_ordinal 
1 2QAS GLY A 1 ? UNP Q9A6J2 ? ? 'expression tag' -2 1 
1 2QAS SER A 2 ? UNP Q9A6J2 ? ? 'expression tag' -1 2 
1 2QAS HIS A 3 ? UNP Q9A6J2 ? ? 'expression tag' 0  3 
# 
_pdbx_struct_assembly.id                   1 
_pdbx_struct_assembly.details              author_defined_assembly 
_pdbx_struct_assembly.method_details       ? 
_pdbx_struct_assembly.oligomeric_details   tetrameric 
_pdbx_struct_assembly.oligomeric_count     4 
# 
_pdbx_struct_assembly_gen.assembly_id       1 
_pdbx_struct_assembly_gen.oper_expression   1,2 
_pdbx_struct_assembly_gen.asym_id_list      A,B,C,D 
# 
loop_
_pdbx_struct_oper_list.id 
_pdbx_struct_oper_list.type 
_pdbx_struct_oper_list.name 
_pdbx_struct_oper_list.symmetry_operation 
_pdbx_struct_oper_list.matrix[1][1] 
_pdbx_struct_oper_list.matrix[1][2] 
_pdbx_struct_oper_list.matrix[1][3] 
_pdbx_struct_oper_list.vector[1] 
_pdbx_struct_oper_list.matrix[2][1] 
_pdbx_struct_oper_list.matrix[2][2] 
_pdbx_struct_oper_list.matrix[2][3] 
_pdbx_struct_oper_list.vector[2] 
_pdbx_struct_oper_list.matrix[3][1] 
_pdbx_struct_oper_list.matrix[3][2] 
_pdbx_struct_oper_list.matrix[3][3] 
_pdbx_struct_oper_list.vector[3] 
1 'identity operation'         1_555 x,y,z       1.0000000000  0.0000000000  0.0000000000  0.0000000000  0.0000000000  1.0000000000  0.0000000000 0.0000000000  0.0000000000  0.0000000000 1.0000000000  0.0000000000  
2 'crystal symmetry operation' 4_665 -x+1,-y+1,z -0.1842038195 -0.7440158271 -0.6422689482 24.6485543260 -0.7440158271 -0.3214487095 0.5857569258 13.5697008960 -0.6422689482 0.5857569258 -0.4943474710 15.5886786452 
# 
_struct_biol.id        1 
_struct_biol.details   
'Biological assembly is a dimer formed from the monomer in the asymmetric unit by the operations: -x,-y,z + [1,1,0]' 
# 
loop_
_struct_conf.conf_type_id 
_struct_conf.id 
_struct_conf.pdbx_PDB_helix_id 
_struct_conf.beg_label_comp_id 
_struct_conf.beg_label_asym_id 
_struct_conf.beg_label_seq_id 
_struct_conf.pdbx_beg_PDB_ins_code 
_struct_conf.end_label_comp_id 
_struct_conf.end_label_asym_id 
_struct_conf.end_label_seq_id 
_struct_conf.pdbx_end_PDB_ins_code 
_struct_conf.beg_auth_comp_id 
_struct_conf.beg_auth_asym_id 
_struct_conf.beg_auth_seq_id 
_struct_conf.end_auth_comp_id 
_struct_conf.end_auth_asym_id 
_struct_conf.end_auth_seq_id 
_struct_conf.pdbx_PDB_helix_class 
_struct_conf.details 
_struct_conf.pdbx_PDB_helix_length 
HELX_P HELX_P1 1 GLN A 15 ? ALA A 36 ? GLN A 12 ALA A 33 1 ? 22 
HELX_P HELX_P2 2 PRO A 61 ? TYR A 68 ? PRO A 58 TYR A 65 1 ? 8  
# 
_struct_conf_type.id          HELX_P 
_struct_conf_type.criteria    ? 
_struct_conf_type.reference   ? 
# 
loop_
_struct_mon_prot_cis.pdbx_id 
_struct_mon_prot_cis.label_comp_id 
_struct_mon_prot_cis.label_seq_id 
_struct_mon_prot_cis.label_asym_id 
_struct_mon_prot_cis.label_alt_id 
_struct_mon_prot_cis.pdbx_PDB_ins_code 
_struct_mon_prot_cis.auth_comp_id 
_struct_mon_prot_cis.auth_seq_id 
_struct_mon_prot_cis.auth_asym_id 
_struct_mon_prot_cis.pdbx_label_comp_id_2 
_struct_mon_prot_cis.pdbx_label_seq_id_2 
_struct_mon_prot_cis.pdbx_label_asym_id_2 
_struct_mon_prot_cis.pdbx_PDB_ins_code_2 
_struct_mon_prot_cis.pdbx_auth_comp_id_2 
_struct_mon_prot_cis.pdbx_auth_seq_id_2 
_struct_mon_prot_cis.pdbx_auth_asym_id_2 
_struct_mon_prot_cis.pdbx_PDB_model_num 
_struct_mon_prot_cis.pdbx_omega_angle 
1 PRO 9  A . ? PRO 6  A PRO 10 A ? PRO 7  A 1 -0.35 
2 GLU 43 A . ? GLU 40 A PRO 44 A ? PRO 41 A 1 0.21  
# 
loop_
_struct_sheet.id 
_struct_sheet.type 
_struct_sheet.number_strands 
_struct_sheet.details 
A ? 4 ? 
B ? 3 ? 
# 
loop_
_struct_sheet_order.sheet_id 
_struct_sheet_order.range_id_1 
_struct_sheet_order.range_id_2 
_struct_sheet_order.offset 
_struct_sheet_order.sense 
A 1 2 ? anti-parallel 
A 2 3 ? anti-parallel 
A 3 4 ? anti-parallel 
B 1 2 ? anti-parallel 
B 2 3 ? anti-parallel 
# 
loop_
_struct_sheet_range.sheet_id 
_struct_sheet_range.id 
_struct_sheet_range.beg_label_comp_id 
_struct_sheet_range.beg_label_asym_id 
_struct_sheet_range.beg_label_seq_id 
_struct_sheet_range.pdbx_beg_PDB_ins_code 
_struct_sheet_range.end_label_comp_id 
_struct_sheet_range.end_label_asym_id 
_struct_sheet_range.end_label_seq_id 
_struct_sheet_range.pdbx_end_PDB_ins_code 
_struct_sheet_range.beg_auth_comp_id 
_struct_sheet_range.beg_auth_asym_id 
_struct_sheet_range.beg_auth_seq_id 
_struct_sheet_range.end_auth_comp_id 
_struct_sheet_range.end_auth_asym_id 
_struct_sheet_range.end_auth_seq_id 
A 1 GLU A 71  ? LEU A 76  ? GLU A 68  LEU A 73  
A 2 LEU A 47  ? LYS A 52  ? LEU A 44  LYS A 49  
A 3 LEU A 110 ? ASP A 115 ? LEU A 107 ASP A 112 
A 4 PHE A 120 ? GLN A 123 ? PHE A 117 GLN A 120 
B 1 TRP A 81  ? PRO A 85  ? TRP A 78  PRO A 82  
B 2 PHE A 89  ? PHE A 96  ? PHE A 86  PHE A 93  
B 3 GLN A 99  ? PRO A 106 ? GLN A 96  PRO A 103 
# 
loop_
_pdbx_struct_sheet_hbond.sheet_id 
_pdbx_struct_sheet_hbond.range_id_1 
_pdbx_struct_sheet_hbond.range_id_2 
_pdbx_struct_sheet_hbond.range_1_label_atom_id 
_pdbx_struct_sheet_hbond.range_1_label_comp_id 
_pdbx_struct_sheet_hbond.range_1_label_asym_id 
_pdbx_struct_sheet_hbond.range_1_label_seq_id 
_pdbx_struct_sheet_hbond.range_1_PDB_ins_code 
_pdbx_struct_sheet_hbond.range_1_auth_atom_id 
_pdbx_struct_sheet_hbond.range_1_auth_comp_id 
_pdbx_struct_sheet_hbond.range_1_auth_asym_id 
_pdbx_struct_sheet_hbond.range_1_auth_seq_id 
_pdbx_struct_sheet_hbond.range_2_label_atom_id 
_pdbx_struct_sheet_hbond.range_2_label_comp_id 
_pdbx_struct_sheet_hbond.range_2_label_asym_id 
_pdbx_struct_sheet_hbond.range_2_label_seq_id 
_pdbx_struct_sheet_hbond.range_2_PDB_ins_code 
_pdbx_struct_sheet_hbond.range_2_auth_atom_id 
_pdbx_struct_sheet_hbond.range_2_auth_comp_id 
_pdbx_struct_sheet_hbond.range_2_auth_asym_id 
_pdbx_struct_sheet_hbond.range_2_auth_seq_id 
A 1 2 O LEU A 76  ? O LEU A 73  N LEU A 47  ? N LEU A 44  
A 2 3 N THR A 50  ? N THR A 47  O THR A 111 ? O THR A 108 
A 3 4 N PHE A 113 ? N PHE A 110 O LEU A 122 ? O LEU A 119 
B 1 2 N ALA A 84  ? N ALA A 81  O SER A 91  ? O SER A 88  
B 2 3 N PHE A 90  ? N PHE A 87  O VAL A 105 ? O VAL A 102 
# 
loop_
_pdbx_validate_torsion.id 
_pdbx_validate_torsion.PDB_model_num 
_pdbx_validate_torsion.auth_comp_id 
_pdbx_validate_torsion.auth_asym_id 
_pdbx_validate_torsion.auth_seq_id 
_pdbx_validate_torsion.PDB_ins_code 
_pdbx_validate_torsion.label_alt_id 
_pdbx_validate_torsion.phi 
_pdbx_validate_torsion.psi 
1 1 GLN A 74  ? ? -148.33 -79.43  
2 1 PHE A 121 ? ? -117.91 -169.74 
3 1 SER A 122 ? ? 45.77   14.92   
4 1 ASN B 12  ? ? -148.18 30.29   
# 
loop_
_pdbx_unobs_or_zero_occ_residues.id 
_pdbx_unobs_or_zero_occ_residues.PDB_model_num 
_pdbx_unobs_or_zero_occ_residues.polymer_flag 
_pdbx_unobs_or_zero_occ_residues.occupancy_flag 
_pdbx_unobs_or_zero_occ_residues.auth_asym_id 
_pdbx_unobs_or_zero_occ_residues.auth_comp_id 
_pdbx_unobs_or_zero_occ_residues.auth_seq_id 
_pdbx_unobs_or_zero_occ_residues.PDB_ins_code 
_pdbx_unobs_or_zero_occ_residues.label_asym_id 
_pdbx_unobs_or_zero_occ_residues.label_comp_id 
_pdbx_unobs_or_zero_occ_residues.label_seq_id 
1  1 Y 1 A GLY -2  ? A GLY 1   
2  1 Y 1 A SER -1  ? A SER 2   
3  1 Y 1 A HIS 0   ? A HIS 3   
4  1 Y 1 A MET 1   ? A MET 4   
5  1 Y 1 A SER 2   ? A SER 5   
6  1 Y 1 A GLN 3   ? A GLN 6   
7  1 Y 1 A THR 4   ? A THR 7   
8  1 Y 1 A GLU 5   ? A GLU 8   
9  1 Y 1 A ILE 126 ? A ILE 129 
10 1 Y 1 A ILE 127 ? A ILE 130 
11 1 Y 1 A GLU 128 ? A GLU 131 
12 1 Y 1 A ASP 129 ? A ASP 132 
13 1 Y 1 A GLU 130 ? A GLU 133 
14 1 Y 1 A PRO 131 ? A PRO 134 
15 1 Y 1 A GLU 132 ? A GLU 135 
16 1 Y 1 A PRO 133 ? A PRO 136 
17 1 Y 1 A ASP 134 ? A ASP 137 
18 1 Y 1 A PRO 135 ? A PRO 138 
19 1 Y 1 A GLU 136 ? A GLU 139 
20 1 Y 1 A PRO 137 ? A PRO 140 
21 1 Y 1 A GLU 138 ? A GLU 141 
22 1 Y 1 A ASP 139 ? A ASP 142 
23 1 Y 1 A LYS 140 ? A LYS 143 
24 1 Y 1 A ALA 141 ? A ALA 144 
25 1 Y 1 A ASN 142 ? A ASN 145 
26 1 Y 1 A GLN 143 ? A GLN 146 
27 1 Y 1 A GLY 144 ? A GLY 147 
28 1 Y 1 A ALA 145 ? A ALA 148 
29 1 Y 1 A SER 146 ? A SER 149 
30 1 Y 1 A GLY 147 ? A GLY 150 
31 1 Y 1 A ASP 148 ? A ASP 151 
32 1 Y 1 A GLU 149 ? A GLU 152 
33 1 Y 1 A GLY 150 ? A GLY 153 
34 1 Y 1 A PRO 151 ? A PRO 154 
35 1 Y 1 A LYS 152 ? A LYS 155 
36 1 Y 1 A ILE 153 ? A ILE 156 
37 1 Y 1 A VAL 154 ? A VAL 157 
38 1 Y 1 B LYS 2   ? B LYS 1   
39 1 Y 1 B LYS 3   ? B LYS 2   
40 1 Y 1 B GLY 4   ? B GLY 3   
41 1 Y 1 B ARG 5   ? B ARG 4   
42 1 Y 1 B GLU 16  ? B GLU 15  
43 1 Y 1 B PHE 17  ? B PHE 16  
44 1 Y 1 B ALA 18  ? B ALA 17  
45 1 Y 1 B VAL 19  ? B VAL 18  
46 1 Y 1 B ALA 20  ? B ALA 19  
47 1 Y 1 B ALA 21  ? B ALA 20  
# 
loop_
_chem_comp_atom.comp_id 
_chem_comp_atom.atom_id 
_chem_comp_atom.type_symbol 
_chem_comp_atom.pdbx_aromatic_flag 
_chem_comp_atom.pdbx_stereo_config 
_chem_comp_atom.pdbx_ordinal 
ALA N    N N N 1   
ALA CA   C N S 2   
ALA C    C N N 3   
ALA O    O N N 4   
ALA CB   C N N 5   
ALA OXT  O N N 6   
ALA H    H N N 7   
ALA H2   H N N 8   
ALA HA   H N N 9   
ALA HB1  H N N 10  
ALA HB2  H N N 11  
ALA HB3  H N N 12  
ALA HXT  H N N 13  
ARG N    N N N 14  
ARG CA   C N S 15  
ARG C    C N N 16  
ARG O    O N N 17  
ARG CB   C N N 18  
ARG CG   C N N 19  
ARG CD   C N N 20  
ARG NE   N N N 21  
ARG CZ   C N N 22  
ARG NH1  N N N 23  
ARG NH2  N N N 24  
ARG OXT  O N N 25  
ARG H    H N N 26  
ARG H2   H N N 27  
ARG HA   H N N 28  
ARG HB2  H N N 29  
ARG HB3  H N N 30  
ARG HG2  H N N 31  
ARG HG3  H N N 32  
ARG HD2  H N N 33  
ARG HD3  H N N 34  
ARG HE   H N N 35  
ARG HH11 H N N 36  
ARG HH12 H N N 37  
ARG HH21 H N N 38  
ARG HH22 H N N 39  
ARG HXT  H N N 40  
ASN N    N N N 41  
ASN CA   C N S 42  
ASN C    C N N 43  
ASN O    O N N 44  
ASN CB   C N N 45  
ASN CG   C N N 46  
ASN OD1  O N N 47  
ASN ND2  N N N 48  
ASN OXT  O N N 49  
ASN H    H N N 50  
ASN H2   H N N 51  
ASN HA   H N N 52  
ASN HB2  H N N 53  
ASN HB3  H N N 54  
ASN HD21 H N N 55  
ASN HD22 H N N 56  
ASN HXT  H N N 57  
ASP N    N N N 58  
ASP CA   C N S 59  
ASP C    C N N 60  
ASP O    O N N 61  
ASP CB   C N N 62  
ASP CG   C N N 63  
ASP OD1  O N N 64  
ASP OD2  O N N 65  
ASP OXT  O N N 66  
ASP H    H N N 67  
ASP H2   H N N 68  
ASP HA   H N N 69  
ASP HB2  H N N 70  
ASP HB3  H N N 71  
ASP HD2  H N N 72  
ASP HXT  H N N 73  
GLN N    N N N 74  
GLN CA   C N S 75  
GLN C    C N N 76  
GLN O    O N N 77  
GLN CB   C N N 78  
GLN CG   C N N 79  
GLN CD   C N N 80  
GLN OE1  O N N 81  
GLN NE2  N N N 82  
GLN OXT  O N N 83  
GLN H    H N N 84  
GLN H2   H N N 85  
GLN HA   H N N 86  
GLN HB2  H N N 87  
GLN HB3  H N N 88  
GLN HG2  H N N 89  
GLN HG3  H N N 90  
GLN HE21 H N N 91  
GLN HE22 H N N 92  
GLN HXT  H N N 93  
GLU N    N N N 94  
GLU CA   C N S 95  
GLU C    C N N 96  
GLU O    O N N 97  
GLU CB   C N N 98  
GLU CG   C N N 99  
GLU CD   C N N 100 
GLU OE1  O N N 101 
GLU OE2  O N N 102 
GLU OXT  O N N 103 
GLU H    H N N 104 
GLU H2   H N N 105 
GLU HA   H N N 106 
GLU HB2  H N N 107 
GLU HB3  H N N 108 
GLU HG2  H N N 109 
GLU HG3  H N N 110 
GLU HE2  H N N 111 
GLU HXT  H N N 112 
GLY N    N N N 113 
GLY CA   C N N 114 
GLY C    C N N 115 
GLY O    O N N 116 
GLY OXT  O N N 117 
GLY H    H N N 118 
GLY H2   H N N 119 
GLY HA2  H N N 120 
GLY HA3  H N N 121 
GLY HXT  H N N 122 
HIS N    N N N 123 
HIS CA   C N S 124 
HIS C    C N N 125 
HIS O    O N N 126 
HIS CB   C N N 127 
HIS CG   C Y N 128 
HIS ND1  N Y N 129 
HIS CD2  C Y N 130 
HIS CE1  C Y N 131 
HIS NE2  N Y N 132 
HIS OXT  O N N 133 
HIS H    H N N 134 
HIS H2   H N N 135 
HIS HA   H N N 136 
HIS HB2  H N N 137 
HIS HB3  H N N 138 
HIS HD1  H N N 139 
HIS HD2  H N N 140 
HIS HE1  H N N 141 
HIS HE2  H N N 142 
HIS HXT  H N N 143 
HOH O    O N N 144 
HOH H1   H N N 145 
HOH H2   H N N 146 
ILE N    N N N 147 
ILE CA   C N S 148 
ILE C    C N N 149 
ILE O    O N N 150 
ILE CB   C N S 151 
ILE CG1  C N N 152 
ILE CG2  C N N 153 
ILE CD1  C N N 154 
ILE OXT  O N N 155 
ILE H    H N N 156 
ILE H2   H N N 157 
ILE HA   H N N 158 
ILE HB   H N N 159 
ILE HG12 H N N 160 
ILE HG13 H N N 161 
ILE HG21 H N N 162 
ILE HG22 H N N 163 
ILE HG23 H N N 164 
ILE HD11 H N N 165 
ILE HD12 H N N 166 
ILE HD13 H N N 167 
ILE HXT  H N N 168 
LEU N    N N N 169 
LEU CA   C N S 170 
LEU C    C N N 171 
LEU O    O N N 172 
LEU CB   C N N 173 
LEU CG   C N N 174 
LEU CD1  C N N 175 
LEU CD2  C N N 176 
LEU OXT  O N N 177 
LEU H    H N N 178 
LEU H2   H N N 179 
LEU HA   H N N 180 
LEU HB2  H N N 181 
LEU HB3  H N N 182 
LEU HG   H N N 183 
LEU HD11 H N N 184 
LEU HD12 H N N 185 
LEU HD13 H N N 186 
LEU HD21 H N N 187 
LEU HD22 H N N 188 
LEU HD23 H N N 189 
LEU HXT  H N N 190 
LYS N    N N N 191 
LYS CA   C N S 192 
LYS C    C N N 193 
LYS O    O N N 194 
LYS CB   C N N 195 
LYS CG   C N N 196 
LYS CD   C N N 197 
LYS CE   C N N 198 
LYS NZ   N N N 199 
LYS OXT  O N N 200 
LYS H    H N N 201 
LYS H2   H N N 202 
LYS HA   H N N 203 
LYS HB2  H N N 204 
LYS HB3  H N N 205 
LYS HG2  H N N 206 
LYS HG3  H N N 207 
LYS HD2  H N N 208 
LYS HD3  H N N 209 
LYS HE2  H N N 210 
LYS HE3  H N N 211 
LYS HZ1  H N N 212 
LYS HZ2  H N N 213 
LYS HZ3  H N N 214 
LYS HXT  H N N 215 
MET N    N N N 216 
MET CA   C N S 217 
MET C    C N N 218 
MET O    O N N 219 
MET CB   C N N 220 
MET CG   C N N 221 
MET SD   S N N 222 
MET CE   C N N 223 
MET OXT  O N N 224 
MET H    H N N 225 
MET H2   H N N 226 
MET HA   H N N 227 
MET HB2  H N N 228 
MET HB3  H N N 229 
MET HG2  H N N 230 
MET HG3  H N N 231 
MET HE1  H N N 232 
MET HE2  H N N 233 
MET HE3  H N N 234 
MET HXT  H N N 235 
PHE N    N N N 236 
PHE CA   C N S 237 
PHE C    C N N 238 
PHE O    O N N 239 
PHE CB   C N N 240 
PHE CG   C Y N 241 
PHE CD1  C Y N 242 
PHE CD2  C Y N 243 
PHE CE1  C Y N 244 
PHE CE2  C Y N 245 
PHE CZ   C Y N 246 
PHE OXT  O N N 247 
PHE H    H N N 248 
PHE H2   H N N 249 
PHE HA   H N N 250 
PHE HB2  H N N 251 
PHE HB3  H N N 252 
PHE HD1  H N N 253 
PHE HD2  H N N 254 
PHE HE1  H N N 255 
PHE HE2  H N N 256 
PHE HZ   H N N 257 
PHE HXT  H N N 258 
PRO N    N N N 259 
PRO CA   C N S 260 
PRO C    C N N 261 
PRO O    O N N 262 
PRO CB   C N N 263 
PRO CG   C N N 264 
PRO CD   C N N 265 
PRO OXT  O N N 266 
PRO H    H N N 267 
PRO HA   H N N 268 
PRO HB2  H N N 269 
PRO HB3  H N N 270 
PRO HG2  H N N 271 
PRO HG3  H N N 272 
PRO HD2  H N N 273 
PRO HD3  H N N 274 
PRO HXT  H N N 275 
SER N    N N N 276 
SER CA   C N S 277 
SER C    C N N 278 
SER O    O N N 279 
SER CB   C N N 280 
SER OG   O N N 281 
SER OXT  O N N 282 
SER H    H N N 283 
SER H2   H N N 284 
SER HA   H N N 285 
SER HB2  H N N 286 
SER HB3  H N N 287 
SER HG   H N N 288 
SER HXT  H N N 289 
THR N    N N N 290 
THR CA   C N S 291 
THR C    C N N 292 
THR O    O N N 293 
THR CB   C N R 294 
THR OG1  O N N 295 
THR CG2  C N N 296 
THR OXT  O N N 297 
THR H    H N N 298 
THR H2   H N N 299 
THR HA   H N N 300 
THR HB   H N N 301 
THR HG1  H N N 302 
THR HG21 H N N 303 
THR HG22 H N N 304 
THR HG23 H N N 305 
THR HXT  H N N 306 
TRP N    N N N 307 
TRP CA   C N S 308 
TRP C    C N N 309 
TRP O    O N N 310 
TRP CB   C N N 311 
TRP CG   C Y N 312 
TRP CD1  C Y N 313 
TRP CD2  C Y N 314 
TRP NE1  N Y N 315 
TRP CE2  C Y N 316 
TRP CE3  C Y N 317 
TRP CZ2  C Y N 318 
TRP CZ3  C Y N 319 
TRP CH2  C Y N 320 
TRP OXT  O N N 321 
TRP H    H N N 322 
TRP H2   H N N 323 
TRP HA   H N N 324 
TRP HB2  H N N 325 
TRP HB3  H N N 326 
TRP HD1  H N N 327 
TRP HE1  H N N 328 
TRP HE3  H N N 329 
TRP HZ2  H N N 330 
TRP HZ3  H N N 331 
TRP HH2  H N N 332 
TRP HXT  H N N 333 
TYR N    N N N 334 
TYR CA   C N S 335 
TYR C    C N N 336 
TYR O    O N N 337 
TYR CB   C N N 338 
TYR CG   C Y N 339 
TYR CD1  C Y N 340 
TYR CD2  C Y N 341 
TYR CE1  C Y N 342 
TYR CE2  C Y N 343 
TYR CZ   C Y N 344 
TYR OH   O N N 345 
TYR OXT  O N N 346 
TYR H    H N N 347 
TYR H2   H N N 348 
TYR HA   H N N 349 
TYR HB2  H N N 350 
TYR HB3  H N N 351 
TYR HD1  H N N 352 
TYR HD2  H N N 353 
TYR HE1  H N N 354 
TYR HE2  H N N 355 
TYR HH   H N N 356 
TYR HXT  H N N 357 
VAL N    N N N 358 
VAL CA   C N S 359 
VAL C    C N N 360 
VAL O    O N N 361 
VAL CB   C N N 362 
VAL CG1  C N N 363 
VAL CG2  C N N 364 
VAL OXT  O N N 365 
VAL H    H N N 366 
VAL H2   H N N 367 
VAL HA   H N N 368 
VAL HB   H N N 369 
VAL HG11 H N N 370 
VAL HG12 H N N 371 
VAL HG13 H N N 372 
VAL HG21 H N N 373 
VAL HG22 H N N 374 
VAL HG23 H N N 375 
VAL HXT  H N N 376 
# 
loop_
_chem_comp_bond.comp_id 
_chem_comp_bond.atom_id_1 
_chem_comp_bond.atom_id_2 
_chem_comp_bond.value_order 
_chem_comp_bond.pdbx_aromatic_flag 
_chem_comp_bond.pdbx_stereo_config 
_chem_comp_bond.pdbx_ordinal 
ALA N   CA   sing N N 1   
ALA N   H    sing N N 2   
ALA N   H2   sing N N 3   
ALA CA  C    sing N N 4   
ALA CA  CB   sing N N 5   
ALA CA  HA   sing N N 6   
ALA C   O    doub N N 7   
ALA C   OXT  sing N N 8   
ALA CB  HB1  sing N N 9   
ALA CB  HB2  sing N N 10  
ALA CB  HB3  sing N N 11  
ALA OXT HXT  sing N N 12  
ARG N   CA   sing N N 13  
ARG N   H    sing N N 14  
ARG N   H2   sing N N 15  
ARG CA  C    sing N N 16  
ARG CA  CB   sing N N 17  
ARG CA  HA   sing N N 18  
ARG C   O    doub N N 19  
ARG C   OXT  sing N N 20  
ARG CB  CG   sing N N 21  
ARG CB  HB2  sing N N 22  
ARG CB  HB3  sing N N 23  
ARG CG  CD   sing N N 24  
ARG CG  HG2  sing N N 25  
ARG CG  HG3  sing N N 26  
ARG CD  NE   sing N N 27  
ARG CD  HD2  sing N N 28  
ARG CD  HD3  sing N N 29  
ARG NE  CZ   sing N N 30  
ARG NE  HE   sing N N 31  
ARG CZ  NH1  sing N N 32  
ARG CZ  NH2  doub N N 33  
ARG NH1 HH11 sing N N 34  
ARG NH1 HH12 sing N N 35  
ARG NH2 HH21 sing N N 36  
ARG NH2 HH22 sing N N 37  
ARG OXT HXT  sing N N 38  
ASN N   CA   sing N N 39  
ASN N   H    sing N N 40  
ASN N   H2   sing N N 41  
ASN CA  C    sing N N 42  
ASN CA  CB   sing N N 43  
ASN CA  HA   sing N N 44  
ASN C   O    doub N N 45  
ASN C   OXT  sing N N 46  
ASN CB  CG   sing N N 47  
ASN CB  HB2  sing N N 48  
ASN CB  HB3  sing N N 49  
ASN CG  OD1  doub N N 50  
ASN CG  ND2  sing N N 51  
ASN ND2 HD21 sing N N 52  
ASN ND2 HD22 sing N N 53  
ASN OXT HXT  sing N N 54  
ASP N   CA   sing N N 55  
ASP N   H    sing N N 56  
ASP N   H2   sing N N 57  
ASP CA  C    sing N N 58  
ASP CA  CB   sing N N 59  
ASP CA  HA   sing N N 60  
ASP C   O    doub N N 61  
ASP C   OXT  sing N N 62  
ASP CB  CG   sing N N 63  
ASP CB  HB2  sing N N 64  
ASP CB  HB3  sing N N 65  
ASP CG  OD1  doub N N 66  
ASP CG  OD2  sing N N 67  
ASP OD2 HD2  sing N N 68  
ASP OXT HXT  sing N N 69  
GLN N   CA   sing N N 70  
GLN N   H    sing N N 71  
GLN N   H2   sing N N 72  
GLN CA  C    sing N N 73  
GLN CA  CB   sing N N 74  
GLN CA  HA   sing N N 75  
GLN C   O    doub N N 76  
GLN C   OXT  sing N N 77  
GLN CB  CG   sing N N 78  
GLN CB  HB2  sing N N 79  
GLN CB  HB3  sing N N 80  
GLN CG  CD   sing N N 81  
GLN CG  HG2  sing N N 82  
GLN CG  HG3  sing N N 83  
GLN CD  OE1  doub N N 84  
GLN CD  NE2  sing N N 85  
GLN NE2 HE21 sing N N 86  
GLN NE2 HE22 sing N N 87  
GLN OXT HXT  sing N N 88  
GLU N   CA   sing N N 89  
GLU N   H    sing N N 90  
GLU N   H2   sing N N 91  
GLU CA  C    sing N N 92  
GLU CA  CB   sing N N 93  
GLU CA  HA   sing N N 94  
GLU C   O    doub N N 95  
GLU C   OXT  sing N N 96  
GLU CB  CG   sing N N 97  
GLU CB  HB2  sing N N 98  
GLU CB  HB3  sing N N 99  
GLU CG  CD   sing N N 100 
GLU CG  HG2  sing N N 101 
GLU CG  HG3  sing N N 102 
GLU CD  OE1  doub N N 103 
GLU CD  OE2  sing N N 104 
GLU OE2 HE2  sing N N 105 
GLU OXT HXT  sing N N 106 
GLY N   CA   sing N N 107 
GLY N   H    sing N N 108 
GLY N   H2   sing N N 109 
GLY CA  C    sing N N 110 
GLY CA  HA2  sing N N 111 
GLY CA  HA3  sing N N 112 
GLY C   O    doub N N 113 
GLY C   OXT  sing N N 114 
GLY OXT HXT  sing N N 115 
HIS N   CA   sing N N 116 
HIS N   H    sing N N 117 
HIS N   H2   sing N N 118 
HIS CA  C    sing N N 119 
HIS CA  CB   sing N N 120 
HIS CA  HA   sing N N 121 
HIS C   O    doub N N 122 
HIS C   OXT  sing N N 123 
HIS CB  CG   sing N N 124 
HIS CB  HB2  sing N N 125 
HIS CB  HB3  sing N N 126 
HIS CG  ND1  sing Y N 127 
HIS CG  CD2  doub Y N 128 
HIS ND1 CE1  doub Y N 129 
HIS ND1 HD1  sing N N 130 
HIS CD2 NE2  sing Y N 131 
HIS CD2 HD2  sing N N 132 
HIS CE1 NE2  sing Y N 133 
HIS CE1 HE1  sing N N 134 
HIS NE2 HE2  sing N N 135 
HIS OXT HXT  sing N N 136 
HOH O   H1   sing N N 137 
HOH O   H2   sing N N 138 
ILE N   CA   sing N N 139 
ILE N   H    sing N N 140 
ILE N   H2   sing N N 141 
ILE CA  C    sing N N 142 
ILE CA  CB   sing N N 143 
ILE CA  HA   sing N N 144 
ILE C   O    doub N N 145 
ILE C   OXT  sing N N 146 
ILE CB  CG1  sing N N 147 
ILE CB  CG2  sing N N 148 
ILE CB  HB   sing N N 149 
ILE CG1 CD1  sing N N 150 
ILE CG1 HG12 sing N N 151 
ILE CG1 HG13 sing N N 152 
ILE CG2 HG21 sing N N 153 
ILE CG2 HG22 sing N N 154 
ILE CG2 HG23 sing N N 155 
ILE CD1 HD11 sing N N 156 
ILE CD1 HD12 sing N N 157 
ILE CD1 HD13 sing N N 158 
ILE OXT HXT  sing N N 159 
LEU N   CA   sing N N 160 
LEU N   H    sing N N 161 
LEU N   H2   sing N N 162 
LEU CA  C    sing N N 163 
LEU CA  CB   sing N N 164 
LEU CA  HA   sing N N 165 
LEU C   O    doub N N 166 
LEU C   OXT  sing N N 167 
LEU CB  CG   sing N N 168 
LEU CB  HB2  sing N N 169 
LEU CB  HB3  sing N N 170 
LEU CG  CD1  sing N N 171 
LEU CG  CD2  sing N N 172 
LEU CG  HG   sing N N 173 
LEU CD1 HD11 sing N N 174 
LEU CD1 HD12 sing N N 175 
LEU CD1 HD13 sing N N 176 
LEU CD2 HD21 sing N N 177 
LEU CD2 HD22 sing N N 178 
LEU CD2 HD23 sing N N 179 
LEU OXT HXT  sing N N 180 
LYS N   CA   sing N N 181 
LYS N   H    sing N N 182 
LYS N   H2   sing N N 183 
LYS CA  C    sing N N 184 
LYS CA  CB   sing N N 185 
LYS CA  HA   sing N N 186 
LYS C   O    doub N N 187 
LYS C   OXT  sing N N 188 
LYS CB  CG   sing N N 189 
LYS CB  HB2  sing N N 190 
LYS CB  HB3  sing N N 191 
LYS CG  CD   sing N N 192 
LYS CG  HG2  sing N N 193 
LYS CG  HG3  sing N N 194 
LYS CD  CE   sing N N 195 
LYS CD  HD2  sing N N 196 
LYS CD  HD3  sing N N 197 
LYS CE  NZ   sing N N 198 
LYS CE  HE2  sing N N 199 
LYS CE  HE3  sing N N 200 
LYS NZ  HZ1  sing N N 201 
LYS NZ  HZ2  sing N N 202 
LYS NZ  HZ3  sing N N 203 
LYS OXT HXT  sing N N 204 
MET N   CA   sing N N 205 
MET N   H    sing N N 206 
MET N   H2   sing N N 207 
MET CA  C    sing N N 208 
MET CA  CB   sing N N 209 
MET CA  HA   sing N N 210 
MET C   O    doub N N 211 
MET C   OXT  sing N N 212 
MET CB  CG   sing N N 213 
MET CB  HB2  sing N N 214 
MET CB  HB3  sing N N 215 
MET CG  SD   sing N N 216 
MET CG  HG2  sing N N 217 
MET CG  HG3  sing N N 218 
MET SD  CE   sing N N 219 
MET CE  HE1  sing N N 220 
MET CE  HE2  sing N N 221 
MET CE  HE3  sing N N 222 
MET OXT HXT  sing N N 223 
PHE N   CA   sing N N 224 
PHE N   H    sing N N 225 
PHE N   H2   sing N N 226 
PHE CA  C    sing N N 227 
PHE CA  CB   sing N N 228 
PHE CA  HA   sing N N 229 
PHE C   O    doub N N 230 
PHE C   OXT  sing N N 231 
PHE CB  CG   sing N N 232 
PHE CB  HB2  sing N N 233 
PHE CB  HB3  sing N N 234 
PHE CG  CD1  doub Y N 235 
PHE CG  CD2  sing Y N 236 
PHE CD1 CE1  sing Y N 237 
PHE CD1 HD1  sing N N 238 
PHE CD2 CE2  doub Y N 239 
PHE CD2 HD2  sing N N 240 
PHE CE1 CZ   doub Y N 241 
PHE CE1 HE1  sing N N 242 
PHE CE2 CZ   sing Y N 243 
PHE CE2 HE2  sing N N 244 
PHE CZ  HZ   sing N N 245 
PHE OXT HXT  sing N N 246 
PRO N   CA   sing N N 247 
PRO N   CD   sing N N 248 
PRO N   H    sing N N 249 
PRO CA  C    sing N N 250 
PRO CA  CB   sing N N 251 
PRO CA  HA   sing N N 252 
PRO C   O    doub N N 253 
PRO C   OXT  sing N N 254 
PRO CB  CG   sing N N 255 
PRO CB  HB2  sing N N 256 
PRO CB  HB3  sing N N 257 
PRO CG  CD   sing N N 258 
PRO CG  HG2  sing N N 259 
PRO CG  HG3  sing N N 260 
PRO CD  HD2  sing N N 261 
PRO CD  HD3  sing N N 262 
PRO OXT HXT  sing N N 263 
SER N   CA   sing N N 264 
SER N   H    sing N N 265 
SER N   H2   sing N N 266 
SER CA  C    sing N N 267 
SER CA  CB   sing N N 268 
SER CA  HA   sing N N 269 
SER C   O    doub N N 270 
SER C   OXT  sing N N 271 
SER CB  OG   sing N N 272 
SER CB  HB2  sing N N 273 
SER CB  HB3  sing N N 274 
SER OG  HG   sing N N 275 
SER OXT HXT  sing N N 276 
THR N   CA   sing N N 277 
THR N   H    sing N N 278 
THR N   H2   sing N N 279 
THR CA  C    sing N N 280 
THR CA  CB   sing N N 281 
THR CA  HA   sing N N 282 
THR C   O    doub N N 283 
THR C   OXT  sing N N 284 
THR CB  OG1  sing N N 285 
THR CB  CG2  sing N N 286 
THR CB  HB   sing N N 287 
THR OG1 HG1  sing N N 288 
THR CG2 HG21 sing N N 289 
THR CG2 HG22 sing N N 290 
THR CG2 HG23 sing N N 291 
THR OXT HXT  sing N N 292 
TRP N   CA   sing N N 293 
TRP N   H    sing N N 294 
TRP N   H2   sing N N 295 
TRP CA  C    sing N N 296 
TRP CA  CB   sing N N 297 
TRP CA  HA   sing N N 298 
TRP C   O    doub N N 299 
TRP C   OXT  sing N N 300 
TRP CB  CG   sing N N 301 
TRP CB  HB2  sing N N 302 
TRP CB  HB3  sing N N 303 
TRP CG  CD1  doub Y N 304 
TRP CG  CD2  sing Y N 305 
TRP CD1 NE1  sing Y N 306 
TRP CD1 HD1  sing N N 307 
TRP CD2 CE2  doub Y N 308 
TRP CD2 CE3  sing Y N 309 
TRP NE1 CE2  sing Y N 310 
TRP NE1 HE1  sing N N 311 
TRP CE2 CZ2  sing Y N 312 
TRP CE3 CZ3  doub Y N 313 
TRP CE3 HE3  sing N N 314 
TRP CZ2 CH2  doub Y N 315 
TRP CZ2 HZ2  sing N N 316 
TRP CZ3 CH2  sing Y N 317 
TRP CZ3 HZ3  sing N N 318 
TRP CH2 HH2  sing N N 319 
TRP OXT HXT  sing N N 320 
TYR N   CA   sing N N 321 
TYR N   H    sing N N 322 
TYR N   H2   sing N N 323 
TYR CA  C    sing N N 324 
TYR CA  CB   sing N N 325 
TYR CA  HA   sing N N 326 
TYR C   O    doub N N 327 
TYR C   OXT  sing N N 328 
TYR CB  CG   sing N N 329 
TYR CB  HB2  sing N N 330 
TYR CB  HB3  sing N N 331 
TYR CG  CD1  doub Y N 332 
TYR CG  CD2  sing Y N 333 
TYR CD1 CE1  sing Y N 334 
TYR CD1 HD1  sing N N 335 
TYR CD2 CE2  doub Y N 336 
TYR CD2 HD2  sing N N 337 
TYR CE1 CZ   doub Y N 338 
TYR CE1 HE1  sing N N 339 
TYR CE2 CZ   sing Y N 340 
TYR CE2 HE2  sing N N 341 
TYR CZ  OH   sing N N 342 
TYR OH  HH   sing N N 343 
TYR OXT HXT  sing N N 344 
VAL N   CA   sing N N 345 
VAL N   H    sing N N 346 
VAL N   H2   sing N N 347 
VAL CA  C    sing N N 348 
VAL CA  CB   sing N N 349 
VAL CA  HA   sing N N 350 
VAL C   O    doub N N 351 
VAL C   OXT  sing N N 352 
VAL CB  CG1  sing N N 353 
VAL CB  CG2  sing N N 354 
VAL CB  HB   sing N N 355 
VAL CG1 HG11 sing N N 356 
VAL CG1 HG12 sing N N 357 
VAL CG1 HG13 sing N N 358 
VAL CG2 HG21 sing N N 359 
VAL CG2 HG22 sing N N 360 
VAL CG2 HG23 sing N N 361 
VAL OXT HXT  sing N N 362 
# 
_atom_sites.entry_id                    2QAS 
_atom_sites.fract_transf_matrix[1][1]   -0.00438228 
_atom_sites.fract_transf_matrix[1][2]   0.00220196 
_atom_sites.fract_transf_matrix[1][3]   -0.00811707 
_atom_sites.fract_transf_matrix[2][1]   0.00286193 
_atom_sites.fract_transf_matrix[2][2]   0.00749828 
_atom_sites.fract_transf_matrix[2][3]   -0.00505098 
_atom_sites.fract_transf_matrix[3][1]   0.02308980 
_atom_sites.fract_transf_matrix[3][2]   -0.02105817 
_atom_sites.fract_transf_matrix[3][3]   -0.01817839 
_atom_sites.fract_transf_vector[1]      0.602355 
_atom_sites.fract_transf_vector[2]      0.453201 
_atom_sites.fract_transf_vector[3]      -0.012265 
# 
loop_
_atom_type.symbol 
C 
N 
O 
S 
# 
loop_
_atom_site.group_PDB 
_atom_site.id 
_atom_site.type_symbol 
_atom_site.label_atom_id 
_atom_site.label_alt_id 
_atom_site.label_comp_id 
_atom_site.label_asym_id 
_atom_site.label_entity_id 
_atom_site.label_seq_id 
_atom_site.pdbx_PDB_ins_code 
_atom_site.Cartn_x 
_atom_site.Cartn_y 
_atom_site.Cartn_z 
_atom_site.occupancy 
_atom_site.B_iso_or_equiv 
_atom_site.pdbx_formal_charge 
_atom_site.auth_seq_id 
_atom_site.auth_comp_id 
_atom_site.auth_asym_id 
_atom_site.auth_atom_id 
_atom_site.pdbx_PDB_model_num 
ATOM   1    N N   . PRO A 1 9   ? 9.139   33.241  5.226   1.00 122.30 ? 6   PRO A N   1 
ATOM   2    C CA  . PRO A 1 9   ? 10.393  32.474  5.432   1.00 121.82 ? 6   PRO A CA  1 
ATOM   3    C C   . PRO A 1 9   ? 10.231  31.444  6.554   1.00 120.88 ? 6   PRO A C   1 
ATOM   4    O O   . PRO A 1 9   ? 9.222   31.442  7.264   1.00 121.41 ? 6   PRO A O   1 
ATOM   5    C CB  . PRO A 1 9   ? 11.476  33.494  5.773   1.00 122.10 ? 6   PRO A CB  1 
ATOM   6    C CG  . PRO A 1 9   ? 10.646  34.616  6.396   1.00 122.50 ? 6   PRO A CG  1 
ATOM   7    C CD  . PRO A 1 9   ? 9.361   34.662  5.549   1.00 122.36 ? 6   PRO A CD  1 
ATOM   8    N N   . PRO A 1 10  ? 11.217  30.542  6.721   1.00 119.48 ? 7   PRO A N   1 
ATOM   9    C CA  . PRO A 1 10  ? 12.444  30.440  5.919   1.00 117.21 ? 7   PRO A CA  1 
ATOM   10   C C   . PRO A 1 10  ? 12.419  29.269  4.922   1.00 114.52 ? 7   PRO A C   1 
ATOM   11   O O   . PRO A 1 10  ? 11.987  28.162  5.263   1.00 114.15 ? 7   PRO A O   1 
ATOM   12   C CB  . PRO A 1 10  ? 13.518  30.268  6.983   1.00 117.71 ? 7   PRO A CB  1 
ATOM   13   C CG  . PRO A 1 10  ? 12.835  29.354  7.958   1.00 118.38 ? 7   PRO A CG  1 
ATOM   14   C CD  . PRO A 1 10  ? 11.407  29.894  8.036   1.00 119.15 ? 7   PRO A CD  1 
ATOM   15   N N   . GLU A 1 11  ? 12.873  29.520  3.695   1.00 110.78 ? 8   GLU A N   1 
ATOM   16   C CA  . GLU A 1 11  ? 12.918  28.479  2.669   1.00 106.26 ? 8   GLU A CA  1 
ATOM   17   C C   . GLU A 1 11  ? 13.870  27.371  3.138   1.00 101.79 ? 8   GLU A C   1 
ATOM   18   O O   . GLU A 1 11  ? 15.020  27.639  3.499   1.00 100.98 ? 8   GLU A O   1 
ATOM   19   C CB  . GLU A 1 11  ? 13.416  29.054  1.334   1.00 108.31 ? 8   GLU A CB  1 
ATOM   20   C CG  . GLU A 1 11  ? 12.584  30.212  0.770   1.00 111.10 ? 8   GLU A CG  1 
ATOM   21   C CD  . GLU A 1 11  ? 12.792  31.528  1.517   1.00 112.45 ? 8   GLU A CD  1 
ATOM   22   O OE1 . GLU A 1 11  ? 13.949  31.996  1.597   1.00 112.72 ? 8   GLU A OE1 1 
ATOM   23   O OE2 . GLU A 1 11  ? 11.799  32.101  2.017   1.00 112.73 ? 8   GLU A OE2 1 
ATOM   24   N N   . ASP A 1 12  ? 13.382  26.132  3.127   1.00 95.78  ? 9   ASP A N   1 
ATOM   25   C CA  . ASP A 1 12  ? 14.159  24.969  3.565   1.00 88.88  ? 9   ASP A CA  1 
ATOM   26   C C   . ASP A 1 12  ? 14.952  24.343  2.416   1.00 84.35  ? 9   ASP A C   1 
ATOM   27   O O   . ASP A 1 12  ? 14.404  23.587  1.619   1.00 83.85  ? 9   ASP A O   1 
ATOM   28   C CB  . ASP A 1 12  ? 13.209  23.919  4.152   1.00 88.75  ? 9   ASP A CB  1 
ATOM   29   C CG  . ASP A 1 12  ? 13.915  22.916  5.038   1.00 87.36  ? 9   ASP A CG  1 
ATOM   30   O OD1 . ASP A 1 12  ? 15.081  22.579  4.743   1.00 86.55  ? 9   ASP A OD1 1 
ATOM   31   O OD2 . ASP A 1 12  ? 13.294  22.459  6.022   1.00 85.83  ? 9   ASP A OD2 1 
ATOM   32   N N   . LEU A 1 13  ? 16.243  24.647  2.340   1.00 79.35  ? 10  LEU A N   1 
ATOM   33   C CA  . LEU A 1 13  ? 17.080  24.105  1.278   1.00 74.80  ? 10  LEU A CA  1 
ATOM   34   C C   . LEU A 1 13  ? 17.467  22.662  1.582   1.00 72.61  ? 10  LEU A C   1 
ATOM   35   O O   . LEU A 1 13  ? 18.038  21.966  0.741   1.00 70.36  ? 10  LEU A O   1 
ATOM   36   C CB  . LEU A 1 13  ? 18.344  24.954  1.107   1.00 74.53  ? 10  LEU A CB  1 
ATOM   37   C CG  . LEU A 1 13  ? 18.189  26.480  1.089   1.00 74.70  ? 10  LEU A CG  1 
ATOM   38   C CD1 . LEU A 1 13  ? 19.502  27.121  0.658   1.00 73.04  ? 10  LEU A CD1 1 
ATOM   39   C CD2 . LEU A 1 13  ? 17.070  26.882  0.141   1.00 74.34  ? 10  LEU A CD2 1 
ATOM   40   N N   . MET A 1 14  ? 17.164  22.219  2.794   1.00 70.87  ? 11  MET A N   1 
ATOM   41   C CA  . MET A 1 14  ? 17.469  20.851  3.194   1.00 71.07  ? 11  MET A CA  1 
ATOM   42   C C   . MET A 1 14  ? 16.273  19.939  2.914   1.00 71.15  ? 11  MET A C   1 
ATOM   43   O O   . MET A 1 14  ? 16.410  18.716  2.869   1.00 70.38  ? 11  MET A O   1 
ATOM   44   C CB  . MET A 1 14  ? 17.806  20.798  4.684   1.00 71.57  ? 11  MET A CB  1 
ATOM   45   C CG  . MET A 1 14  ? 19.076  21.510  5.066   1.00 71.83  ? 11  MET A CG  1 
ATOM   46   S SD  . MET A 1 14  ? 20.524  20.692  4.394   1.00 74.11  ? 11  MET A SD  1 
ATOM   47   C CE  . MET A 1 14  ? 20.867  19.465  5.682   1.00 71.23  ? 11  MET A CE  1 
ATOM   48   N N   . GLN A 1 15  ? 15.100  20.545  2.728   1.00 71.10  ? 12  GLN A N   1 
ATOM   49   C CA  . GLN A 1 15  ? 13.879  19.790  2.463   1.00 70.44  ? 12  GLN A CA  1 
ATOM   50   C C   . GLN A 1 15  ? 13.724  18.727  3.540   1.00 68.38  ? 12  GLN A C   1 
ATOM   51   O O   . GLN A 1 15  ? 13.557  17.542  3.246   1.00 68.75  ? 12  GLN A O   1 
ATOM   52   C CB  . GLN A 1 15  ? 13.961  19.114  1.098   1.00 73.03  ? 12  GLN A CB  1 
ATOM   53   C CG  . GLN A 1 15  ? 14.407  20.027  -0.024  1.00 76.88  ? 12  GLN A CG  1 
ATOM   54   C CD  . GLN A 1 15  ? 14.520  19.284  -1.344  1.00 80.08  ? 12  GLN A CD  1 
ATOM   55   O OE1 . GLN A 1 15  ? 13.520  18.789  -1.874  1.00 80.70  ? 12  GLN A OE1 1 
ATOM   56   N NE2 . GLN A 1 15  ? 15.739  19.193  -1.878  1.00 80.03  ? 12  GLN A NE2 1 
ATOM   57   N N   . TYR A 1 16  ? 13.790  19.150  4.793   1.00 64.65  ? 13  TYR A N   1 
ATOM   58   C CA  . TYR A 1 16  ? 13.668  18.214  5.890   1.00 62.96  ? 13  TYR A CA  1 
ATOM   59   C C   . TYR A 1 16  ? 12.332  17.500  5.842   1.00 63.83  ? 13  TYR A C   1 
ATOM   60   O O   . TYR A 1 16  ? 12.260  16.286  6.048   1.00 62.18  ? 13  TYR A O   1 
ATOM   61   C CB  . TYR A 1 16  ? 13.837  18.936  7.231   1.00 58.85  ? 13  TYR A CB  1 
ATOM   62   C CG  . TYR A 1 16  ? 15.275  19.283  7.542   1.00 56.38  ? 13  TYR A CG  1 
ATOM   63   C CD1 . TYR A 1 16  ? 15.672  20.608  7.743   1.00 53.96  ? 13  TYR A CD1 1 
ATOM   64   C CD2 . TYR A 1 16  ? 16.245  18.282  7.641   1.00 55.27  ? 13  TYR A CD2 1 
ATOM   65   C CE1 . TYR A 1 16  ? 17.003  20.924  8.037   1.00 53.36  ? 13  TYR A CE1 1 
ATOM   66   C CE2 . TYR A 1 16  ? 17.576  18.588  7.936   1.00 53.26  ? 13  TYR A CE2 1 
ATOM   67   C CZ  . TYR A 1 16  ? 17.946  19.911  8.133   1.00 53.95  ? 13  TYR A CZ  1 
ATOM   68   O OH  . TYR A 1 16  ? 19.256  20.217  8.424   1.00 52.99  ? 13  TYR A OH  1 
ATOM   69   N N   . GLU A 1 17  ? 11.276  18.251  5.552   1.00 65.03  ? 14  GLU A N   1 
ATOM   70   C CA  . GLU A 1 17  ? 9.945   17.666  5.498   1.00 66.80  ? 14  GLU A CA  1 
ATOM   71   C C   . GLU A 1 17  ? 9.817   16.578  4.431   1.00 64.77  ? 14  GLU A C   1 
ATOM   72   O O   . GLU A 1 17  ? 9.148   15.567  4.642   1.00 62.16  ? 14  GLU A O   1 
ATOM   73   C CB  . GLU A 1 17  ? 8.890   18.753  5.275   1.00 70.08  ? 14  GLU A CB  1 
ATOM   74   C CG  . GLU A 1 17  ? 7.527   18.301  5.752   1.00 75.34  ? 14  GLU A CG  1 
ATOM   75   C CD  . GLU A 1 17  ? 7.636   17.462  7.029   1.00 80.47  ? 14  GLU A CD  1 
ATOM   76   O OE1 . GLU A 1 17  ? 8.209   17.965  8.033   1.00 78.94  ? 14  GLU A OE1 1 
ATOM   77   O OE2 . GLU A 1 17  ? 7.162   16.297  7.019   1.00 81.58  ? 14  GLU A OE2 1 
ATOM   78   N N   . ALA A 1 18  ? 10.464  16.786  3.291   1.00 63.34  ? 15  ALA A N   1 
ATOM   79   C CA  . ALA A 1 18  ? 10.430  15.801  2.224   1.00 62.58  ? 15  ALA A CA  1 
ATOM   80   C C   . ALA A 1 18  ? 11.215  14.564  2.650   1.00 62.84  ? 15  ALA A C   1 
ATOM   81   O O   . ALA A 1 18  ? 10.773  13.443  2.422   1.00 63.93  ? 15  ALA A O   1 
ATOM   82   C CB  . ALA A 1 18  ? 11.022  16.380  0.955   1.00 60.71  ? 15  ALA A CB  1 
ATOM   83   N N   . MET A 1 19  ? 12.373  14.767  3.273   1.00 63.18  ? 16  MET A N   1 
ATOM   84   C CA  . MET A 1 19  ? 13.201  13.644  3.722   1.00 63.21  ? 16  MET A CA  1 
ATOM   85   C C   . MET A 1 19  ? 12.495  12.836  4.808   1.00 62.41  ? 16  MET A C   1 
ATOM   86   O O   . MET A 1 19  ? 12.691  11.628  4.920   1.00 62.21  ? 16  MET A O   1 
ATOM   87   C CB  . MET A 1 19  ? 14.543  14.140  4.266   1.00 65.38  ? 16  MET A CB  1 
ATOM   88   C CG  . MET A 1 19  ? 15.449  14.821  3.258   1.00 66.52  ? 16  MET A CG  1 
ATOM   89   S SD  . MET A 1 19  ? 16.910  15.480  4.099   1.00 72.04  ? 16  MET A SD  1 
ATOM   90   C CE  . MET A 1 19  ? 18.181  14.590  3.302   1.00 72.08  ? 16  MET A CE  1 
ATOM   91   N N   . ALA A 1 20  ? 11.689  13.507  5.619   1.00 62.34  ? 17  ALA A N   1 
ATOM   92   C CA  . ALA A 1 20  ? 10.955  12.824  6.675   1.00 64.48  ? 17  ALA A CA  1 
ATOM   93   C C   . ALA A 1 20  ? 9.843   11.968  6.060   1.00 65.59  ? 17  ALA A C   1 
ATOM   94   O O   . ALA A 1 20  ? 9.487   10.919  6.595   1.00 65.32  ? 17  ALA A O   1 
ATOM   95   C CB  . ALA A 1 20  ? 10.361  13.844  7.641   1.00 63.81  ? 17  ALA A CB  1 
ATOM   96   N N   . GLN A 1 21  ? 9.308   12.432  4.934   1.00 67.86  ? 18  GLN A N   1 
ATOM   97   C CA  . GLN A 1 21  ? 8.241   11.736  4.222   1.00 71.38  ? 18  GLN A CA  1 
ATOM   98   C C   . GLN A 1 21  ? 8.780   10.428  3.639   1.00 71.61  ? 18  GLN A C   1 
ATOM   99   O O   . GLN A 1 21  ? 8.171   9.378   3.792   1.00 72.31  ? 18  GLN A O   1 
ATOM   100  C CB  . GLN A 1 21  ? 7.711   12.621  3.092   1.00 75.28  ? 18  GLN A CB  1 
ATOM   101  C CG  . GLN A 1 21  ? 6.226   12.472  2.804   1.00 79.40  ? 18  GLN A CG  1 
ATOM   102  C CD  . GLN A 1 21  ? 5.360   13.166  3.846   1.00 82.89  ? 18  GLN A CD  1 
ATOM   103  O OE1 . GLN A 1 21  ? 5.456   12.884  5.048   1.00 82.06  ? 18  GLN A OE1 1 
ATOM   104  N NE2 . GLN A 1 21  ? 4.500   14.077  3.387   1.00 83.95  ? 18  GLN A NE2 1 
ATOM   105  N N   . ASP A 1 22  ? 9.924   10.499  2.968   1.00 71.99  ? 19  ASP A N   1 
ATOM   106  C CA  . ASP A 1 22  ? 10.537  9.312   2.387   1.00 73.03  ? 19  ASP A CA  1 
ATOM   107  C C   . ASP A 1 22  ? 10.911  8.344   3.485   1.00 71.60  ? 19  ASP A C   1 
ATOM   108  O O   . ASP A 1 22  ? 10.656  7.145   3.386   1.00 73.19  ? 19  ASP A O   1 
ATOM   109  C CB  . ASP A 1 22  ? 11.800  9.675   1.614   1.00 76.96  ? 19  ASP A CB  1 
ATOM   110  C CG  . ASP A 1 22  ? 11.531  10.654  0.509   1.00 83.65  ? 19  ASP A CG  1 
ATOM   111  O OD1 . ASP A 1 22  ? 10.591  10.403  -0.282  1.00 86.76  ? 19  ASP A OD1 1 
ATOM   112  O OD2 . ASP A 1 22  ? 12.256  11.673  0.431   1.00 88.26  ? 19  ASP A OD2 1 
ATOM   113  N N   . ALA A 1 23  ? 11.542  8.871   4.525   1.00 68.10  ? 20  ALA A N   1 
ATOM   114  C CA  . ALA A 1 23  ? 11.947  8.047   5.646   1.00 65.45  ? 20  ALA A CA  1 
ATOM   115  C C   . ALA A 1 23  ? 10.750  7.238   6.130   1.00 63.21  ? 20  ALA A C   1 
ATOM   116  O O   . ALA A 1 23  ? 10.867  6.049   6.405   1.00 62.12  ? 20  ALA A O   1 
ATOM   117  C CB  . ALA A 1 23  ? 12.482  8.925   6.780   1.00 64.01  ? 20  ALA A CB  1 
ATOM   118  N N   . LEU A 1 24  ? 9.594   7.883   6.215   1.00 60.96  ? 21  LEU A N   1 
ATOM   119  C CA  . LEU A 1 24  ? 8.404   7.209   6.700   1.00 62.42  ? 21  LEU A CA  1 
ATOM   120  C C   . LEU A 1 24  ? 7.784   6.186   5.741   1.00 63.65  ? 21  LEU A C   1 
ATOM   121  O O   . LEU A 1 24  ? 7.082   5.270   6.180   1.00 63.37  ? 21  LEU A O   1 
ATOM   122  C CB  . LEU A 1 24  ? 7.370   8.245   7.137   1.00 60.80  ? 21  LEU A CB  1 
ATOM   123  C CG  . LEU A 1 24  ? 7.794   8.949   8.427   1.00 59.15  ? 21  LEU A CG  1 
ATOM   124  C CD1 . LEU A 1 24  ? 6.810   10.050  8.773   1.00 57.33  ? 21  LEU A CD1 1 
ATOM   125  C CD2 . LEU A 1 24  ? 7.880   7.923   9.555   1.00 57.71  ? 21  LEU A CD2 1 
ATOM   126  N N   . ARG A 1 25  ? 8.031   6.329   4.442   1.00 63.77  ? 22  ARG A N   1 
ATOM   127  C CA  . ARG A 1 25  ? 7.504   5.355   3.495   1.00 63.85  ? 22  ARG A CA  1 
ATOM   128  C C   . ARG A 1 25  ? 8.127   4.015   3.862   1.00 62.94  ? 22  ARG A C   1 
ATOM   129  O O   . ARG A 1 25  ? 7.541   2.953   3.626   1.00 64.62  ? 22  ARG A O   1 
ATOM   130  C CB  . ARG A 1 25  ? 7.874   5.727   2.056   1.00 65.79  ? 22  ARG A CB  1 
ATOM   131  C CG  . ARG A 1 25  ? 7.124   6.943   1.522   1.00 69.15  ? 22  ARG A CG  1 
ATOM   132  C CD  . ARG A 1 25  ? 7.481   7.224   0.071   1.00 71.39  ? 22  ARG A CD  1 
ATOM   133  N NE  . ARG A 1 25  ? 6.741   8.372   -0.458  1.00 75.12  ? 22  ARG A NE  1 
ATOM   134  C CZ  . ARG A 1 25  ? 5.432   8.378   -0.700  1.00 76.48  ? 22  ARG A CZ  1 
ATOM   135  N NH1 . ARG A 1 25  ? 4.706   7.293   -0.463  1.00 78.36  ? 22  ARG A NH1 1 
ATOM   136  N NH2 . ARG A 1 25  ? 4.845   9.472   -1.175  1.00 75.73  ? 22  ARG A NH2 1 
ATOM   137  N N   . GLY A 1 26  ? 9.310   4.086   4.467   1.00 59.60  ? 23  GLY A N   1 
ATOM   138  C CA  . GLY A 1 26  ? 10.028  2.894   4.879   1.00 57.00  ? 23  GLY A CA  1 
ATOM   139  C C   . GLY A 1 26  ? 9.318   2.075   5.939   1.00 56.05  ? 23  GLY A C   1 
ATOM   140  O O   . GLY A 1 26  ? 9.627   0.894   6.116   1.00 53.90  ? 23  GLY A O   1 
ATOM   141  N N   . VAL A 1 27  ? 8.381   2.688   6.659   1.00 56.04  ? 24  VAL A N   1 
ATOM   142  C CA  . VAL A 1 27  ? 7.631   1.960   7.684   1.00 55.96  ? 24  VAL A CA  1 
ATOM   143  C C   . VAL A 1 27  ? 6.661   1.013   6.975   1.00 54.92  ? 24  VAL A C   1 
ATOM   144  O O   . VAL A 1 27  ? 6.392   -0.095  7.443   1.00 52.98  ? 24  VAL A O   1 
ATOM   145  C CB  . VAL A 1 27  ? 6.825   2.914   8.600   1.00 56.50  ? 24  VAL A CB  1 
ATOM   146  C CG1 . VAL A 1 27  ? 5.926   2.109   9.532   1.00 58.10  ? 24  VAL A CG1 1 
ATOM   147  C CG2 . VAL A 1 27  ? 7.768   3.769   9.420   1.00 55.56  ? 24  VAL A CG2 1 
ATOM   148  N N   . VAL A 1 28  ? 6.142   1.459   5.837   1.00 54.80  ? 25  VAL A N   1 
ATOM   149  C CA  . VAL A 1 28  ? 5.224   0.640   5.060   1.00 54.65  ? 25  VAL A CA  1 
ATOM   150  C C   . VAL A 1 28  ? 5.980   -0.593  4.590   1.00 54.92  ? 25  VAL A C   1 
ATOM   151  O O   . VAL A 1 28  ? 5.508   -1.718  4.723   1.00 54.71  ? 25  VAL A O   1 
ATOM   152  C CB  . VAL A 1 28  ? 4.694   1.412   3.844   1.00 54.93  ? 25  VAL A CB  1 
ATOM   153  C CG1 . VAL A 1 28  ? 3.809   0.515   3.003   1.00 52.51  ? 25  VAL A CG1 1 
ATOM   154  C CG2 . VAL A 1 28  ? 3.920   2.652   4.320   1.00 55.81  ? 25  VAL A CG2 1 
ATOM   155  N N   . LYS A 1 29  ? 7.169   -0.374  4.050   1.00 56.10  ? 26  LYS A N   1 
ATOM   156  C CA  . LYS A 1 29  ? 7.994   -1.472  3.576   1.00 56.33  ? 26  LYS A CA  1 
ATOM   157  C C   . LYS A 1 29  ? 8.334   -2.450  4.687   1.00 55.00  ? 26  LYS A C   1 
ATOM   158  O O   . LYS A 1 29  ? 8.324   -3.666  4.488   1.00 56.47  ? 26  LYS A O   1 
ATOM   159  C CB  . LYS A 1 29  ? 9.275   -0.920  2.983   1.00 58.56  ? 26  LYS A CB  1 
ATOM   160  C CG  . LYS A 1 29  ? 10.338  -1.946  2.734   1.00 59.78  ? 26  LYS A CG  1 
ATOM   161  C CD  . LYS A 1 29  ? 11.483  -1.261  2.039   1.00 64.03  ? 26  LYS A CD  1 
ATOM   162  C CE  . LYS A 1 29  ? 12.678  -2.165  1.893   1.00 66.25  ? 26  LYS A CE  1 
ATOM   163  N NZ  . LYS A 1 29  ? 13.822  -1.348  1.407   1.00 69.20  ? 26  LYS A NZ  1 
ATOM   164  N N   . ALA A 1 30  ? 8.639   -1.929  5.865   1.00 52.80  ? 27  ALA A N   1 
ATOM   165  C CA  . ALA A 1 30  ? 8.977   -2.807  6.976   1.00 53.62  ? 27  ALA A CA  1 
ATOM   166  C C   . ALA A 1 30  ? 7.746   -3.574  7.459   1.00 53.92  ? 27  ALA A C   1 
ATOM   167  O O   . ALA A 1 30  ? 7.855   -4.730  7.862   1.00 55.65  ? 27  ALA A O   1 
ATOM   168  C CB  . ALA A 1 30  ? 9.586   -2.009  8.108   1.00 50.99  ? 27  ALA A CB  1 
ATOM   169  N N   . ALA A 1 31  ? 6.578   -2.933  7.413   1.00 53.01  ? 28  ALA A N   1 
ATOM   170  C CA  . ALA A 1 31  ? 5.328   -3.571  7.822   1.00 51.06  ? 28  ALA A CA  1 
ATOM   171  C C   . ALA A 1 31  ? 4.961   -4.679  6.822   1.00 52.08  ? 28  ALA A C   1 
ATOM   172  O O   . ALA A 1 31  ? 4.478   -5.749  7.211   1.00 51.03  ? 28  ALA A O   1 
ATOM   173  C CB  . ALA A 1 31  ? 4.212   -2.536  7.891   1.00 50.49  ? 28  ALA A CB  1 
ATOM   174  N N   . LEU A 1 32  ? 5.190   -4.424  5.536   1.00 51.43  ? 29  LEU A N   1 
ATOM   175  C CA  . LEU A 1 32  ? 4.899   -5.423  4.515   1.00 53.44  ? 29  LEU A CA  1 
ATOM   176  C C   . LEU A 1 32  ? 5.842   -6.625  4.595   1.00 56.44  ? 29  LEU A C   1 
ATOM   177  O O   . LEU A 1 32  ? 5.521   -7.690  4.090   1.00 58.01  ? 29  LEU A O   1 
ATOM   178  C CB  . LEU A 1 32  ? 4.956   -4.804  3.111   1.00 50.47  ? 29  LEU A CB  1 
ATOM   179  C CG  . LEU A 1 32  ? 3.803   -3.839  2.802   1.00 49.94  ? 29  LEU A CG  1 
ATOM   180  C CD1 . LEU A 1 32  ? 3.982   -3.200  1.449   1.00 48.47  ? 29  LEU A CD1 1 
ATOM   181  C CD2 . LEU A 1 32  ? 2.494   -4.593  2.845   1.00 50.85  ? 29  LEU A CD2 1 
ATOM   182  N N   . LYS A 1 33  ? 7.005   -6.464  5.222   1.00 59.71  ? 30  LYS A N   1 
ATOM   183  C CA  . LYS A 1 33  ? 7.937   -7.585  5.345   1.00 63.09  ? 30  LYS A CA  1 
ATOM   184  C C   . LYS A 1 33  ? 7.493   -8.495  6.472   1.00 63.39  ? 30  LYS A C   1 
ATOM   185  O O   . LYS A 1 33  ? 7.724   -9.699  6.434   1.00 64.97  ? 30  LYS A O   1 
ATOM   186  C CB  . LYS A 1 33  ? 9.380   -7.105  5.582   1.00 65.69  ? 30  LYS A CB  1 
ATOM   187  C CG  . LYS A 1 33  ? 10.032  -6.568  4.317   1.00 68.70  ? 30  LYS A CG  1 
ATOM   188  C CD  . LYS A 1 33  ? 11.515  -6.293  4.477   1.00 71.79  ? 30  LYS A CD  1 
ATOM   189  C CE  . LYS A 1 33  ? 12.136  -5.906  3.127   1.00 73.81  ? 30  LYS A CE  1 
ATOM   190  N NZ  . LYS A 1 33  ? 13.619  -5.666  3.196   1.00 77.62  ? 30  LYS A NZ  1 
ATOM   191  N N   . LYS A 1 34  ? 6.854   -7.922  7.481   1.00 63.79  ? 31  LYS A N   1 
ATOM   192  C CA  . LYS A 1 34  ? 6.350   -8.732  8.579   1.00 64.98  ? 31  LYS A CA  1 
ATOM   193  C C   . LYS A 1 34  ? 5.107   -9.470  8.085   1.00 65.00  ? 31  LYS A C   1 
ATOM   194  O O   . LYS A 1 34  ? 4.829   -10.588 8.506   1.00 65.98  ? 31  LYS A O   1 
ATOM   195  C CB  . LYS A 1 34  ? 5.990   -7.852  9.781   1.00 66.57  ? 31  LYS A CB  1 
ATOM   196  C CG  . LYS A 1 34  ? 7.176   -7.124  10.393  1.00 68.24  ? 31  LYS A CG  1 
ATOM   197  C CD  . LYS A 1 34  ? 6.786   -6.423  11.682  1.00 70.89  ? 31  LYS A CD  1 
ATOM   198  C CE  . LYS A 1 34  ? 7.980   -5.709  12.310  1.00 72.78  ? 31  LYS A CE  1 
ATOM   199  N NZ  . LYS A 1 34  ? 7.647   -5.146  13.658  1.00 74.57  ? 31  LYS A NZ  1 
ATOM   200  N N   . ALA A 1 35  ? 4.366   -8.835  7.180   1.00 65.73  ? 32  ALA A N   1 
ATOM   201  C CA  . ALA A 1 35  ? 3.152   -9.429  6.625   1.00 66.45  ? 32  ALA A CA  1 
ATOM   202  C C   . ALA A 1 35  ? 3.497   -10.522 5.623   1.00 67.99  ? 32  ALA A C   1 
ATOM   203  O O   . ALA A 1 35  ? 2.707   -11.432 5.385   1.00 69.01  ? 32  ALA A O   1 
ATOM   204  C CB  . ALA A 1 35  ? 2.304   -8.353  5.945   1.00 63.55  ? 32  ALA A CB  1 
ATOM   205  N N   . ALA A 1 36  ? 4.679   -10.424 5.025   1.00 70.29  ? 33  ALA A N   1 
ATOM   206  C CA  . ALA A 1 36  ? 5.113   -11.409 4.046   1.00 71.31  ? 33  ALA A CA  1 
ATOM   207  C C   . ALA A 1 36  ? 5.750   -12.599 4.745   1.00 72.89  ? 33  ALA A C   1 
ATOM   208  O O   . ALA A 1 36  ? 6.014   -13.623 4.121   1.00 73.26  ? 33  ALA A O   1 
ATOM   209  C CB  . ALA A 1 36  ? 6.095   -10.780 3.076   1.00 69.69  ? 33  ALA A CB  1 
ATOM   210  N N   . ALA A 1 37  ? 5.991   -12.460 6.043   1.00 75.77  ? 34  ALA A N   1 
ATOM   211  C CA  . ALA A 1 37  ? 6.593   -13.531 6.832   1.00 79.41  ? 34  ALA A CA  1 
ATOM   212  C C   . ALA A 1 37  ? 5.638   -14.716 6.919   1.00 82.20  ? 34  ALA A C   1 
ATOM   213  O O   . ALA A 1 37  ? 4.433   -14.544 7.107   1.00 82.32  ? 34  ALA A O   1 
ATOM   214  C CB  . ALA A 1 37  ? 6.929   -13.028 8.239   1.00 77.48  ? 34  ALA A CB  1 
ATOM   215  N N   . PRO A 1 38  ? 6.168   -15.943 6.792   1.00 85.11  ? 35  PRO A N   1 
ATOM   216  C CA  . PRO A 1 38  ? 5.302   -17.128 6.870   1.00 86.37  ? 35  PRO A CA  1 
ATOM   217  C C   . PRO A 1 38  ? 4.430   -17.073 8.128   1.00 87.05  ? 35  PRO A C   1 
ATOM   218  O O   . PRO A 1 38  ? 4.940   -17.060 9.255   1.00 86.89  ? 35  PRO A O   1 
ATOM   219  C CB  . PRO A 1 38  ? 6.302   -18.286 6.881   1.00 86.64  ? 35  PRO A CB  1 
ATOM   220  C CG  . PRO A 1 38  ? 7.535   -17.668 7.513   1.00 86.73  ? 35  PRO A CG  1 
ATOM   221  C CD  . PRO A 1 38  ? 7.592   -16.320 6.840   1.00 86.00  ? 35  PRO A CD  1 
ATOM   222  N N   . GLY A 1 39  ? 3.115   -17.030 7.923   1.00 86.63  ? 36  GLY A N   1 
ATOM   223  C CA  . GLY A 1 39  ? 2.189   -16.943 9.040   1.00 84.78  ? 36  GLY A CA  1 
ATOM   224  C C   . GLY A 1 39  ? 1.439   -15.623 8.978   1.00 84.08  ? 36  GLY A C   1 
ATOM   225  O O   . GLY A 1 39  ? 0.405   -15.449 9.628   1.00 84.06  ? 36  GLY A O   1 
ATOM   226  N N   . GLY A 1 40  ? 1.968   -14.686 8.192   1.00 81.74  ? 37  GLY A N   1 
ATOM   227  C CA  . GLY A 1 40  ? 1.336   -13.390 8.035   1.00 79.32  ? 37  GLY A CA  1 
ATOM   228  C C   . GLY A 1 40  ? 1.499   -12.445 9.209   1.00 78.53  ? 37  GLY A C   1 
ATOM   229  O O   . GLY A 1 40  ? 2.382   -12.611 10.048  1.00 78.61  ? 37  GLY A O   1 
ATOM   230  N N   . LEU A 1 41  ? 0.634   -11.438 9.258   1.00 77.87  ? 38  LEU A N   1 
ATOM   231  C CA  . LEU A 1 41  ? 0.654   -10.445 10.321  1.00 77.43  ? 38  LEU A CA  1 
ATOM   232  C C   . LEU A 1 41  ? 0.145   -11.028 11.626  1.00 77.76  ? 38  LEU A C   1 
ATOM   233  O O   . LEU A 1 41  ? -0.625  -11.986 11.628  1.00 78.22  ? 38  LEU A O   1 
ATOM   234  C CB  . LEU A 1 41  ? -0.248  -9.265  9.954   1.00 77.02  ? 38  LEU A CB  1 
ATOM   235  C CG  . LEU A 1 41  ? 0.117   -8.352  8.787   1.00 76.80  ? 38  LEU A CG  1 
ATOM   236  C CD1 . LEU A 1 41  ? -1.129  -7.619  8.320   1.00 76.34  ? 38  LEU A CD1 1 
ATOM   237  C CD2 . LEU A 1 41  ? 1.204   -7.379  9.210   1.00 75.70  ? 38  LEU A CD2 1 
ATOM   238  N N   . PRO A 1 42  ? 0.579   -10.461 12.764  1.00 77.65  ? 39  PRO A N   1 
ATOM   239  C CA  . PRO A 1 42  ? 0.113   -10.963 14.058  1.00 76.85  ? 39  PRO A CA  1 
ATOM   240  C C   . PRO A 1 42  ? -1.272  -10.360 14.283  1.00 76.39  ? 39  PRO A C   1 
ATOM   241  O O   . PRO A 1 42  ? -1.403  -9.147  14.461  1.00 75.05  ? 39  PRO A O   1 
ATOM   242  C CB  . PRO A 1 42  ? 1.151   -10.414 15.031  1.00 76.36  ? 39  PRO A CB  1 
ATOM   243  C CG  . PRO A 1 42  ? 1.523   -9.103  14.404  1.00 76.89  ? 39  PRO A CG  1 
ATOM   244  C CD  . PRO A 1 42  ? 1.652   -9.466  12.939  1.00 76.21  ? 39  PRO A CD  1 
ATOM   245  N N   . GLU A 1 43  ? -2.305  -11.195 14.246  1.00 76.63  ? 40  GLU A N   1 
ATOM   246  C CA  . GLU A 1 43  ? -3.669  -10.702 14.433  1.00 77.31  ? 40  GLU A CA  1 
ATOM   247  C C   . GLU A 1 43  ? -3.805  -9.904  15.726  1.00 73.52  ? 40  GLU A C   1 
ATOM   248  O O   . GLU A 1 43  ? -3.085  -10.146 16.695  1.00 74.42  ? 40  GLU A O   1 
ATOM   249  C CB  . GLU A 1 43  ? -4.668  -11.864 14.420  1.00 81.48  ? 40  GLU A CB  1 
ATOM   250  C CG  . GLU A 1 43  ? -4.220  -13.102 15.185  1.00 89.28  ? 40  GLU A CG  1 
ATOM   251  C CD  . GLU A 1 43  ? -3.251  -13.965 14.388  1.00 93.54  ? 40  GLU A CD  1 
ATOM   252  O OE1 . GLU A 1 43  ? -3.563  -14.248 13.207  1.00 95.59  ? 40  GLU A OE1 1 
ATOM   253  O OE2 . GLU A 1 43  ? -2.193  -14.367 14.935  1.00 95.27  ? 40  GLU A OE2 1 
ATOM   254  N N   . PRO A 1 44  ? -4.743  -8.945  15.763  1.00 69.93  ? 41  PRO A N   1 
ATOM   255  C CA  . PRO A 1 44  ? -5.684  -8.548  14.705  1.00 67.16  ? 41  PRO A CA  1 
ATOM   256  C C   . PRO A 1 44  ? -5.164  -7.536  13.682  1.00 64.31  ? 41  PRO A C   1 
ATOM   257  O O   . PRO A 1 44  ? -5.953  -6.894  12.993  1.00 64.36  ? 41  PRO A O   1 
ATOM   258  C CB  . PRO A 1 44  ? -6.845  -7.973  15.501  1.00 67.23  ? 41  PRO A CB  1 
ATOM   259  C CG  . PRO A 1 44  ? -6.118  -7.231  16.587  1.00 66.43  ? 41  PRO A CG  1 
ATOM   260  C CD  . PRO A 1 44  ? -5.058  -8.241  17.021  1.00 68.36  ? 41  PRO A CD  1 
ATOM   261  N N   . HIS A 1 45  ? -3.848  -7.384  13.579  1.00 61.94  ? 42  HIS A N   1 
ATOM   262  C CA  . HIS A 1 45  ? -3.282  -6.422  12.637  1.00 58.78  ? 42  HIS A CA  1 
ATOM   263  C C   . HIS A 1 45  ? -3.563  -6.735  11.170  1.00 56.03  ? 42  HIS A C   1 
ATOM   264  O O   . HIS A 1 45  ? -3.431  -7.874  10.727  1.00 54.95  ? 42  HIS A O   1 
ATOM   265  C CB  . HIS A 1 45  ? -1.768  -6.314  12.840  1.00 59.16  ? 42  HIS A CB  1 
ATOM   266  C CG  . HIS A 1 45  ? -1.375  -5.681  14.138  1.00 59.86  ? 42  HIS A CG  1 
ATOM   267  N ND1 . HIS A 1 45  ? -1.408  -4.318  14.341  1.00 60.87  ? 42  HIS A ND1 1 
ATOM   268  C CD2 . HIS A 1 45  ? -0.952  -6.225  15.303  1.00 59.96  ? 42  HIS A CD2 1 
ATOM   269  C CE1 . HIS A 1 45  ? -1.022  -4.049  15.575  1.00 59.69  ? 42  HIS A CE1 1 
ATOM   270  N NE2 . HIS A 1 45  ? -0.740  -5.190  16.180  1.00 61.90  ? 42  HIS A NE2 1 
ATOM   271  N N   . HIS A 1 46  ? -3.980  -5.709  10.437  1.00 54.31  ? 43  HIS A N   1 
ATOM   272  C CA  . HIS A 1 46  ? -4.236  -5.805  9.008   1.00 54.13  ? 43  HIS A CA  1 
ATOM   273  C C   . HIS A 1 46  ? -3.945  -4.434  8.411   1.00 53.67  ? 43  HIS A C   1 
ATOM   274  O O   . HIS A 1 46  ? -3.977  -3.429  9.126   1.00 52.55  ? 43  HIS A O   1 
ATOM   275  C CB  . HIS A 1 46  ? -5.669  -6.267  8.704   1.00 56.25  ? 43  HIS A CB  1 
ATOM   276  C CG  . HIS A 1 46  ? -6.739  -5.462  9.368   1.00 57.72  ? 43  HIS A CG  1 
ATOM   277  N ND1 . HIS A 1 46  ? -6.936  -5.467  10.733  1.00 57.09  ? 43  HIS A ND1 1 
ATOM   278  C CD2 . HIS A 1 46  ? -7.699  -4.660  8.850   1.00 58.29  ? 43  HIS A CD2 1 
ATOM   279  C CE1 . HIS A 1 46  ? -7.972  -4.702  11.027  1.00 57.65  ? 43  HIS A CE1 1 
ATOM   280  N NE2 . HIS A 1 46  ? -8.454  -4.200  9.902   1.00 59.78  ? 43  HIS A NE2 1 
ATOM   281  N N   . LEU A 1 47  ? -3.662  -4.379  7.111   1.00 52.08  ? 44  LEU A N   1 
ATOM   282  C CA  . LEU A 1 47  ? -3.299  -3.101  6.508   1.00 51.75  ? 44  LEU A CA  1 
ATOM   283  C C   . LEU A 1 47  ? -4.159  -2.565  5.380   1.00 50.51  ? 44  LEU A C   1 
ATOM   284  O O   . LEU A 1 47  ? -4.714  -3.313  4.594   1.00 51.08  ? 44  LEU A O   1 
ATOM   285  C CB  . LEU A 1 47  ? -1.844  -3.169  6.011   1.00 50.87  ? 44  LEU A CB  1 
ATOM   286  C CG  . LEU A 1 47  ? -0.836  -3.897  6.917   1.00 51.70  ? 44  LEU A CG  1 
ATOM   287  C CD1 . LEU A 1 47  ? 0.534   -3.907  6.269   1.00 50.73  ? 44  LEU A CD1 1 
ATOM   288  C CD2 . LEU A 1 47  ? -0.764  -3.224  8.280   1.00 52.38  ? 44  LEU A CD2 1 
ATOM   289  N N   . TYR A 1 48  ? -4.248  -1.241  5.320   1.00 50.53  ? 45  TYR A N   1 
ATOM   290  C CA  . TYR A 1 48  ? -4.965  -0.551  4.266   1.00 49.80  ? 45  TYR A CA  1 
ATOM   291  C C   . TYR A 1 48  ? -3.901  0.284   3.565   1.00 51.36  ? 45  TYR A C   1 
ATOM   292  O O   . TYR A 1 48  ? -3.312  1.180   4.166   1.00 52.38  ? 45  TYR A O   1 
ATOM   293  C CB  . TYR A 1 48  ? -6.049  0.363   4.827   1.00 48.85  ? 45  TYR A CB  1 
ATOM   294  C CG  . TYR A 1 48  ? -7.321  -0.359  5.201   1.00 52.05  ? 45  TYR A CG  1 
ATOM   295  C CD1 . TYR A 1 48  ? -7.413  -1.106  6.376   1.00 51.81  ? 45  TYR A CD1 1 
ATOM   296  C CD2 . TYR A 1 48  ? -8.428  -0.333  4.348   1.00 56.06  ? 45  TYR A CD2 1 
ATOM   297  C CE1 . TYR A 1 48  ? -8.570  -1.817  6.695   1.00 53.69  ? 45  TYR A CE1 1 
ATOM   298  C CE2 . TYR A 1 48  ? -9.594  -1.037  4.653   1.00 57.25  ? 45  TYR A CE2 1 
ATOM   299  C CZ  . TYR A 1 48  ? -9.659  -1.778  5.828   1.00 58.19  ? 45  TYR A CZ  1 
ATOM   300  O OH  . TYR A 1 48  ? -10.815 -2.479  6.116   1.00 59.22  ? 45  TYR A OH  1 
ATOM   301  N N   . ILE A 1 49  ? -3.638  -0.033  2.306   1.00 50.32  ? 46  ILE A N   1 
ATOM   302  C CA  . ILE A 1 49  ? -2.645  0.684   1.528   1.00 52.42  ? 46  ILE A CA  1 
ATOM   303  C C   . ILE A 1 49  ? -3.340  1.470   0.427   1.00 53.72  ? 46  ILE A C   1 
ATOM   304  O O   . ILE A 1 49  ? -4.126  0.908   -0.335  1.00 53.06  ? 46  ILE A O   1 
ATOM   305  C CB  . ILE A 1 49  ? -1.660  -0.287  0.827   1.00 54.90  ? 46  ILE A CB  1 
ATOM   306  C CG1 . ILE A 1 49  ? -1.075  -1.278  1.829   1.00 54.09  ? 46  ILE A CG1 1 
ATOM   307  C CG2 . ILE A 1 49  ? -0.567  0.497   0.135   1.00 54.11  ? 46  ILE A CG2 1 
ATOM   308  C CD1 . ILE A 1 49  ? -0.323  -0.630  2.914   1.00 56.90  ? 46  ILE A CD1 1 
ATOM   309  N N   . THR A 1 50  ? -3.058  2.764   0.329   1.00 54.47  ? 47  THR A N   1 
ATOM   310  C CA  . THR A 1 50  ? -3.667  3.556   -0.729  1.00 55.53  ? 47  THR A CA  1 
ATOM   311  C C   . THR A 1 50  ? -2.552  4.058   -1.629  1.00 55.40  ? 47  THR A C   1 
ATOM   312  O O   . THR A 1 50  ? -1.533  4.528   -1.143  1.00 56.50  ? 47  THR A O   1 
ATOM   313  C CB  . THR A 1 50  ? -4.449  4.749   -0.163  1.00 57.00  ? 47  THR A CB  1 
ATOM   314  O OG1 . THR A 1 50  ? -5.371  4.288   0.835   1.00 57.76  ? 47  THR A OG1 1 
ATOM   315  C CG2 . THR A 1 50  ? -5.224  5.441   -1.270  1.00 56.03  ? 47  THR A CG2 1 
ATOM   316  N N   . PHE A 1 51  ? -2.736  3.944   -2.938  1.00 57.10  ? 48  PHE A N   1 
ATOM   317  C CA  . PHE A 1 51  ? -1.715  4.389   -3.882  1.00 59.35  ? 48  PHE A CA  1 
ATOM   318  C C   . PHE A 1 51  ? -2.259  5.025   -5.158  1.00 62.37  ? 48  PHE A C   1 
ATOM   319  O O   . PHE A 1 51  ? -3.428  4.848   -5.527  1.00 61.81  ? 48  PHE A O   1 
ATOM   320  C CB  . PHE A 1 51  ? -0.825  3.221   -4.289  1.00 58.25  ? 48  PHE A CB  1 
ATOM   321  C CG  . PHE A 1 51  ? -1.555  2.141   -5.038  1.00 57.64  ? 48  PHE A CG  1 
ATOM   322  C CD1 . PHE A 1 51  ? -2.354  1.225   -4.363  1.00 54.97  ? 48  PHE A CD1 1 
ATOM   323  C CD2 . PHE A 1 51  ? -1.445  2.046   -6.424  1.00 56.27  ? 48  PHE A CD2 1 
ATOM   324  C CE1 . PHE A 1 51  ? -3.034  0.229   -5.055  1.00 58.83  ? 48  PHE A CE1 1 
ATOM   325  C CE2 . PHE A 1 51  ? -2.119  1.056   -7.131  1.00 57.47  ? 48  PHE A CE2 1 
ATOM   326  C CZ  . PHE A 1 51  ? -2.917  0.141   -6.448  1.00 58.14  ? 48  PHE A CZ  1 
ATOM   327  N N   . LYS A 1 52  ? -1.376  5.745   -5.838  1.00 64.96  ? 49  LYS A N   1 
ATOM   328  C CA  . LYS A 1 52  ? -1.708  6.422   -7.081  1.00 67.92  ? 49  LYS A CA  1 
ATOM   329  C C   . LYS A 1 52  ? -1.574  5.407   -8.208  1.00 67.47  ? 49  LYS A C   1 
ATOM   330  O O   . LYS A 1 52  ? -0.483  4.923   -8.482  1.00 67.69  ? 49  LYS A O   1 
ATOM   331  C CB  . LYS A 1 52  ? -0.744  7.594   -7.311  1.00 72.01  ? 49  LYS A CB  1 
ATOM   332  C CG  . LYS A 1 52  ? -1.301  8.707   -8.188  1.00 77.33  ? 49  LYS A CG  1 
ATOM   333  C CD  . LYS A 1 52  ? -2.369  9.521   -7.447  1.00 81.90  ? 49  LYS A CD  1 
ATOM   334  C CE  . LYS A 1 52  ? -3.102  10.476  -8.392  1.00 84.09  ? 49  LYS A CE  1 
ATOM   335  N NZ  . LYS A 1 52  ? -2.154  11.313  -9.186  1.00 85.42  ? 49  LYS A NZ  1 
ATOM   336  N N   . THR A 1 53  ? -2.695  5.093   -8.845  1.00 69.05  ? 50  THR A N   1 
ATOM   337  C CA  . THR A 1 53  ? -2.759  4.129   -9.940  1.00 70.99  ? 50  THR A CA  1 
ATOM   338  C C   . THR A 1 53  ? -1.903  4.483   -11.155 1.00 72.10  ? 50  THR A C   1 
ATOM   339  O O   . THR A 1 53  ? -1.362  3.596   -11.823 1.00 69.65  ? 50  THR A O   1 
ATOM   340  C CB  . THR A 1 53  ? -4.207  3.966   -10.419 1.00 71.15  ? 50  THR A CB  1 
ATOM   341  O OG1 . THR A 1 53  ? -5.016  3.511   -9.330  1.00 72.80  ? 50  THR A OG1 1 
ATOM   342  C CG2 . THR A 1 53  ? -4.287  2.961   -11.553 1.00 73.17  ? 50  THR A CG2 1 
ATOM   343  N N   . LYS A 1 54  ? -1.787  5.776   -11.443 1.00 74.24  ? 51  LYS A N   1 
ATOM   344  C CA  . LYS A 1 54  ? -1.014  6.227   -12.598 1.00 76.29  ? 51  LYS A CA  1 
ATOM   345  C C   . LYS A 1 54  ? 0.463   6.469   -12.314 1.00 76.31  ? 51  LYS A C   1 
ATOM   346  O O   . LYS A 1 54  ? 1.255   6.660   -13.239 1.00 75.69  ? 51  LYS A O   1 
ATOM   347  C CB  . LYS A 1 54  ? -1.647  7.487   -13.198 1.00 77.73  ? 51  LYS A CB  1 
ATOM   348  C CG  . LYS A 1 54  ? -2.898  7.207   -14.029 1.00 78.86  ? 51  LYS A CG  1 
ATOM   349  C CD  . LYS A 1 54  ? -3.475  8.489   -14.618 1.00 80.90  ? 51  LYS A CD  1 
ATOM   350  C CE  . LYS A 1 54  ? -4.546  8.192   -15.658 1.00 80.84  ? 51  LYS A CE  1 
ATOM   351  N NZ  . LYS A 1 54  ? -5.672  7.404   -15.086 1.00 80.92  ? 51  LYS A NZ  1 
ATOM   352  N N   . ALA A 1 55  ? 0.834   6.462   -11.037 1.00 75.93  ? 52  ALA A N   1 
ATOM   353  C CA  . ALA A 1 55  ? 2.230   6.650   -10.668 1.00 75.58  ? 52  ALA A CA  1 
ATOM   354  C C   . ALA A 1 55  ? 3.062   5.684   -11.521 1.00 75.81  ? 52  ALA A C   1 
ATOM   355  O O   . ALA A 1 55  ? 2.625   4.568   -11.808 1.00 75.68  ? 52  ALA A O   1 
ATOM   356  C CB  . ALA A 1 55  ? 2.422   6.346   -9.188  1.00 74.54  ? 52  ALA A CB  1 
ATOM   357  N N   . ALA A 1 56  ? 4.243   6.113   -11.948 1.00 75.76  ? 53  ALA A N   1 
ATOM   358  C CA  . ALA A 1 56  ? 5.087   5.245   -12.760 1.00 75.63  ? 53  ALA A CA  1 
ATOM   359  C C   . ALA A 1 56  ? 5.422   4.022   -11.917 1.00 74.36  ? 53  ALA A C   1 
ATOM   360  O O   . ALA A 1 56  ? 5.330   4.070   -10.692 1.00 76.14  ? 53  ALA A O   1 
ATOM   361  C CB  . ALA A 1 56  ? 6.369   5.975   -13.162 1.00 75.69  ? 53  ALA A CB  1 
ATOM   362  N N   . GLY A 1 57  ? 5.791   2.926   -12.567 1.00 72.07  ? 54  GLY A N   1 
ATOM   363  C CA  . GLY A 1 57  ? 6.142   1.726   -11.829 1.00 69.67  ? 54  GLY A CA  1 
ATOM   364  C C   . GLY A 1 57  ? 5.021   0.773   -11.435 1.00 68.70  ? 54  GLY A C   1 
ATOM   365  O O   . GLY A 1 57  ? 5.294   -0.399  -11.162 1.00 67.53  ? 54  GLY A O   1 
ATOM   366  N N   . VAL A 1 58  ? 3.773   1.238   -11.389 1.00 66.19  ? 55  VAL A N   1 
ATOM   367  C CA  . VAL A 1 58  ? 2.698   0.335   -11.005 1.00 66.39  ? 55  VAL A CA  1 
ATOM   368  C C   . VAL A 1 58  ? 2.131   -0.422  -12.194 1.00 67.64  ? 55  VAL A C   1 
ATOM   369  O O   . VAL A 1 58  ? 1.872   0.144   -13.261 1.00 67.55  ? 55  VAL A O   1 
ATOM   370  C CB  . VAL A 1 58  ? 1.541   1.060   -10.227 1.00 63.43  ? 55  VAL A CB  1 
ATOM   371  C CG1 . VAL A 1 58  ? 1.903   2.496   -9.965  1.00 59.68  ? 55  VAL A CG1 1 
ATOM   372  C CG2 . VAL A 1 58  ? 0.231   0.932   -10.969 1.00 59.63  ? 55  VAL A CG2 1 
ATOM   373  N N   . SER A 1 59  ? 1.957   -1.720  -12.003 1.00 68.34  ? 56  SER A N   1 
ATOM   374  C CA  . SER A 1 59  ? 1.419   -2.568  -13.049 1.00 71.62  ? 56  SER A CA  1 
ATOM   375  C C   . SER A 1 59  ? 0.258   -3.382  -12.496 1.00 72.28  ? 56  SER A C   1 
ATOM   376  O O   . SER A 1 59  ? 0.213   -3.693  -11.310 1.00 72.67  ? 56  SER A O   1 
ATOM   377  C CB  . SER A 1 59  ? 2.515   -3.489  -13.578 1.00 70.72  ? 56  SER A CB  1 
ATOM   378  O OG  . SER A 1 59  ? 3.174   -4.129  -12.500 1.00 73.90  ? 56  SER A OG  1 
ATOM   379  N N   . GLY A 1 60  ? -0.684  -3.716  -13.365 1.00 74.97  ? 57  GLY A N   1 
ATOM   380  C CA  . GLY A 1 60  ? -1.835  -4.492  -12.946 1.00 78.15  ? 57  GLY A CA  1 
ATOM   381  C C   . GLY A 1 60  ? -2.705  -4.759  -14.150 1.00 80.26  ? 57  GLY A C   1 
ATOM   382  O O   . GLY A 1 60  ? -2.427  -4.230  -15.225 1.00 81.28  ? 57  GLY A O   1 
ATOM   383  N N   . PRO A 1 61  ? -3.760  -5.575  -14.020 1.00 81.96  ? 58  PRO A N   1 
ATOM   384  C CA  . PRO A 1 61  ? -4.591  -5.816  -15.201 1.00 82.97  ? 58  PRO A CA  1 
ATOM   385  C C   . PRO A 1 61  ? -5.086  -4.473  -15.730 1.00 84.08  ? 58  PRO A C   1 
ATOM   386  O O   . PRO A 1 61  ? -5.505  -3.607  -14.957 1.00 82.32  ? 58  PRO A O   1 
ATOM   387  C CB  . PRO A 1 61  ? -5.720  -6.689  -14.656 1.00 83.40  ? 58  PRO A CB  1 
ATOM   388  C CG  . PRO A 1 61  ? -5.073  -7.406  -13.509 1.00 82.44  ? 58  PRO A CG  1 
ATOM   389  C CD  . PRO A 1 61  ? -4.286  -6.298  -12.852 1.00 81.60  ? 58  PRO A CD  1 
ATOM   390  N N   . GLN A 1 62  ? -5.021  -4.305  -17.046 1.00 85.67  ? 59  GLN A N   1 
ATOM   391  C CA  . GLN A 1 62  ? -5.448  -3.067  -17.691 1.00 87.22  ? 59  GLN A CA  1 
ATOM   392  C C   . GLN A 1 62  ? -6.883  -2.708  -17.302 1.00 86.20  ? 59  GLN A C   1 
ATOM   393  O O   . GLN A 1 62  ? -7.195  -1.545  -17.045 1.00 84.68  ? 59  GLN A O   1 
ATOM   394  C CB  . GLN A 1 62  ? -5.337  -3.210  -19.216 1.00 89.35  ? 59  GLN A CB  1 
ATOM   395  C CG  . GLN A 1 62  ? -4.948  -1.921  -19.939 1.00 92.59  ? 59  GLN A CG  1 
ATOM   396  C CD  . GLN A 1 62  ? -4.854  -2.089  -21.452 1.00 94.08  ? 59  GLN A CD  1 
ATOM   397  O OE1 . GLN A 1 62  ? -5.865  -2.277  -22.131 1.00 95.56  ? 59  GLN A OE1 1 
ATOM   398  N NE2 . GLN A 1 62  ? -3.635  -2.025  -21.984 1.00 93.84  ? 59  GLN A NE2 1 
ATOM   399  N N   . ASP A 1 63  ? -7.748  -3.715  -17.260 1.00 86.65  ? 60  ASP A N   1 
ATOM   400  C CA  . ASP A 1 63  ? -9.151  -3.517  -16.909 1.00 87.51  ? 60  ASP A CA  1 
ATOM   401  C C   . ASP A 1 63  ? -9.286  -2.908  -15.520 1.00 86.32  ? 60  ASP A C   1 
ATOM   402  O O   . ASP A 1 63  ? -9.971  -1.905  -15.332 1.00 85.98  ? 60  ASP A O   1 
ATOM   403  C CB  . ASP A 1 63  ? -9.900  -4.853  -16.952 1.00 90.15  ? 60  ASP A CB  1 
ATOM   404  C CG  . ASP A 1 63  ? -9.263  -5.913  -16.055 1.00 94.00  ? 60  ASP A CG  1 
ATOM   405  O OD1 . ASP A 1 63  ? -8.159  -6.399  -16.400 1.00 94.11  ? 60  ASP A OD1 1 
ATOM   406  O OD2 . ASP A 1 63  ? -9.862  -6.252  -15.004 1.00 94.81  ? 60  ASP A OD2 1 
ATOM   407  N N   . LEU A 1 64  ? -8.624  -3.528  -14.552 1.00 85.36  ? 61  LEU A N   1 
ATOM   408  C CA  . LEU A 1 64  ? -8.658  -3.074  -13.168 1.00 84.38  ? 61  LEU A CA  1 
ATOM   409  C C   . LEU A 1 64  ? -8.151  -1.644  -13.005 1.00 83.52  ? 61  LEU A C   1 
ATOM   410  O O   . LEU A 1 64  ? -8.825  -0.808  -12.406 1.00 83.46  ? 61  LEU A O   1 
ATOM   411  C CB  . LEU A 1 64  ? -7.825  -4.021  -12.301 1.00 84.13  ? 61  LEU A CB  1 
ATOM   412  C CG  . LEU A 1 64  ? -7.656  -3.660  -10.827 1.00 82.91  ? 61  LEU A CG  1 
ATOM   413  C CD1 . LEU A 1 64  ? -9.017  -3.531  -10.169 1.00 82.15  ? 61  LEU A CD1 1 
ATOM   414  C CD2 . LEU A 1 64  ? -6.816  -4.727  -10.143 1.00 82.85  ? 61  LEU A CD2 1 
ATOM   415  N N   . LEU A 1 65  ? -6.965  -1.369  -13.536 1.00 83.76  ? 62  LEU A N   1 
ATOM   416  C CA  . LEU A 1 65  ? -6.368  -0.039  -13.446 1.00 84.36  ? 62  LEU A CA  1 
ATOM   417  C C   . LEU A 1 65  ? -7.285  1.048   -14.006 1.00 84.75  ? 62  LEU A C   1 
ATOM   418  O O   . LEU A 1 65  ? -7.338  2.156   -13.474 1.00 85.33  ? 62  LEU A O   1 
ATOM   419  C CB  . LEU A 1 65  ? -5.033  -0.004  -14.192 1.00 83.42  ? 62  LEU A CB  1 
ATOM   420  C CG  . LEU A 1 65  ? -3.902  -0.899  -13.682 1.00 83.17  ? 62  LEU A CG  1 
ATOM   421  C CD1 . LEU A 1 65  ? -2.659  -0.695  -14.543 1.00 81.38  ? 62  LEU A CD1 1 
ATOM   422  C CD2 . LEU A 1 65  ? -3.608  -0.570  -12.232 1.00 83.09  ? 62  LEU A CD2 1 
ATOM   423  N N   . SER A 1 66  ? -7.999  0.725   -15.080 1.00 85.34  ? 63  SER A N   1 
ATOM   424  C CA  . SER A 1 66  ? -8.918  1.667   -15.723 1.00 85.70  ? 63  SER A CA  1 
ATOM   425  C C   . SER A 1 66  ? -10.100 2.025   -14.823 1.00 85.62  ? 63  SER A C   1 
ATOM   426  O O   . SER A 1 66  ? -10.667 3.115   -14.920 1.00 85.87  ? 63  SER A O   1 
ATOM   427  C CB  . SER A 1 66  ? -9.445  1.069   -17.029 1.00 85.80  ? 63  SER A CB  1 
ATOM   428  O OG  . SER A 1 66  ? -8.375  0.693   -17.878 1.00 87.18  ? 63  SER A OG  1 
ATOM   429  N N   . LYS A 1 67  ? -10.469 1.096   -13.951 1.00 85.11  ? 64  LYS A N   1 
ATOM   430  C CA  . LYS A 1 67  ? -11.576 1.299   -13.029 1.00 85.14  ? 64  LYS A CA  1 
ATOM   431  C C   . LYS A 1 67  ? -11.198 2.324   -11.954 1.00 85.73  ? 64  LYS A C   1 
ATOM   432  O O   . LYS A 1 67  ? -12.051 3.058   -11.456 1.00 85.19  ? 64  LYS A O   1 
ATOM   433  C CB  . LYS A 1 67  ? -11.935 -0.042  -12.389 1.00 85.04  ? 64  LYS A CB  1 
ATOM   434  C CG  . LYS A 1 67  ? -13.169 -0.036  -11.508 1.00 85.49  ? 64  LYS A CG  1 
ATOM   435  C CD  . LYS A 1 67  ? -13.478 -1.465  -11.072 1.00 85.99  ? 64  LYS A CD  1 
ATOM   436  C CE  . LYS A 1 67  ? -14.865 -1.596  -10.481 1.00 84.95  ? 64  LYS A CE  1 
ATOM   437  N NZ  . LYS A 1 67  ? -15.219 -3.033  -10.319 1.00 84.84  ? 64  LYS A NZ  1 
ATOM   438  N N   . TYR A 1 68  ? -9.912  2.369   -11.609 1.00 86.56  ? 65  TYR A N   1 
ATOM   439  C CA  . TYR A 1 68  ? -9.411  3.292   -10.593 1.00 87.69  ? 65  TYR A CA  1 
ATOM   440  C C   . TYR A 1 68  ? -8.430  4.291   -11.200 1.00 89.26  ? 65  TYR A C   1 
ATOM   441  O O   . TYR A 1 68  ? -7.212  4.102   -11.144 1.00 89.07  ? 65  TYR A O   1 
ATOM   442  C CB  . TYR A 1 68  ? -8.755  2.497   -9.469  1.00 86.84  ? 65  TYR A CB  1 
ATOM   443  C CG  . TYR A 1 68  ? -9.747  1.607   -8.757  1.00 86.48  ? 65  TYR A CG  1 
ATOM   444  C CD1 . TYR A 1 68  ? -10.670 2.143   -7.857  1.00 85.29  ? 65  TYR A CD1 1 
ATOM   445  C CD2 . TYR A 1 68  ? -9.821  0.241   -9.041  1.00 86.12  ? 65  TYR A CD2 1 
ATOM   446  C CE1 . TYR A 1 68  ? -11.644 1.346   -7.261  1.00 84.91  ? 65  TYR A CE1 1 
ATOM   447  C CE2 . TYR A 1 68  ? -10.795 -0.565  -8.451  1.00 86.18  ? 65  TYR A CE2 1 
ATOM   448  C CZ  . TYR A 1 68  ? -11.701 -0.001  -7.563  1.00 85.10  ? 65  TYR A CZ  1 
ATOM   449  O OH  . TYR A 1 68  ? -12.672 -0.784  -6.984  1.00 85.58  ? 65  TYR A OH  1 
ATOM   450  N N   . PRO A 1 69  ? -8.963  5.386   -11.771 1.00 90.38  ? 66  PRO A N   1 
ATOM   451  C CA  . PRO A 1 69  ? -8.231  6.477   -12.423 1.00 90.12  ? 66  PRO A CA  1 
ATOM   452  C C   . PRO A 1 69  ? -6.999  6.990   -11.673 1.00 89.80  ? 66  PRO A C   1 
ATOM   453  O O   . PRO A 1 69  ? -5.887  6.938   -12.207 1.00 89.74  ? 66  PRO A O   1 
ATOM   454  C CB  . PRO A 1 69  ? -9.303  7.554   -12.599 1.00 90.89  ? 66  PRO A CB  1 
ATOM   455  C CG  . PRO A 1 69  ? -10.236 7.296   -11.445 1.00 91.14  ? 66  PRO A CG  1 
ATOM   456  C CD  . PRO A 1 69  ? -10.354 5.794   -11.502 1.00 91.26  ? 66  PRO A CD  1 
ATOM   457  N N   . ASP A 1 70  ? -7.183  7.495   -10.453 1.00 88.05  ? 67  ASP A N   1 
ATOM   458  C CA  . ASP A 1 70  ? -6.034  7.987   -9.700  1.00 87.44  ? 67  ASP A CA  1 
ATOM   459  C C   . ASP A 1 70  ? -5.693  7.191   -8.436  1.00 85.42  ? 67  ASP A C   1 
ATOM   460  O O   . ASP A 1 70  ? -4.633  6.578   -8.362  1.00 85.46  ? 67  ASP A O   1 
ATOM   461  C CB  . ASP A 1 70  ? -6.200  9.478   -9.345  1.00 89.13  ? 67  ASP A CB  1 
ATOM   462  C CG  . ASP A 1 70  ? -7.259  9.728   -8.278  1.00 89.93  ? 67  ASP A CG  1 
ATOM   463  O OD1 . ASP A 1 70  ? -7.090  10.695  -7.498  1.00 88.36  ? 67  ASP A OD1 1 
ATOM   464  O OD2 . ASP A 1 70  ? -8.257  8.973   -8.226  1.00 89.42  ? 67  ASP A OD2 1 
ATOM   465  N N   . GLU A 1 71  ? -6.590  7.192   -7.454  1.00 82.67  ? 68  GLU A N   1 
ATOM   466  C CA  . GLU A 1 71  ? -6.356  6.494   -6.192  1.00 80.72  ? 68  GLU A CA  1 
ATOM   467  C C   . GLU A 1 71  ? -6.961  5.097   -6.137  1.00 76.34  ? 68  GLU A C   1 
ATOM   468  O O   . GLU A 1 71  ? -7.953  4.810   -6.800  1.00 76.47  ? 68  GLU A O   1 
ATOM   469  C CB  . GLU A 1 71  ? -6.933  7.312   -5.031  1.00 83.97  ? 68  GLU A CB  1 
ATOM   470  C CG  . GLU A 1 71  ? -6.326  8.693   -4.869  1.00 89.48  ? 68  GLU A CG  1 
ATOM   471  C CD  . GLU A 1 71  ? -4.977  8.655   -4.182  1.00 92.99  ? 68  GLU A CD  1 
ATOM   472  O OE1 . GLU A 1 71  ? -4.934  8.244   -3.001  1.00 95.68  ? 68  GLU A OE1 1 
ATOM   473  O OE2 . GLU A 1 71  ? -3.964  9.034   -4.814  1.00 95.64  ? 68  GLU A OE2 1 
ATOM   474  N N   . MET A 1 72  ? -6.351  4.230   -5.338  1.00 70.58  ? 69  MET A N   1 
ATOM   475  C CA  . MET A 1 72  ? -6.860  2.878   -5.159  1.00 65.94  ? 69  MET A CA  1 
ATOM   476  C C   . MET A 1 72  ? -6.392  2.357   -3.821  1.00 62.19  ? 69  MET A C   1 
ATOM   477  O O   . MET A 1 72  ? -5.206  2.408   -3.511  1.00 61.57  ? 69  MET A O   1 
ATOM   478  C CB  . MET A 1 72  ? -6.384  1.923   -6.262  1.00 64.91  ? 69  MET A CB  1 
ATOM   479  C CG  . MET A 1 72  ? -7.004  0.530   -6.138  1.00 66.54  ? 69  MET A CG  1 
ATOM   480  S SD  . MET A 1 72  ? -6.588  -0.675  -7.446  1.00 69.27  ? 69  MET A SD  1 
ATOM   481  C CE  . MET A 1 72  ? -6.552  -2.156  -6.509  1.00 68.65  ? 69  MET A CE  1 
ATOM   482  N N   . THR A 1 73  ? -7.332  1.871   -3.023  1.00 58.36  ? 70  THR A N   1 
ATOM   483  C CA  . THR A 1 73  ? -6.997  1.315   -1.726  1.00 55.90  ? 70  THR A CA  1 
ATOM   484  C C   . THR A 1 73  ? -7.142  -0.195  -1.783  1.00 54.06  ? 70  THR A C   1 
ATOM   485  O O   . THR A 1 73  ? -8.025  -0.722  -2.464  1.00 53.60  ? 70  THR A O   1 
ATOM   486  C CB  . THR A 1 73  ? -7.925  1.855   -0.615  1.00 55.53  ? 70  THR A CB  1 
ATOM   487  O OG1 . THR A 1 73  ? -7.738  3.270   -0.490  1.00 59.30  ? 70  THR A OG1 1 
ATOM   488  C CG2 . THR A 1 73  ? -7.611  1.195   0.725   1.00 52.63  ? 70  THR A CG2 1 
ATOM   489  N N   . ILE A 1 74  ? -6.247  -0.892  -1.097  1.00 51.49  ? 71  ILE A N   1 
ATOM   490  C CA  . ILE A 1 74  ? -6.319  -2.339  -1.028  1.00 49.37  ? 71  ILE A CA  1 
ATOM   491  C C   . ILE A 1 74  ? -6.177  -2.681  0.432   1.00 46.89  ? 71  ILE A C   1 
ATOM   492  O O   . ILE A 1 74  ? -5.539  -1.952  1.182   1.00 46.58  ? 71  ILE A O   1 
ATOM   493  C CB  . ILE A 1 74  ? -5.198  -3.050  -1.855  1.00 49.61  ? 71  ILE A CB  1 
ATOM   494  C CG1 . ILE A 1 74  ? -3.817  -2.719  -1.301  1.00 50.04  ? 71  ILE A CG1 1 
ATOM   495  C CG2 . ILE A 1 74  ? -5.305  -2.659  -3.319  1.00 47.66  ? 71  ILE A CG2 1 
ATOM   496  C CD1 . ILE A 1 74  ? -2.701  -3.295  -2.144  1.00 52.01  ? 71  ILE A CD1 1 
ATOM   497  N N   . VAL A 1 75  ? -6.796  -3.774  0.847   1.00 45.07  ? 72  VAL A N   1 
ATOM   498  C CA  . VAL A 1 75  ? -6.714  -4.184  2.229   1.00 42.91  ? 72  VAL A CA  1 
ATOM   499  C C   . VAL A 1 75  ? -6.002  -5.529  2.263   1.00 44.49  ? 72  VAL A C   1 
ATOM   500  O O   . VAL A 1 75  ? -6.267  -6.407  1.424   1.00 43.72  ? 72  VAL A O   1 
ATOM   501  C CB  . VAL A 1 75  ? -8.131  -4.282  2.862   1.00 44.73  ? 72  VAL A CB  1 
ATOM   502  C CG1 . VAL A 1 75  ? -9.005  -5.240  2.063   1.00 44.29  ? 72  VAL A CG1 1 
ATOM   503  C CG2 . VAL A 1 75  ? -8.029  -4.724  4.306   1.00 43.87  ? 72  VAL A CG2 1 
ATOM   504  N N   . LEU A 1 76  ? -5.066  -5.662  3.204   1.00 43.33  ? 73  LEU A N   1 
ATOM   505  C CA  . LEU A 1 76  ? -4.299  -6.887  3.380   1.00 44.53  ? 73  LEU A CA  1 
ATOM   506  C C   . LEU A 1 76  ? -4.720  -7.461  4.717   1.00 46.31  ? 73  LEU A C   1 
ATOM   507  O O   . LEU A 1 76  ? -4.235  -7.050  5.767   1.00 46.57  ? 73  LEU A O   1 
ATOM   508  C CB  . LEU A 1 76  ? -2.798  -6.581  3.374   1.00 44.04  ? 73  LEU A CB  1 
ATOM   509  C CG  . LEU A 1 76  ? -2.278  -5.973  2.068   1.00 42.05  ? 73  LEU A CG  1 
ATOM   510  C CD1 . LEU A 1 76  ? -0.799  -5.685  2.195   1.00 40.28  ? 73  LEU A CD1 1 
ATOM   511  C CD2 . LEU A 1 76  ? -2.554  -6.929  0.913   1.00 36.81  ? 73  LEU A CD2 1 
ATOM   512  N N   . GLN A 1 77  ? -5.643  -8.413  4.676   1.00 48.92  ? 74  GLN A N   1 
ATOM   513  C CA  . GLN A 1 77  ? -6.164  -9.002  5.895   1.00 50.88  ? 74  GLN A CA  1 
ATOM   514  C C   . GLN A 1 77  ? -6.548  -10.460 5.689   1.00 52.44  ? 74  GLN A C   1 
ATOM   515  O O   . GLN A 1 77  ? -5.785  -11.366 6.039   1.00 50.24  ? 74  GLN A O   1 
ATOM   516  C CB  . GLN A 1 77  ? -7.373  -8.175  6.357   1.00 52.17  ? 74  GLN A CB  1 
ATOM   517  C CG  . GLN A 1 77  ? -8.114  -8.658  7.602   1.00 56.56  ? 74  GLN A CG  1 
ATOM   518  C CD  . GLN A 1 77  ? -9.185  -7.650  8.077   1.00 59.29  ? 74  GLN A CD  1 
ATOM   519  O OE1 . GLN A 1 77  ? -9.995  -7.153  7.286   1.00 59.53  ? 74  GLN A OE1 1 
ATOM   520  N NE2 . GLN A 1 77  ? -9.186  -7.357  9.372   1.00 58.25  ? 74  GLN A NE2 1 
ATOM   521  N N   . HIS A 1 78  ? -7.721  -10.680 5.094   1.00 54.90  ? 75  HIS A N   1 
ATOM   522  C CA  . HIS A 1 78  ? -8.226  -12.029 4.863   1.00 54.22  ? 75  HIS A CA  1 
ATOM   523  C C   . HIS A 1 78  ? -7.955  -12.588 3.486   1.00 54.29  ? 75  HIS A C   1 
ATOM   524  O O   . HIS A 1 78  ? -7.972  -13.804 3.310   1.00 55.14  ? 75  HIS A O   1 
ATOM   525  C CB  . HIS A 1 78  ? -9.742  -12.072 5.082   1.00 55.61  ? 75  HIS A CB  1 
ATOM   526  C CG  . HIS A 1 78  ? -10.171 -11.593 6.430   1.00 58.55  ? 75  HIS A CG  1 
ATOM   527  N ND1 . HIS A 1 78  ? -11.025 -10.522 6.600   1.00 59.99  ? 75  HIS A ND1 1 
ATOM   528  C CD2 . HIS A 1 78  ? -9.844  -12.018 7.673   1.00 58.82  ? 75  HIS A CD2 1 
ATOM   529  C CE1 . HIS A 1 78  ? -11.201 -10.305 7.892   1.00 61.48  ? 75  HIS A CE1 1 
ATOM   530  N NE2 . HIS A 1 78  ? -10.496 -11.198 8.564   1.00 61.92  ? 75  HIS A NE2 1 
ATOM   531  N N   . GLN A 1 79  ? -7.716  -11.724 2.501   1.00 52.81  ? 76  GLN A N   1 
ATOM   532  C CA  . GLN A 1 79  ? -7.526  -12.227 1.145   1.00 50.64  ? 76  GLN A CA  1 
ATOM   533  C C   . GLN A 1 79  ? -6.388  -11.654 0.322   1.00 48.35  ? 76  GLN A C   1 
ATOM   534  O O   . GLN A 1 79  ? -6.570  -10.718 -0.461  1.00 47.30  ? 76  GLN A O   1 
ATOM   535  C CB  . GLN A 1 79  ? -8.846  -12.081 0.375   1.00 53.56  ? 76  GLN A CB  1 
ATOM   536  C CG  . GLN A 1 79  ? -9.979  -12.936 0.959   1.00 56.02  ? 76  GLN A CG  1 
ATOM   537  C CD  . GLN A 1 79  ? -11.259 -12.860 0.143   1.00 58.66  ? 76  GLN A CD  1 
ATOM   538  O OE1 . GLN A 1 79  ? -11.243 -13.079 -1.063  1.00 60.39  ? 76  GLN A OE1 1 
ATOM   539  N NE2 . GLN A 1 79  ? -12.374 -12.555 0.801   1.00 61.10  ? 76  GLN A NE2 1 
ATOM   540  N N   . TYR A 1 80  ? -5.206  -12.220 0.524   1.00 47.25  ? 77  TYR A N   1 
ATOM   541  C CA  . TYR A 1 80  ? -4.019  -11.827 -0.217  1.00 46.30  ? 77  TYR A CA  1 
ATOM   542  C C   . TYR A 1 80  ? -3.046  -12.994 -0.217  1.00 45.57  ? 77  TYR A C   1 
ATOM   543  O O   . TYR A 1 80  ? -2.907  -13.723 0.768   1.00 44.85  ? 77  TYR A O   1 
ATOM   544  C CB  . TYR A 1 80  ? -3.362  -10.583 0.366   1.00 45.74  ? 77  TYR A CB  1 
ATOM   545  C CG  . TYR A 1 80  ? -2.682  -10.767 1.699   1.00 47.61  ? 77  TYR A CG  1 
ATOM   546  C CD1 . TYR A 1 80  ? -3.389  -10.634 2.886   1.00 47.21  ? 77  TYR A CD1 1 
ATOM   547  C CD2 . TYR A 1 80  ? -1.307  -10.990 1.771   1.00 46.98  ? 77  TYR A CD2 1 
ATOM   548  C CE1 . TYR A 1 80  ? -2.744  -10.701 4.122   1.00 48.11  ? 77  TYR A CE1 1 
ATOM   549  C CE2 . TYR A 1 80  ? -0.655  -11.059 2.992   1.00 48.93  ? 77  TYR A CE2 1 
ATOM   550  C CZ  . TYR A 1 80  ? -1.376  -10.911 4.166   1.00 50.22  ? 77  TYR A CZ  1 
ATOM   551  O OH  . TYR A 1 80  ? -0.720  -10.958 5.383   1.00 52.61  ? 77  TYR A OH  1 
ATOM   552  N N   . TRP A 1 81  ? -2.368  -13.165 -1.338  1.00 44.88  ? 78  TRP A N   1 
ATOM   553  C CA  . TRP A 1 81  ? -1.462  -14.274 -1.500  1.00 42.82  ? 78  TRP A CA  1 
ATOM   554  C C   . TRP A 1 81  ? -0.165  -13.804 -2.090  1.00 44.08  ? 78  TRP A C   1 
ATOM   555  O O   . TRP A 1 81  ? -0.113  -12.764 -2.755  1.00 43.48  ? 78  TRP A O   1 
ATOM   556  C CB  . TRP A 1 81  ? -2.099  -15.296 -2.444  1.00 43.39  ? 78  TRP A CB  1 
ATOM   557  C CG  . TRP A 1 81  ? -3.352  -15.890 -1.908  1.00 42.83  ? 78  TRP A CG  1 
ATOM   558  C CD1 . TRP A 1 81  ? -3.457  -17.026 -1.161  1.00 42.67  ? 78  TRP A CD1 1 
ATOM   559  C CD2 . TRP A 1 81  ? -4.675  -15.326 -1.978  1.00 42.24  ? 78  TRP A CD2 1 
ATOM   560  N NE1 . TRP A 1 81  ? -4.762  -17.204 -0.751  1.00 47.15  ? 78  TRP A NE1 1 
ATOM   561  C CE2 . TRP A 1 81  ? -5.530  -16.177 -1.236  1.00 42.51  ? 78  TRP A CE2 1 
ATOM   562  C CE3 . TRP A 1 81  ? -5.216  -14.188 -2.590  1.00 41.19  ? 78  TRP A CE3 1 
ATOM   563  C CZ2 . TRP A 1 81  ? -6.898  -15.926 -1.087  1.00 42.61  ? 78  TRP A CZ2 1 
ATOM   564  C CZ3 . TRP A 1 81  ? -6.585  -13.934 -2.445  1.00 43.85  ? 78  TRP A CZ3 1 
ATOM   565  C CH2 . TRP A 1 81  ? -7.410  -14.802 -1.698  1.00 44.42  ? 78  TRP A CH2 1 
ATOM   566  N N   . ASP A 1 82  ? 0.880   -14.585 -1.831  1.00 44.38  ? 79  ASP A N   1 
ATOM   567  C CA  . ASP A 1 82  ? 2.204   -14.325 -2.362  1.00 44.26  ? 79  ASP A CA  1 
ATOM   568  C C   . ASP A 1 82  ? 2.666   -12.872 -2.282  1.00 44.89  ? 79  ASP A C   1 
ATOM   569  O O   . ASP A 1 82  ? 3.092   -12.285 -3.276  1.00 41.82  ? 79  ASP A O   1 
ATOM   570  C CB  . ASP A 1 82  ? 2.235   -14.826 -3.801  1.00 48.46  ? 79  ASP A CB  1 
ATOM   571  C CG  . ASP A 1 82  ? 1.767   -16.282 -3.912  1.00 57.59  ? 79  ASP A CG  1 
ATOM   572  O OD1 . ASP A 1 82  ? 2.402   -17.174 -3.283  1.00 59.36  ? 79  ASP A OD1 1 
ATOM   573  O OD2 . ASP A 1 82  ? 0.760   -16.541 -4.620  1.00 60.72  ? 79  ASP A OD2 1 
ATOM   574  N N   . LEU A 1 83  ? 2.574   -12.288 -1.092  1.00 44.89  ? 80  LEU A N   1 
ATOM   575  C CA  . LEU A 1 83  ? 3.026   -10.923 -0.889  1.00 45.27  ? 80  LEU A CA  1 
ATOM   576  C C   . LEU A 1 83  ? 4.550   -10.953 -1.026  1.00 47.65  ? 80  LEU A C   1 
ATOM   577  O O   . LEU A 1 83  ? 5.229   -11.674 -0.287  1.00 49.10  ? 80  LEU A O   1 
ATOM   578  C CB  . LEU A 1 83  ? 2.636   -10.449 0.508   1.00 43.49  ? 80  LEU A CB  1 
ATOM   579  C CG  . LEU A 1 83  ? 3.177   -9.091  0.941   1.00 41.98  ? 80  LEU A CG  1 
ATOM   580  C CD1 . LEU A 1 83  ? 2.760   -8.026  -0.044  1.00 43.55  ? 80  LEU A CD1 1 
ATOM   581  C CD2 . LEU A 1 83  ? 2.667   -8.781  2.318   1.00 43.52  ? 80  LEU A CD2 1 
ATOM   582  N N   . ALA A 1 84  ? 5.083   -10.193 -1.978  1.00 48.00  ? 81  ALA A N   1 
ATOM   583  C CA  . ALA A 1 84  ? 6.525   -10.148 -2.211  1.00 48.70  ? 81  ALA A CA  1 
ATOM   584  C C   . ALA A 1 84  ? 7.013   -8.709  -2.138  1.00 50.51  ? 81  ALA A C   1 
ATOM   585  O O   . ALA A 1 84  ? 6.992   -7.987  -3.135  1.00 48.89  ? 81  ALA A O   1 
ATOM   586  C CB  . ALA A 1 84  ? 6.855   -10.724 -3.569  1.00 47.15  ? 81  ALA A CB  1 
ATOM   587  N N   . PRO A 1 85  ? 7.444   -8.270  -0.946  1.00 53.89  ? 82  PRO A N   1 
ATOM   588  C CA  . PRO A 1 85  ? 7.930   -6.900  -0.767  1.00 58.91  ? 82  PRO A CA  1 
ATOM   589  C C   . PRO A 1 85  ? 9.407   -6.710  -1.104  1.00 63.69  ? 82  PRO A C   1 
ATOM   590  O O   . PRO A 1 85  ? 10.285  -7.023  -0.299  1.00 64.54  ? 82  PRO A O   1 
ATOM   591  C CB  . PRO A 1 85  ? 7.617   -6.613  0.701   1.00 56.27  ? 82  PRO A CB  1 
ATOM   592  C CG  . PRO A 1 85  ? 7.816   -7.937  1.342   1.00 55.06  ? 82  PRO A CG  1 
ATOM   593  C CD  . PRO A 1 85  ? 7.198   -8.915  0.359   1.00 54.29  ? 82  PRO A CD  1 
ATOM   594  N N   . GLY A 1 86  ? 9.663   -6.209  -2.311  1.00 67.80  ? 83  GLY A N   1 
ATOM   595  C CA  . GLY A 1 86  ? 11.027  -5.963  -2.746  1.00 72.42  ? 83  GLY A CA  1 
ATOM   596  C C   . GLY A 1 86  ? 11.575  -4.759  -2.002  1.00 75.05  ? 83  GLY A C   1 
ATOM   597  O O   . GLY A 1 86  ? 10.932  -4.258  -1.077  1.00 75.94  ? 83  GLY A O   1 
ATOM   598  N N   . GLU A 1 87  ? 12.747  -4.271  -2.397  1.00 77.48  ? 84  GLU A N   1 
ATOM   599  C CA  . GLU A 1 87  ? 13.317  -3.122  -1.699  1.00 79.42  ? 84  GLU A CA  1 
ATOM   600  C C   . GLU A 1 87  ? 12.754  -1.794  -2.203  1.00 77.93  ? 84  GLU A C   1 
ATOM   601  O O   . GLU A 1 87  ? 12.728  -0.818  -1.457  1.00 78.32  ? 84  GLU A O   1 
ATOM   602  C CB  . GLU A 1 87  ? 14.857  -3.138  -1.785  1.00 80.30  ? 84  GLU A CB  1 
ATOM   603  C CG  . GLU A 1 87  ? 15.532  -4.362  -1.093  1.00 83.93  ? 84  GLU A CG  1 
ATOM   604  C CD  . GLU A 1 87  ? 15.568  -4.304  0.451   1.00 84.19  ? 84  GLU A CD  1 
ATOM   605  O OE1 . GLU A 1 87  ? 15.949  -5.315  1.081   1.00 83.88  ? 84  GLU A OE1 1 
ATOM   606  O OE2 . GLU A 1 87  ? 15.233  -3.259  1.040   1.00 84.40  ? 84  GLU A OE2 1 
ATOM   607  N N   . THR A 1 88  ? 12.280  -1.760  -3.446  1.00 75.90  ? 85  THR A N   1 
ATOM   608  C CA  . THR A 1 88  ? 11.721  -0.526  -3.994  1.00 74.56  ? 85  THR A CA  1 
ATOM   609  C C   . THR A 1 88  ? 10.219  -0.574  -4.310  1.00 72.74  ? 85  THR A C   1 
ATOM   610  O O   . THR A 1 88  ? 9.589   0.461   -4.528  1.00 71.78  ? 85  THR A O   1 
ATOM   611  C CB  . THR A 1 88  ? 12.477  -0.103  -5.267  1.00 76.91  ? 85  THR A CB  1 
ATOM   612  O OG1 . THR A 1 88  ? 12.434  -1.168  -6.227  1.00 78.04  ? 85  THR A OG1 1 
ATOM   613  C CG2 . THR A 1 88  ? 13.929  0.213   -4.935  1.00 76.75  ? 85  THR A CG2 1 
ATOM   614  N N   . PHE A 1 89  ? 9.648   -1.774  -4.338  1.00 71.03  ? 86  PHE A N   1 
ATOM   615  C CA  . PHE A 1 89  ? 8.227   -1.938  -4.630  1.00 68.21  ? 86  PHE A CA  1 
ATOM   616  C C   . PHE A 1 89  ? 7.759   -3.300  -4.129  1.00 64.83  ? 86  PHE A C   1 
ATOM   617  O O   . PHE A 1 89  ? 8.578   -4.177  -3.856  1.00 66.05  ? 86  PHE A O   1 
ATOM   618  C CB  . PHE A 1 89  ? 7.994   -1.856  -6.137  1.00 69.70  ? 86  PHE A CB  1 
ATOM   619  C CG  . PHE A 1 89  ? 8.414   -3.088  -6.871  1.00 72.70  ? 86  PHE A CG  1 
ATOM   620  C CD1 . PHE A 1 89  ? 7.528   -4.145  -7.045  1.00 72.78  ? 86  PHE A CD1 1 
ATOM   621  C CD2 . PHE A 1 89  ? 9.721   -3.225  -7.329  1.00 74.08  ? 86  PHE A CD2 1 
ATOM   622  C CE1 . PHE A 1 89  ? 7.934   -5.321  -7.660  1.00 74.13  ? 86  PHE A CE1 1 
ATOM   623  C CE2 . PHE A 1 89  ? 10.138  -4.400  -7.946  1.00 74.74  ? 86  PHE A CE2 1 
ATOM   624  C CZ  . PHE A 1 89  ? 9.243   -5.451  -8.110  1.00 74.90  ? 86  PHE A CZ  1 
ATOM   625  N N   . PHE A 1 90  ? 6.446   -3.477  -4.000  1.00 59.47  ? 87  PHE A N   1 
ATOM   626  C CA  . PHE A 1 90  ? 5.907   -4.764  -3.564  1.00 54.63  ? 87  PHE A CA  1 
ATOM   627  C C   . PHE A 1 90  ? 4.845   -5.252  -4.543  1.00 52.51  ? 87  PHE A C   1 
ATOM   628  O O   . PHE A 1 90  ? 4.197   -4.449  -5.228  1.00 49.83  ? 87  PHE A O   1 
ATOM   629  C CB  . PHE A 1 90  ? 5.304   -4.674  -2.152  1.00 53.37  ? 87  PHE A CB  1 
ATOM   630  C CG  . PHE A 1 90  ? 4.037   -3.849  -2.062  1.00 54.70  ? 87  PHE A CG  1 
ATOM   631  C CD1 . PHE A 1 90  ? 4.094   -2.465  -1.914  1.00 56.22  ? 87  PHE A CD1 1 
ATOM   632  C CD2 . PHE A 1 90  ? 2.784   -4.466  -2.103  1.00 54.64  ? 87  PHE A CD2 1 
ATOM   633  C CE1 . PHE A 1 90  ? 2.923   -1.700  -1.806  1.00 55.90  ? 87  PHE A CE1 1 
ATOM   634  C CE2 . PHE A 1 90  ? 1.608   -3.715  -1.997  1.00 54.56  ? 87  PHE A CE2 1 
ATOM   635  C CZ  . PHE A 1 90  ? 1.676   -2.332  -1.847  1.00 56.60  ? 87  PHE A CZ  1 
ATOM   636  N N   . SER A 1 91  ? 4.696   -6.568  -4.640  1.00 48.97  ? 88  SER A N   1 
ATOM   637  C CA  . SER A 1 91  ? 3.669   -7.130  -5.506  1.00 50.29  ? 88  SER A CA  1 
ATOM   638  C C   . SER A 1 91  ? 2.852   -8.108  -4.657  1.00 46.93  ? 88  SER A C   1 
ATOM   639  O O   . SER A 1 91  ? 3.372   -8.678  -3.697  1.00 44.78  ? 88  SER A O   1 
ATOM   640  C CB  . SER A 1 91  ? 4.278   -7.789  -6.763  1.00 50.16  ? 88  SER A CB  1 
ATOM   641  O OG  . SER A 1 91  ? 5.188   -8.817  -6.448  1.00 58.42  ? 88  SER A OG  1 
ATOM   642  N N   . VAL A 1 92  ? 1.570   -8.259  -4.997  1.00 45.58  ? 89  VAL A N   1 
ATOM   643  C CA  . VAL A 1 92  ? 0.632   -9.105  -4.247  1.00 45.80  ? 89  VAL A CA  1 
ATOM   644  C C   . VAL A 1 92  ? -0.487  -9.606  -5.145  1.00 45.67  ? 89  VAL A C   1 
ATOM   645  O O   . VAL A 1 92  ? -0.830  -8.964  -6.136  1.00 45.56  ? 89  VAL A O   1 
ATOM   646  C CB  . VAL A 1 92  ? -0.129  -8.306  -3.137  1.00 44.13  ? 89  VAL A CB  1 
ATOM   647  C CG1 . VAL A 1 92  ? -0.673  -9.246  -2.091  1.00 42.73  ? 89  VAL A CG1 1 
ATOM   648  C CG2 . VAL A 1 92  ? 0.764   -7.279  -2.513  1.00 52.29  ? 89  VAL A CG2 1 
ATOM   649  N N   . THR A 1 93  ? -1.085  -10.728 -4.767  1.00 45.18  ? 90  THR A N   1 
ATOM   650  C CA  . THR A 1 93  ? -2.215  -11.258 -5.508  1.00 44.49  ? 90  THR A CA  1 
ATOM   651  C C   . THR A 1 93  ? -3.442  -11.019 -4.638  1.00 46.08  ? 90  THR A C   1 
ATOM   652  O O   . THR A 1 93  ? -3.457  -11.389 -3.461  1.00 48.12  ? 90  THR A O   1 
ATOM   653  C CB  . THR A 1 93  ? -2.090  -12.757 -5.744  1.00 43.31  ? 90  THR A CB  1 
ATOM   654  O OG1 . THR A 1 93  ? -0.957  -13.010 -6.577  1.00 44.31  ? 90  THR A OG1 1 
ATOM   655  C CG2 . THR A 1 93  ? -3.352  -13.292 -6.422  1.00 42.99  ? 90  THR A CG2 1 
ATOM   656  N N   . LEU A 1 94  ? -4.459  -10.392 -5.215  1.00 43.59  ? 91  LEU A N   1 
ATOM   657  C CA  . LEU A 1 94  ? -5.699  -10.112 -4.511  1.00 41.24  ? 91  LEU A CA  1 
ATOM   658  C C   . LEU A 1 94  ? -6.867  -10.579 -5.403  1.00 43.07  ? 91  LEU A C   1 
ATOM   659  O O   . LEU A 1 94  ? -6.665  -10.945 -6.565  1.00 41.98  ? 91  LEU A O   1 
ATOM   660  C CB  . LEU A 1 94  ? -5.812  -8.611  -4.260  1.00 39.96  ? 91  LEU A CB  1 
ATOM   661  C CG  . LEU A 1 94  ? -4.705  -7.890  -3.488  1.00 41.81  ? 91  LEU A CG  1 
ATOM   662  C CD1 . LEU A 1 94  ? -4.993  -6.397  -3.474  1.00 36.90  ? 91  LEU A CD1 1 
ATOM   663  C CD2 . LEU A 1 94  ? -4.608  -8.437  -2.058  1.00 40.55  ? 91  LEU A CD2 1 
ATOM   664  N N   . LYS A 1 95  ? -8.085  -10.549 -4.873  1.00 42.86  ? 92  LYS A N   1 
ATOM   665  C CA  . LYS A 1 95  ? -9.257  -10.969 -5.637  1.00 43.48  ? 92  LYS A CA  1 
ATOM   666  C C   . LYS A 1 95  ? -10.223 -9.834  -5.878  1.00 44.78  ? 92  LYS A C   1 
ATOM   667  O O   . LYS A 1 95  ? -10.517 -9.055  -4.975  1.00 46.03  ? 92  LYS A O   1 
ATOM   668  C CB  . LYS A 1 95  ? -10.005 -12.076 -4.904  1.00 44.83  ? 92  LYS A CB  1 
ATOM   669  C CG  . LYS A 1 95  ? -9.444  -13.431 -5.140  1.00 46.69  ? 92  LYS A CG  1 
ATOM   670  C CD  . LYS A 1 95  ? -10.251 -14.481 -4.414  1.00 46.81  ? 92  LYS A CD  1 
ATOM   671  C CE  . LYS A 1 95  ? -9.664  -15.850 -4.698  1.00 46.92  ? 92  LYS A CE  1 
ATOM   672  N NZ  . LYS A 1 95  ? -10.104 -16.792 -3.657  1.00 55.98  ? 92  LYS A NZ  1 
ATOM   673  N N   . PHE A 1 96  ? -10.718 -9.745  -7.101  1.00 46.21  ? 93  PHE A N   1 
ATOM   674  C CA  . PHE A 1 96  ? -11.679 -8.713  -7.467  1.00 48.72  ? 93  PHE A CA  1 
ATOM   675  C C   . PHE A 1 96  ? -12.850 -9.449  -8.104  1.00 49.79  ? 93  PHE A C   1 
ATOM   676  O O   . PHE A 1 96  ? -12.707 -10.053 -9.174  1.00 48.69  ? 93  PHE A O   1 
ATOM   677  C CB  . PHE A 1 96  ? -11.048 -7.723  -8.444  1.00 47.34  ? 93  PHE A CB  1 
ATOM   678  C CG  . PHE A 1 96  ? -9.804  -7.077  -7.913  1.00 49.57  ? 93  PHE A CG  1 
ATOM   679  C CD1 . PHE A 1 96  ? -8.589  -7.737  -7.969  1.00 50.88  ? 93  PHE A CD1 1 
ATOM   680  C CD2 . PHE A 1 96  ? -9.855  -5.819  -7.314  1.00 51.62  ? 93  PHE A CD2 1 
ATOM   681  C CE1 . PHE A 1 96  ? -7.431  -7.155  -7.438  1.00 53.53  ? 93  PHE A CE1 1 
ATOM   682  C CE2 . PHE A 1 96  ? -8.707  -5.228  -6.778  1.00 50.83  ? 93  PHE A CE2 1 
ATOM   683  C CZ  . PHE A 1 96  ? -7.493  -5.897  -6.840  1.00 51.34  ? 93  PHE A CZ  1 
ATOM   684  N N   . GLY A 1 97  ? -13.999 -9.415  -7.428  1.00 49.45  ? 94  GLY A N   1 
ATOM   685  C CA  . GLY A 1 97  ? -15.156 -10.128 -7.929  1.00 50.55  ? 94  GLY A CA  1 
ATOM   686  C C   . GLY A 1 97  ? -14.808 -11.605 -8.033  1.00 51.88  ? 94  GLY A C   1 
ATOM   687  O O   . GLY A 1 97  ? -15.123 -12.256 -9.037  1.00 51.96  ? 94  GLY A O   1 
ATOM   688  N N   . GLY A 1 98  ? -14.133 -12.122 -7.003  1.00 51.22  ? 95  GLY A N   1 
ATOM   689  C CA  . GLY A 1 98  ? -13.738 -13.520 -6.973  1.00 51.72  ? 95  GLY A CA  1 
ATOM   690  C C   . GLY A 1 98  ? -12.624 -13.923 -7.927  1.00 52.58  ? 95  GLY A C   1 
ATOM   691  O O   . GLY A 1 98  ? -12.204 -15.084 -7.923  1.00 51.87  ? 95  GLY A O   1 
ATOM   692  N N   . GLN A 1 99  ? -12.139 -12.982 -8.740  1.00 52.51  ? 96  GLN A N   1 
ATOM   693  C CA  . GLN A 1 99  ? -11.069 -13.262 -9.707  1.00 54.43  ? 96  GLN A CA  1 
ATOM   694  C C   . GLN A 1 99  ? -9.702  -12.807 -9.202  1.00 53.02  ? 96  GLN A C   1 
ATOM   695  O O   . GLN A 1 99  ? -9.473  -11.621 -8.995  1.00 52.18  ? 96  GLN A O   1 
ATOM   696  C CB  . GLN A 1 99  ? -11.354 -12.556 -11.039 1.00 57.36  ? 96  GLN A CB  1 
ATOM   697  C CG  . GLN A 1 99  ? -12.620 -13.007 -11.735 1.00 64.56  ? 96  GLN A CG  1 
ATOM   698  C CD  . GLN A 1 99  ? -12.478 -14.383 -12.343 1.00 71.12  ? 96  GLN A CD  1 
ATOM   699  O OE1 . GLN A 1 99  ? -11.923 -14.539 -13.434 1.00 75.86  ? 96  GLN A OE1 1 
ATOM   700  N NE2 . GLN A 1 99  ? -12.963 -15.397 -11.635 1.00 73.43  ? 96  GLN A NE2 1 
ATOM   701  N N   . PRO A 1 100 ? -8.768  -13.747 -9.012  1.00 52.78  ? 97  PRO A N   1 
ATOM   702  C CA  . PRO A 1 100 ? -7.429  -13.385 -8.530  1.00 52.29  ? 97  PRO A CA  1 
ATOM   703  C C   . PRO A 1 100 ? -6.607  -12.588 -9.557  1.00 52.37  ? 97  PRO A C   1 
ATOM   704  O O   . PRO A 1 100 ? -6.564  -12.941 -10.737 1.00 52.74  ? 97  PRO A O   1 
ATOM   705  C CB  . PRO A 1 100 ? -6.807  -14.741 -8.187  1.00 52.12  ? 97  PRO A CB  1 
ATOM   706  C CG  . PRO A 1 100 ? -7.469  -15.677 -9.157  1.00 54.07  ? 97  PRO A CG  1 
ATOM   707  C CD  . PRO A 1 100 ? -8.906  -15.208 -9.181  1.00 53.27  ? 97  PRO A CD  1 
ATOM   708  N N   . LYS A 1 101 ? -5.967  -11.509 -9.096  1.00 50.65  ? 98  LYS A N   1 
ATOM   709  C CA  . LYS A 1 101 ? -5.151  -10.645 -9.949  1.00 50.02  ? 98  LYS A CA  1 
ATOM   710  C C   . LYS A 1 101 ? -3.882  -10.164 -9.239  1.00 50.69  ? 98  LYS A C   1 
ATOM   711  O O   . LYS A 1 101 ? -3.862  -10.002 -8.017  1.00 48.02  ? 98  LYS A O   1 
ATOM   712  C CB  . LYS A 1 101 ? -5.966  -9.429  -10.402 1.00 51.35  ? 98  LYS A CB  1 
ATOM   713  C CG  . LYS A 1 101 ? -7.205  -9.779  -11.202 1.00 53.14  ? 98  LYS A CG  1 
ATOM   714  C CD  . LYS A 1 101 ? -8.063  -8.553  -11.470 1.00 55.54  ? 98  LYS A CD  1 
ATOM   715  C CE  . LYS A 1 101 ? -9.346  -8.930  -12.224 1.00 57.27  ? 98  LYS A CE  1 
ATOM   716  N NZ  . LYS A 1 101 ? -9.062  -9.628  -13.525 1.00 57.83  ? 98  LYS A NZ  1 
ATOM   717  N N   . ARG A 1 102 ? -2.832  -9.925  -10.021 1.00 51.99  ? 99  ARG A N   1 
ATOM   718  C CA  . ARG A 1 102 ? -1.545  -9.468  -9.501  1.00 53.92  ? 99  ARG A CA  1 
ATOM   719  C C   . ARG A 1 102 ? -1.340  -7.964  -9.604  1.00 55.80  ? 99  ARG A C   1 
ATOM   720  O O   . ARG A 1 102 ? -1.792  -7.326  -10.550 1.00 56.95  ? 99  ARG A O   1 
ATOM   721  C CB  . ARG A 1 102 ? -0.406  -10.166 -10.236 1.00 55.39  ? 99  ARG A CB  1 
ATOM   722  C CG  . ARG A 1 102 ? 0.182   -11.348 -9.488  1.00 56.76  ? 99  ARG A CG  1 
ATOM   723  C CD  . ARG A 1 102 ? 1.526   -11.001 -8.862  1.00 53.70  ? 99  ARG A CD  1 
ATOM   724  N NE  . ARG A 1 102 ? 1.606   -11.563 -7.522  1.00 57.28  ? 99  ARG A NE  1 
ATOM   725  C CZ  . ARG A 1 102 ? 2.691   -11.557 -6.761  1.00 57.45  ? 99  ARG A CZ  1 
ATOM   726  N NH1 . ARG A 1 102 ? 3.819   -11.023 -7.205  1.00 58.82  ? 99  ARG A NH1 1 
ATOM   727  N NH2 . ARG A 1 102 ? 2.631   -12.057 -5.539  1.00 58.25  ? 99  ARG A NH2 1 
ATOM   728  N N   . LEU A 1 103 ? -0.631  -7.409  -8.628  1.00 56.88  ? 100 LEU A N   1 
ATOM   729  C CA  . LEU A 1 103 ? -0.349  -5.982  -8.589  1.00 55.31  ? 100 LEU A CA  1 
ATOM   730  C C   . LEU A 1 103 ? 1.061   -5.719  -8.117  1.00 56.69  ? 100 LEU A C   1 
ATOM   731  O O   . LEU A 1 103 ? 1.587   -6.430  -7.256  1.00 54.06  ? 100 LEU A O   1 
ATOM   732  C CB  . LEU A 1 103 ? -1.282  -5.273  -7.617  1.00 56.02  ? 100 LEU A CB  1 
ATOM   733  C CG  . LEU A 1 103 ? -2.733  -5.033  -7.991  1.00 59.37  ? 100 LEU A CG  1 
ATOM   734  C CD1 . LEU A 1 103 ? -3.412  -4.362  -6.808  1.00 59.88  ? 100 LEU A CD1 1 
ATOM   735  C CD2 . LEU A 1 103 ? -2.819  -4.150  -9.232  1.00 60.33  ? 100 LEU A CD2 1 
ATOM   736  N N   . SER A 1 104 ? 1.657   -4.677  -8.678  1.00 57.74  ? 101 SER A N   1 
ATOM   737  C CA  . SER A 1 104 ? 2.988   -4.246  -8.296  1.00 59.47  ? 101 SER A CA  1 
ATOM   738  C C   . SER A 1 104 ? 2.862   -2.777  -7.968  1.00 59.01  ? 101 SER A C   1 
ATOM   739  O O   . SER A 1 104 ? 2.381   -1.995  -8.784  1.00 58.56  ? 101 SER A O   1 
ATOM   740  C CB  . SER A 1 104 ? 3.984   -4.453  -9.428  1.00 60.22  ? 101 SER A CB  1 
ATOM   741  O OG  . SER A 1 104 ? 4.519   -5.756  -9.344  1.00 66.14  ? 101 SER A OG  1 
ATOM   742  N N   . VAL A 1 105 ? 3.281   -2.408  -6.766  1.00 59.31  ? 102 VAL A N   1 
ATOM   743  C CA  . VAL A 1 105 ? 3.184   -1.020  -6.345  1.00 60.50  ? 102 VAL A CA  1 
ATOM   744  C C   . VAL A 1 105 ? 4.490   -0.511  -5.756  1.00 60.42  ? 102 VAL A C   1 
ATOM   745  O O   . VAL A 1 105 ? 5.062   -1.135  -4.860  1.00 59.39  ? 102 VAL A O   1 
ATOM   746  C CB  . VAL A 1 105 ? 2.062   -0.852  -5.298  1.00 60.36  ? 102 VAL A CB  1 
ATOM   747  C CG1 . VAL A 1 105 ? 1.956   0.603   -4.871  1.00 58.68  ? 102 VAL A CG1 1 
ATOM   748  C CG2 . VAL A 1 105 ? 0.746   -1.352  -5.876  1.00 59.08  ? 102 VAL A CG2 1 
ATOM   749  N N   . PRO A 1 106 ? 4.996   0.623   -6.270  1.00 61.59  ? 103 PRO A N   1 
ATOM   750  C CA  . PRO A 1 106 ? 6.249   1.149   -5.722  1.00 61.33  ? 103 PRO A CA  1 
ATOM   751  C C   . PRO A 1 106 ? 5.912   1.852   -4.417  1.00 60.68  ? 103 PRO A C   1 
ATOM   752  O O   . PRO A 1 106 ? 4.792   2.339   -4.242  1.00 61.10  ? 103 PRO A O   1 
ATOM   753  C CB  . PRO A 1 106 ? 6.718   2.138   -6.797  1.00 60.29  ? 103 PRO A CB  1 
ATOM   754  C CG  . PRO A 1 106 ? 6.037   1.667   -8.044  1.00 60.76  ? 103 PRO A CG  1 
ATOM   755  C CD  . PRO A 1 106 ? 4.666   1.298   -7.537  1.00 62.69  ? 103 PRO A CD  1 
ATOM   756  N N   . TYR A 1 107 ? 6.856   1.898   -3.489  1.00 59.74  ? 104 TYR A N   1 
ATOM   757  C CA  . TYR A 1 107 ? 6.575   2.585   -2.243  1.00 61.09  ? 104 TYR A CA  1 
ATOM   758  C C   . TYR A 1 107 ? 6.392   4.072   -2.524  1.00 60.94  ? 104 TYR A C   1 
ATOM   759  O O   . TYR A 1 107 ? 5.733   4.781   -1.768  1.00 63.17  ? 104 TYR A O   1 
ATOM   760  C CB  . TYR A 1 107 ? 7.697   2.332   -1.246  1.00 60.38  ? 104 TYR A CB  1 
ATOM   761  C CG  . TYR A 1 107 ? 7.838   0.860   -0.955  1.00 62.87  ? 104 TYR A CG  1 
ATOM   762  C CD1 . TYR A 1 107 ? 8.940   0.142   -1.408  1.00 62.73  ? 104 TYR A CD1 1 
ATOM   763  C CD2 . TYR A 1 107 ? 6.829   0.165   -0.280  1.00 62.64  ? 104 TYR A CD2 1 
ATOM   764  C CE1 . TYR A 1 107 ? 9.037   -1.234  -1.199  1.00 65.16  ? 104 TYR A CE1 1 
ATOM   765  C CE2 . TYR A 1 107 ? 6.916   -1.208  -0.067  1.00 63.56  ? 104 TYR A CE2 1 
ATOM   766  C CZ  . TYR A 1 107 ? 8.021   -1.902  -0.530  1.00 65.01  ? 104 TYR A CZ  1 
ATOM   767  O OH  . TYR A 1 107 ? 8.110   -3.262  -0.346  1.00 65.72  ? 104 TYR A OH  1 
ATOM   768  N N   . ALA A 1 108 ? 6.952   4.526   -3.641  1.00 59.88  ? 105 ALA A N   1 
ATOM   769  C CA  . ALA A 1 108 ? 6.846   5.920   -4.044  1.00 59.79  ? 105 ALA A CA  1 
ATOM   770  C C   . ALA A 1 108 ? 5.405   6.277   -4.420  1.00 60.04  ? 105 ALA A C   1 
ATOM   771  O O   . ALA A 1 108 ? 4.980   7.428   -4.286  1.00 60.34  ? 105 ALA A O   1 
ATOM   772  C CB  . ALA A 1 108 ? 7.765   6.187   -5.222  1.00 57.01  ? 105 ALA A CB  1 
ATOM   773  N N   . ALA A 1 109 ? 4.646   5.291   -4.888  1.00 58.67  ? 106 ALA A N   1 
ATOM   774  C CA  . ALA A 1 109 ? 3.268   5.542   -5.287  1.00 56.14  ? 106 ALA A CA  1 
ATOM   775  C C   . ALA A 1 109 ? 2.325   5.683   -4.093  1.00 55.30  ? 106 ALA A C   1 
ATOM   776  O O   . ALA A 1 109 ? 1.236   6.227   -4.226  1.00 53.68  ? 106 ALA A O   1 
ATOM   777  C CB  . ALA A 1 109 ? 2.794   4.440   -6.205  1.00 55.38  ? 106 ALA A CB  1 
ATOM   778  N N   . LEU A 1 110 ? 2.752   5.210   -2.927  1.00 56.25  ? 107 LEU A N   1 
ATOM   779  C CA  . LEU A 1 110 ? 1.927   5.276   -1.726  1.00 57.88  ? 107 LEU A CA  1 
ATOM   780  C C   . LEU A 1 110 ? 1.496   6.672   -1.323  1.00 58.47  ? 107 LEU A C   1 
ATOM   781  O O   . LEU A 1 110 ? 2.256   7.630   -1.453  1.00 57.73  ? 107 LEU A O   1 
ATOM   782  C CB  . LEU A 1 110 ? 2.660   4.641   -0.551  1.00 59.66  ? 107 LEU A CB  1 
ATOM   783  C CG  . LEU A 1 110 ? 2.395   3.159   -0.320  1.00 62.84  ? 107 LEU A CG  1 
ATOM   784  C CD1 . LEU A 1 110 ? 2.552   2.376   -1.611  1.00 64.97  ? 107 LEU A CD1 1 
ATOM   785  C CD2 . LEU A 1 110 ? 3.361   2.671   0.735   1.00 65.02  ? 107 LEU A CD2 1 
ATOM   786  N N   . THR A 1 111 ? 0.269   6.779   -0.820  1.00 57.97  ? 108 THR A N   1 
ATOM   787  C CA  . THR A 1 111 ? -0.244  8.060   -0.368  1.00 58.08  ? 108 THR A CA  1 
ATOM   788  C C   . THR A 1 111 ? -0.875  7.917   1.013   1.00 59.10  ? 108 THR A C   1 
ATOM   789  O O   . THR A 1 111 ? -1.092  8.903   1.711   1.00 58.68  ? 108 THR A O   1 
ATOM   790  C CB  . THR A 1 111 ? -1.287  8.649   -1.347  1.00 58.27  ? 108 THR A CB  1 
ATOM   791  O OG1 . THR A 1 111 ? -2.495  7.893   -1.282  1.00 61.86  ? 108 THR A OG1 1 
ATOM   792  C CG2 . THR A 1 111 ? -0.761  8.616   -2.771  1.00 60.13  ? 108 THR A CG2 1 
ATOM   793  N N   . ARG A 1 112 ? -1.164  6.691   1.427   1.00 60.28  ? 109 ARG A N   1 
ATOM   794  C CA  . ARG A 1 112 ? -1.755  6.512   2.742   1.00 61.20  ? 109 ARG A CA  1 
ATOM   795  C C   . ARG A 1 112 ? -1.530  5.112   3.292   1.00 60.61  ? 109 ARG A C   1 
ATOM   796  O O   . ARG A 1 112 ? -1.479  4.142   2.537   1.00 62.93  ? 109 ARG A O   1 
ATOM   797  C CB  . ARG A 1 112 ? -3.253  6.816   2.691   1.00 64.01  ? 109 ARG A CB  1 
ATOM   798  C CG  . ARG A 1 112 ? -3.854  7.083   4.058   1.00 68.65  ? 109 ARG A CG  1 
ATOM   799  C CD  . ARG A 1 112 ? -5.272  6.560   4.167   1.00 73.33  ? 109 ARG A CD  1 
ATOM   800  N NE  . ARG A 1 112 ? -5.818  6.771   5.506   1.00 79.32  ? 109 ARG A NE  1 
ATOM   801  C CZ  . ARG A 1 112 ? -6.876  6.128   5.997   1.00 81.95  ? 109 ARG A CZ  1 
ATOM   802  N NH1 . ARG A 1 112 ? -7.508  5.222   5.253   1.00 81.61  ? 109 ARG A NH1 1 
ATOM   803  N NH2 . ARG A 1 112 ? -7.302  6.385   7.232   1.00 82.03  ? 109 ARG A NH2 1 
ATOM   804  N N   . PHE A 1 113 ? -1.384  5.022   4.609   1.00 59.29  ? 110 PHE A N   1 
ATOM   805  C CA  . PHE A 1 113 ? -1.163  3.758   5.297   1.00 58.86  ? 110 PHE A CA  1 
ATOM   806  C C   . PHE A 1 113 ? -2.006  3.764   6.559   1.00 57.19  ? 110 PHE A C   1 
ATOM   807  O O   . PHE A 1 113 ? -2.003  4.750   7.290   1.00 56.57  ? 110 PHE A O   1 
ATOM   808  C CB  . PHE A 1 113 ? 0.303   3.605   5.691   1.00 60.50  ? 110 PHE A CB  1 
ATOM   809  C CG  . PHE A 1 113 ? 0.617   2.282   6.320   1.00 63.15  ? 110 PHE A CG  1 
ATOM   810  C CD1 . PHE A 1 113 ? 0.707   1.130   5.536   1.00 62.45  ? 110 PHE A CD1 1 
ATOM   811  C CD2 . PHE A 1 113 ? 0.790   2.175   7.700   1.00 64.00  ? 110 PHE A CD2 1 
ATOM   812  C CE1 . PHE A 1 113 ? 0.963   -0.114  6.118   1.00 63.76  ? 110 PHE A CE1 1 
ATOM   813  C CE2 . PHE A 1 113 ? 1.046   0.938   8.298   1.00 63.75  ? 110 PHE A CE2 1 
ATOM   814  C CZ  . PHE A 1 113 ? 1.132   -0.211  7.503   1.00 65.31  ? 110 PHE A CZ  1 
ATOM   815  N N   . TYR A 1 114 ? -2.715  2.671   6.824   1.00 56.03  ? 111 TYR A N   1 
ATOM   816  C CA  . TYR A 1 114 ? -3.572  2.606   8.000   1.00 55.41  ? 111 TYR A CA  1 
ATOM   817  C C   . TYR A 1 114 ? -3.782  1.187   8.526   1.00 54.58  ? 111 TYR A C   1 
ATOM   818  O O   . TYR A 1 114 ? -4.090  0.276   7.765   1.00 54.85  ? 111 TYR A O   1 
ATOM   819  C CB  . TYR A 1 114 ? -4.939  3.243   7.672   1.00 56.82  ? 111 TYR A CB  1 
ATOM   820  C CG  . TYR A 1 114 ? -5.863  3.381   8.868   1.00 57.89  ? 111 TYR A CG  1 
ATOM   821  C CD1 . TYR A 1 114 ? -5.476  4.120   9.984   1.00 58.72  ? 111 TYR A CD1 1 
ATOM   822  C CD2 . TYR A 1 114 ? -7.108  2.744   8.901   1.00 60.43  ? 111 TYR A CD2 1 
ATOM   823  C CE1 . TYR A 1 114 ? -6.296  4.225   11.111  1.00 62.09  ? 111 TYR A CE1 1 
ATOM   824  C CE2 . TYR A 1 114 ? -7.948  2.838   10.037  1.00 60.83  ? 111 TYR A CE2 1 
ATOM   825  C CZ  . TYR A 1 114 ? -7.530  3.582   11.135  1.00 62.75  ? 111 TYR A CZ  1 
ATOM   826  O OH  . TYR A 1 114 ? -8.321  3.694   12.261  1.00 64.40  ? 111 TYR A OH  1 
ATOM   827  N N   . ASP A 1 115 ? -3.598  1.007   9.831   1.00 53.94  ? 112 ASP A N   1 
ATOM   828  C CA  . ASP A 1 115 ? -3.816  -0.282  10.478  1.00 55.32  ? 112 ASP A CA  1 
ATOM   829  C C   . ASP A 1 115 ? -4.892  -0.036  11.533  1.00 57.75  ? 112 ASP A C   1 
ATOM   830  O O   . ASP A 1 115 ? -4.590  0.387   12.642  1.00 60.67  ? 112 ASP A O   1 
ATOM   831  C CB  . ASP A 1 115 ? -2.552  -0.787  11.174  1.00 52.03  ? 112 ASP A CB  1 
ATOM   832  C CG  . ASP A 1 115 ? -2.758  -2.142  11.850  1.00 54.52  ? 112 ASP A CG  1 
ATOM   833  O OD1 . ASP A 1 115 ? -3.923  -2.524  12.117  1.00 57.81  ? 112 ASP A OD1 1 
ATOM   834  O OD2 . ASP A 1 115 ? -1.756  -2.834  12.130  1.00 52.81  ? 112 ASP A OD2 1 
ATOM   835  N N   . PRO A 1 116 ? -6.160  -0.295  11.194  1.00 59.21  ? 113 PRO A N   1 
ATOM   836  C CA  . PRO A 1 116 ? -7.322  -0.115  12.075  1.00 60.63  ? 113 PRO A CA  1 
ATOM   837  C C   . PRO A 1 116 ? -7.199  -0.660  13.499  1.00 61.54  ? 113 PRO A C   1 
ATOM   838  O O   . PRO A 1 116 ? -7.808  -0.120  14.415  1.00 61.70  ? 113 PRO A O   1 
ATOM   839  C CB  . PRO A 1 116 ? -8.447  -0.814  11.307  1.00 59.22  ? 113 PRO A CB  1 
ATOM   840  C CG  . PRO A 1 116 ? -8.085  -0.558  9.899   1.00 60.22  ? 113 PRO A CG  1 
ATOM   841  C CD  . PRO A 1 116 ? -6.587  -0.817  9.882   1.00 60.58  ? 113 PRO A CD  1 
ATOM   842  N N   . SER A 1 117 ? -6.423  -1.729  13.678  1.00 63.26  ? 114 SER A N   1 
ATOM   843  C CA  . SER A 1 117 ? -6.258  -2.370  14.985  1.00 64.88  ? 114 SER A CA  1 
ATOM   844  C C   . SER A 1 117 ? -5.680  -1.514  16.105  1.00 66.54  ? 114 SER A C   1 
ATOM   845  O O   . SER A 1 117 ? -6.087  -1.639  17.271  1.00 66.39  ? 114 SER A O   1 
ATOM   846  C CB  . SER A 1 117 ? -5.411  -3.634  14.844  1.00 65.30  ? 114 SER A CB  1 
ATOM   847  O OG  . SER A 1 117 ? -6.196  -4.696  14.331  1.00 67.16  ? 114 SER A OG  1 
ATOM   848  N N   . VAL A 1 118 ? -4.719  -0.666  15.752  1.00 65.81  ? 115 VAL A N   1 
ATOM   849  C CA  . VAL A 1 118 ? -4.072  0.213   16.718  1.00 65.52  ? 115 VAL A CA  1 
ATOM   850  C C   . VAL A 1 118 ? -4.210  1.643   16.217  1.00 67.17  ? 115 VAL A C   1 
ATOM   851  O O   . VAL A 1 118 ? -3.522  2.548   16.672  1.00 68.12  ? 115 VAL A O   1 
ATOM   852  C CB  . VAL A 1 118 ? -2.572  -0.148  16.884  1.00 64.25  ? 115 VAL A CB  1 
ATOM   853  C CG1 . VAL A 1 118 ? -2.437  -1.516  17.539  1.00 62.16  ? 115 VAL A CG1 1 
ATOM   854  C CG2 . VAL A 1 118 ? -1.877  -0.164  15.519  1.00 63.97  ? 115 VAL A CG2 1 
ATOM   855  N N   . GLN A 1 119 ? -5.111  1.831   15.264  1.00 68.36  ? 116 GLN A N   1 
ATOM   856  C CA  . GLN A 1 119 ? -5.364  3.142   14.690  1.00 69.42  ? 116 GLN A CA  1 
ATOM   857  C C   . GLN A 1 119 ? -4.112  3.917   14.307  1.00 68.14  ? 116 GLN A C   1 
ATOM   858  O O   . GLN A 1 119 ? -4.046  5.136   14.488  1.00 66.59  ? 116 GLN A O   1 
ATOM   859  C CB  . GLN A 1 119 ? -6.198  3.974   15.654  1.00 73.21  ? 116 GLN A CB  1 
ATOM   860  C CG  . GLN A 1 119 ? -7.605  3.447   15.865  1.00 79.31  ? 116 GLN A CG  1 
ATOM   861  C CD  . GLN A 1 119 ? -8.288  4.138   17.024  1.00 82.48  ? 116 GLN A CD  1 
ATOM   862  O OE1 . GLN A 1 119 ? -8.473  5.361   17.017  1.00 82.49  ? 116 GLN A OE1 1 
ATOM   863  N NE2 . GLN A 1 119 ? -8.655  3.362   18.038  1.00 84.13  ? 116 GLN A NE2 1 
ATOM   864  N N   . PHE A 1 120 ? -3.123  3.213   13.768  1.00 66.16  ? 117 PHE A N   1 
ATOM   865  C CA  . PHE A 1 120 ? -1.904  3.871   13.334  1.00 64.19  ? 117 PHE A CA  1 
ATOM   866  C C   . PHE A 1 120 ? -2.063  4.245   11.865  1.00 63.26  ? 117 PHE A C   1 
ATOM   867  O O   . PHE A 1 120 ? -2.393  3.399   11.041  1.00 63.67  ? 117 PHE A O   1 
ATOM   868  C CB  . PHE A 1 120 ? -0.697  2.946   13.514  1.00 63.71  ? 117 PHE A CB  1 
ATOM   869  C CG  . PHE A 1 120 ? 0.575   3.523   12.979  1.00 63.64  ? 117 PHE A CG  1 
ATOM   870  C CD1 . PHE A 1 120 ? 1.011   3.208   11.696  1.00 62.54  ? 117 PHE A CD1 1 
ATOM   871  C CD2 . PHE A 1 120 ? 1.306   4.445   13.730  1.00 64.11  ? 117 PHE A CD2 1 
ATOM   872  C CE1 . PHE A 1 120 ? 2.150   3.806   11.161  1.00 62.84  ? 117 PHE A CE1 1 
ATOM   873  C CE2 . PHE A 1 120 ? 2.448   5.051   13.205  1.00 63.24  ? 117 PHE A CE2 1 
ATOM   874  C CZ  . PHE A 1 120 ? 2.871   4.731   11.915  1.00 63.81  ? 117 PHE A CZ  1 
ATOM   875  N N   . ALA A 1 121 ? -1.821  5.508   11.532  1.00 63.65  ? 118 ALA A N   1 
ATOM   876  C CA  . ALA A 1 121 ? -1.965  5.959   10.155  1.00 65.59  ? 118 ALA A CA  1 
ATOM   877  C C   . ALA A 1 121 ? -0.805  6.830   9.677   1.00 66.94  ? 118 ALA A C   1 
ATOM   878  O O   . ALA A 1 121 ? -0.121  7.447   10.476  1.00 67.15  ? 118 ALA A O   1 
ATOM   879  C CB  . ALA A 1 121 ? -3.273  6.720   10.006  1.00 64.98  ? 118 ALA A CB  1 
ATOM   880  N N   . LEU A 1 122 ? -0.596  6.870   8.363   1.00 70.21  ? 119 LEU A N   1 
ATOM   881  C CA  . LEU A 1 122 ? 0.458   7.679   7.748   1.00 73.89  ? 119 LEU A CA  1 
ATOM   882  C C   . LEU A 1 122 ? -0.080  8.258   6.448   1.00 76.96  ? 119 LEU A C   1 
ATOM   883  O O   . LEU A 1 122 ? -0.874  7.616   5.771   1.00 77.76  ? 119 LEU A O   1 
ATOM   884  C CB  . LEU A 1 122 ? 1.694   6.827   7.430   1.00 72.26  ? 119 LEU A CB  1 
ATOM   885  C CG  . LEU A 1 122 ? 2.515   6.245   8.581   1.00 73.46  ? 119 LEU A CG  1 
ATOM   886  C CD1 . LEU A 1 122 ? 3.614   5.359   8.012   1.00 72.75  ? 119 LEU A CD1 1 
ATOM   887  C CD2 . LEU A 1 122 ? 3.118   7.365   9.421   1.00 71.77  ? 119 LEU A CD2 1 
ATOM   888  N N   . GLN A 1 123 ? 0.348   9.468   6.102   1.00 81.89  ? 120 GLN A N   1 
ATOM   889  C CA  . GLN A 1 123 ? -0.087  10.116  4.866   1.00 87.81  ? 120 GLN A CA  1 
ATOM   890  C C   . GLN A 1 123 ? 1.148   10.642  4.138   1.00 90.09  ? 120 GLN A C   1 
ATOM   891  O O   . GLN A 1 123 ? 1.942   11.369  4.720   1.00 90.07  ? 120 GLN A O   1 
ATOM   892  C CB  . GLN A 1 123 ? -1.057  11.264  5.179   1.00 89.62  ? 120 GLN A CB  1 
ATOM   893  C CG  . GLN A 1 123 ? -2.308  10.836  5.970   1.00 94.29  ? 120 GLN A CG  1 
ATOM   894  C CD  . GLN A 1 123 ? -3.215  12.013  6.365   1.00 97.70  ? 120 GLN A CD  1 
ATOM   895  O OE1 . GLN A 1 123 ? -3.696  12.760  5.507   1.00 98.94  ? 120 GLN A OE1 1 
ATOM   896  N NE2 . GLN A 1 123 ? -3.453  12.173  7.670   1.00 97.38  ? 120 GLN A NE2 1 
ATOM   897  N N   . PHE A 1 124 ? 1.315   10.263  2.873   1.00 94.74  ? 121 PHE A N   1 
ATOM   898  C CA  . PHE A 1 124 ? 2.472   10.698  2.093   1.00 99.68  ? 121 PHE A CA  1 
ATOM   899  C C   . PHE A 1 124 ? 2.096   11.533  0.876   1.00 105.32 ? 121 PHE A C   1 
ATOM   900  O O   . PHE A 1 124 ? 0.945   11.937  0.707   1.00 104.64 ? 121 PHE A O   1 
ATOM   901  C CB  . PHE A 1 124 ? 3.288   9.501   1.596   1.00 96.98  ? 121 PHE A CB  1 
ATOM   902  C CG  . PHE A 1 124 ? 3.455   8.408   2.603   1.00 95.35  ? 121 PHE A CG  1 
ATOM   903  C CD1 . PHE A 1 124 ? 2.484   7.430   2.751   1.00 94.18  ? 121 PHE A CD1 1 
ATOM   904  C CD2 . PHE A 1 124 ? 4.592   8.342   3.390   1.00 94.46  ? 121 PHE A CD2 1 
ATOM   905  C CE1 . PHE A 1 124 ? 2.644   6.402   3.665   1.00 93.44  ? 121 PHE A CE1 1 
ATOM   906  C CE2 . PHE A 1 124 ? 4.760   7.319   4.308   1.00 94.28  ? 121 PHE A CE2 1 
ATOM   907  C CZ  . PHE A 1 124 ? 3.784   6.346   4.445   1.00 93.71  ? 121 PHE A CZ  1 
ATOM   908  N N   . SER A 1 125 ? 3.098   11.764  0.028   1.00 113.38 ? 122 SER A N   1 
ATOM   909  C CA  . SER A 1 125 ? 2.972   12.542  -1.205  1.00 121.15 ? 122 SER A CA  1 
ATOM   910  C C   . SER A 1 125 ? 2.203   13.841  -0.991  1.00 126.34 ? 122 SER A C   1 
ATOM   911  O O   . SER A 1 125 ? 1.773   14.486  -1.951  1.00 126.82 ? 122 SER A O   1 
ATOM   912  C CB  . SER A 1 125 ? 2.291   11.709  -2.299  1.00 121.31 ? 122 SER A CB  1 
ATOM   913  O OG  . SER A 1 125 ? 2.332   12.374  -3.552  1.00 121.46 ? 122 SER A OG  1 
ATOM   914  N N   . ALA A 1 126 ? 2.043   14.220  0.274   1.00 132.53 ? 123 ALA A N   1 
ATOM   915  C CA  . ALA A 1 126 ? 1.328   15.437  0.635   1.00 138.61 ? 123 ALA A CA  1 
ATOM   916  C C   . ALA A 1 126 ? 2.263   16.416  1.341   1.00 143.00 ? 123 ALA A C   1 
ATOM   917  O O   . ALA A 1 126 ? 2.501   16.297  2.546   1.00 142.98 ? 123 ALA A O   1 
ATOM   918  C CB  . ALA A 1 126 ? 0.141   15.097  1.539   1.00 138.19 ? 123 ALA A CB  1 
ATOM   919  N N   . PRO A 1 127 ? 2.815   17.391  0.593   1.00 147.52 ? 124 PRO A N   1 
ATOM   920  C CA  . PRO A 1 127 ? 3.728   18.399  1.148   1.00 151.12 ? 124 PRO A CA  1 
ATOM   921  C C   . PRO A 1 127 ? 2.994   19.490  1.936   1.00 154.34 ? 124 PRO A C   1 
ATOM   922  O O   . PRO A 1 127 ? 3.609   20.253  2.686   1.00 154.55 ? 124 PRO A O   1 
ATOM   923  C CB  . PRO A 1 127 ? 4.426   18.946  -0.096  1.00 150.62 ? 124 PRO A CB  1 
ATOM   924  C CG  . PRO A 1 127 ? 3.339   18.889  -1.126  1.00 149.58 ? 124 PRO A CG  1 
ATOM   925  C CD  . PRO A 1 127 ? 2.720   17.525  -0.875  1.00 148.38 ? 124 PRO A CD  1 
ATOM   926  N N   . GLU A 1 128 ? 1.674   19.546  1.752   1.00 157.75 ? 125 GLU A N   1 
ATOM   927  C CA  . GLU A 1 128 ? 0.805   20.515  2.424   1.00 160.58 ? 125 GLU A CA  1 
ATOM   928  C C   . GLU A 1 128 ? 1.327   21.951  2.331   1.00 161.33 ? 125 GLU A C   1 
ATOM   929  O O   . GLU A 1 128 ? 1.488   22.592  3.393   1.00 161.95 ? 125 GLU A O   1 
ATOM   930  C CB  . GLU A 1 128 ? 0.618   20.121  3.898   1.00 162.07 ? 125 GLU A CB  1 
ATOM   931  C CG  . GLU A 1 128 ? 0.142   18.685  4.117   1.00 164.13 ? 125 GLU A CG  1 
ATOM   932  C CD  . GLU A 1 128 ? -1.221  18.405  3.506   1.00 165.39 ? 125 GLU A CD  1 
ATOM   933  O OE1 . GLU A 1 128 ? -1.665  17.238  3.566   1.00 166.11 ? 125 GLU A OE1 1 
ATOM   934  O OE2 . GLU A 1 128 ? -1.847  19.345  2.969   1.00 165.85 ? 125 GLU A OE2 1 
ATOM   935  N N   . HIS B 2 5   ? -11.959 4.420   4.673   1.00 103.61 ? 6   HIS B N   1 
ATOM   936  C CA  . HIS B 2 5   ? -11.149 3.327   4.051   1.00 103.83 ? 6   HIS B CA  1 
ATOM   937  C C   . HIS B 2 5   ? -11.492 3.121   2.570   1.00 101.81 ? 6   HIS B C   1 
ATOM   938  O O   . HIS B 2 5   ? -10.989 3.845   1.700   1.00 101.56 ? 6   HIS B O   1 
ATOM   939  C CB  . HIS B 2 5   ? -11.324 2.010   4.847   1.00 106.57 ? 6   HIS B CB  1 
ATOM   940  C CG  . HIS B 2 5   ? -12.753 1.614   5.113   1.00 109.05 ? 6   HIS B CG  1 
ATOM   941  N ND1 . HIS B 2 5   ? -13.084 0.471   5.812   1.00 110.12 ? 6   HIS B ND1 1 
ATOM   942  C CD2 . HIS B 2 5   ? -13.929 2.194   4.771   1.00 110.27 ? 6   HIS B CD2 1 
ATOM   943  C CE1 . HIS B 2 5   ? -14.399 0.364   5.888   1.00 110.20 ? 6   HIS B CE1 1 
ATOM   944  N NE2 . HIS B 2 5   ? -14.936 1.397   5.264   1.00 110.50 ? 6   HIS B NE2 1 
ATOM   945  N N   . GLY B 2 6   ? -12.335 2.132   2.287   1.00 98.78  ? 7   GLY B N   1 
ATOM   946  C CA  . GLY B 2 6   ? -12.749 1.870   0.921   1.00 93.67  ? 7   GLY B CA  1 
ATOM   947  C C   . GLY B 2 6   ? -11.829 1.012   0.079   1.00 89.56  ? 7   GLY B C   1 
ATOM   948  O O   . GLY B 2 6   ? -11.359 1.457   -0.973  1.00 90.20  ? 7   GLY B O   1 
ATOM   949  N N   . ALA B 2 7   ? -11.581 -0.220  0.526   1.00 84.53  ? 8   ALA B N   1 
ATOM   950  C CA  . ALA B 2 7   ? -10.716 -1.144  -0.208  1.00 78.56  ? 8   ALA B CA  1 
ATOM   951  C C   . ALA B 2 7   ? -11.383 -1.542  -1.525  1.00 75.06  ? 8   ALA B C   1 
ATOM   952  O O   . ALA B 2 7   ? -12.612 -1.592  -1.614  1.00 74.27  ? 8   ALA B O   1 
ATOM   953  C CB  . ALA B 2 7   ? -10.438 -2.385  0.635   1.00 77.34  ? 8   ALA B CB  1 
ATOM   954  N N   . ALA B 2 8   ? -10.571 -1.818  -2.542  1.00 70.66  ? 9   ALA B N   1 
ATOM   955  C CA  . ALA B 2 8   ? -11.081 -2.216  -3.851  1.00 66.31  ? 9   ALA B CA  1 
ATOM   956  C C   . ALA B 2 8   ? -11.195 -3.736  -3.996  1.00 64.45  ? 9   ALA B C   1 
ATOM   957  O O   . ALA B 2 8   ? -12.097 -4.230  -4.676  1.00 65.67  ? 9   ALA B O   1 
ATOM   958  C CB  . ALA B 2 8   ? -10.187 -1.663  -4.943  1.00 65.42  ? 9   ALA B CB  1 
ATOM   959  N N   . ASN B 2 9   ? -10.287 -4.470  -3.357  1.00 60.30  ? 10  ASN B N   1 
ATOM   960  C CA  . ASN B 2 9   ? -10.274 -5.929  -3.430  1.00 57.24  ? 10  ASN B CA  1 
ATOM   961  C C   . ASN B 2 9   ? -11.234 -6.622  -2.452  1.00 56.71  ? 10  ASN B C   1 
ATOM   962  O O   . ASN B 2 9   ? -11.651 -6.038  -1.449  1.00 54.93  ? 10  ASN B O   1 
ATOM   963  C CB  . ASN B 2 9   ? -8.846  -6.448  -3.202  1.00 54.31  ? 10  ASN B CB  1 
ATOM   964  C CG  . ASN B 2 9   ? -8.301  -6.075  -1.836  1.00 51.95  ? 10  ASN B CG  1 
ATOM   965  O OD1 . ASN B 2 9   ? -8.199  -4.892  -1.501  1.00 46.78  ? 10  ASN B OD1 1 
ATOM   966  N ND2 . ASN B 2 9   ? -7.956  -7.083  -1.035  1.00 51.44  ? 10  ASN B ND2 1 
ATOM   967  N N   . ASP B 2 10  ? -11.582 -7.872  -2.761  1.00 56.82  ? 11  ASP B N   1 
ATOM   968  C CA  . ASP B 2 10  ? -12.485 -8.664  -1.925  1.00 58.87  ? 11  ASP B CA  1 
ATOM   969  C C   . ASP B 2 10  ? -11.809 -8.878  -0.554  1.00 59.97  ? 11  ASP B C   1 
ATOM   970  O O   . ASP B 2 10  ? -10.590 -9.066  -0.481  1.00 61.58  ? 11  ASP B O   1 
ATOM   971  C CB  . ASP B 2 10  ? -12.782 -10.035 -2.586  1.00 57.01  ? 11  ASP B CB  1 
ATOM   972  C CG  . ASP B 2 10  ? -13.391 -9.922  -4.012  1.00 57.75  ? 11  ASP B CG  1 
ATOM   973  O OD1 . ASP B 2 10  ? -13.656 -10.989 -4.624  1.00 53.48  ? 11  ASP B OD1 1 
ATOM   974  O OD2 . ASP B 2 10  ? -13.604 -8.794  -4.529  1.00 56.33  ? 11  ASP B OD2 1 
ATOM   975  N N   . ASN B 2 11  ? -12.581 -8.840  0.530   1.00 61.15  ? 12  ASN B N   1 
ATOM   976  C CA  . ASN B 2 11  ? -11.999 -9.037  1.859   1.00 63.49  ? 12  ASN B CA  1 
ATOM   977  C C   . ASN B 2 11  ? -12.927 -9.713  2.876   1.00 65.10  ? 12  ASN B C   1 
ATOM   978  O O   . ASN B 2 11  ? -12.828 -9.459  4.078   1.00 65.00  ? 12  ASN B O   1 
ATOM   979  C CB  . ASN B 2 11  ? -11.494 -7.695  2.434   1.00 61.71  ? 12  ASN B CB  1 
ATOM   980  C CG  . ASN B 2 11  ? -10.714 -7.874  3.745   1.00 61.35  ? 12  ASN B CG  1 
ATOM   981  O OD1 . ASN B 2 11  ? -9.807  -8.710  3.836   1.00 61.10  ? 12  ASN B OD1 1 
ATOM   982  N ND2 . ASN B 2 11  ? -11.068 -7.089  4.760   1.00 58.53  ? 12  ASN B ND2 1 
ATOM   983  N N   . PHE B 2 12  ? -13.827 -10.573 2.410   1.00 68.47  ? 13  PHE B N   1 
ATOM   984  C CA  . PHE B 2 12  ? -14.719 -11.257 3.337   1.00 70.80  ? 13  PHE B CA  1 
ATOM   985  C C   . PHE B 2 12  ? -13.946 -12.371 4.046   1.00 74.82  ? 13  PHE B C   1 
ATOM   986  O O   . PHE B 2 12  ? -13.326 -13.224 3.402   1.00 75.08  ? 13  PHE B O   1 
ATOM   987  C CB  . PHE B 2 12  ? -15.925 -11.847 2.608   1.00 67.79  ? 13  PHE B CB  1 
ATOM   988  C CG  . PHE B 2 12  ? -16.919 -12.512 3.526   1.00 66.83  ? 13  PHE B CG  1 
ATOM   989  C CD1 . PHE B 2 12  ? -17.423 -13.772 3.231   1.00 65.23  ? 13  PHE B CD1 1 
ATOM   990  C CD2 . PHE B 2 12  ? -17.350 -11.878 4.688   1.00 67.06  ? 13  PHE B CD2 1 
ATOM   991  C CE1 . PHE B 2 12  ? -18.337 -14.393 4.073   1.00 63.32  ? 13  PHE B CE1 1 
ATOM   992  C CE2 . PHE B 2 12  ? -18.265 -12.494 5.533   1.00 65.89  ? 13  PHE B CE2 1 
ATOM   993  C CZ  . PHE B 2 12  ? -18.758 -13.753 5.222   1.00 64.63  ? 13  PHE B CZ  1 
ATOM   994  N N   . ALA B 2 13  ? -13.982 -12.351 5.375   1.00 79.14  ? 14  ALA B N   1 
ATOM   995  C CA  . ALA B 2 13  ? -13.289 -13.345 6.187   1.00 84.45  ? 14  ALA B CA  1 
ATOM   996  C C   . ALA B 2 13  ? -13.822 -14.757 5.931   1.00 88.63  ? 14  ALA B C   1 
ATOM   997  O O   . ALA B 2 13  ? -14.898 -14.935 5.356   1.00 89.35  ? 14  ALA B O   1 
ATOM   998  C CB  . ALA B 2 13  ? -13.431 -12.990 7.664   1.00 82.30  ? 14  ALA B CB  1 
ATOM   999  N N   . GLU B 2 14  ? -13.064 -15.763 6.356   1.00 93.28  ? 15  GLU B N   1 
ATOM   1000 C CA  . GLU B 2 14  ? -13.480 -17.152 6.176   1.00 97.02  ? 15  GLU B CA  1 
ATOM   1001 C C   . GLU B 2 14  ? -12.978 -18.060 7.314   1.00 97.93  ? 15  GLU B C   1 
ATOM   1002 O O   . GLU B 2 14  ? -13.840 -18.585 8.060   1.00 97.63  ? 15  GLU B O   1 
ATOM   1003 C CB  . GLU B 2 14  ? -12.989 -17.670 4.812   1.00 99.63  ? 15  GLU B CB  1 
ATOM   1004 C CG  . GLU B 2 14  ? -13.630 -16.986 3.587   1.00 102.31 ? 15  GLU B CG  1 
ATOM   1005 C CD  . GLU B 2 14  ? -15.099 -17.360 3.380   1.00 104.03 ? 15  GLU B CD  1 
ATOM   1006 O OE1 . GLU B 2 14  ? -15.912 -17.154 4.310   1.00 105.24 ? 15  GLU B OE1 1 
ATOM   1007 O OE2 . GLU B 2 14  ? -15.441 -17.857 2.282   1.00 103.84 ? 15  GLU B OE2 1 
HETATM 1008 O O   . HOH C 3 .   ? -8.376  -9.726  -2.258  1.00 45.84  ? 126 HOH A O   1 
HETATM 1009 O O   . HOH C 3 .   ? -10.037 2.055   -3.829  1.00 60.51  ? 127 HOH A O   1 
HETATM 1010 O O   . HOH C 3 .   ? -7.245  -9.051  2.217   1.00 51.89  ? 128 HOH A O   1 
HETATM 1011 O O   . HOH C 3 .   ? -5.246  3.509   3.544   1.00 61.00  ? 129 HOH A O   1 
HETATM 1012 O O   . HOH C 3 .   ? -11.716 -17.526 -7.060  1.00 63.00  ? 130 HOH A O   1 
HETATM 1013 O O   . HOH C 3 .   ? -1.141  -14.813 2.429   1.00 60.80  ? 131 HOH A O   1 
HETATM 1014 O O   . HOH C 3 .   ? 0.346   -16.672 0.012   1.00 48.34  ? 132 HOH A O   1 
HETATM 1015 O O   . HOH C 3 .   ? -16.112 -12.038 -11.602 1.00 46.03  ? 133 HOH A O   1 
HETATM 1016 O O   . HOH C 3 .   ? 10.903  21.290  4.660   1.00 64.90  ? 134 HOH A O   1 
HETATM 1017 O O   . HOH C 3 .   ? -5.363  -14.816 2.531   1.00 67.66  ? 135 HOH A O   1 
HETATM 1018 O O   . HOH C 3 .   ? 9.685   3.290   -4.771  1.00 63.34  ? 136 HOH A O   1 
HETATM 1019 O O   . HOH C 3 .   ? 13.037  -5.736  -5.031  1.00 66.17  ? 137 HOH A O   1 
HETATM 1020 O O   . HOH C 3 .   ? -4.889  -13.737 4.865   1.00 54.89  ? 138 HOH A O   1 
HETATM 1021 O O   . HOH C 3 .   ? 10.606  -8.776  -4.068  1.00 82.90  ? 139 HOH A O   1 
HETATM 1022 O O   . HOH C 3 .   ? 6.236   -15.982 11.159  1.00 65.23  ? 140 HOH A O   1 
HETATM 1023 O O   . HOH C 3 .   ? -3.068  7.907   -10.570 1.00 79.33  ? 141 HOH A O   1 
HETATM 1024 O O   . HOH C 3 .   ? 10.162  -5.546  9.081   1.00 67.20  ? 142 HOH A O   1 
HETATM 1025 O O   . HOH D 3 .   ? -13.390 -13.458 -3.121  1.00 49.57  ? 22  HOH B O   1 
HETATM 1026 O O   . HOH D 3 .   ? -15.698 -10.353 6.791   1.00 59.54  ? 23  HOH B O   1 
# 
